data_1ZRT
#
_entry.id   1ZRT
#
_cell.length_a   95.633
_cell.length_b   154.360
_cell.length_c   103.057
_cell.angle_alpha   90.000
_cell.angle_beta   113.570
_cell.angle_gamma   90.000
#
_symmetry.space_group_name_H-M   'P 1 21 1'
#
loop_
_entity.id
_entity.type
_entity.pdbx_description
1 polymer 'Cytochrome b'
2 polymer 'Cytochrome c1'
3 polymer 'Ubiquinol-cytochrome c reductase iron-sulfur subunit'
4 non-polymer 'PROTOPORPHYRIN IX CONTAINING FE'
5 non-polymer 'STIGMATELLIN A'
6 non-polymer 'UNKNOWN LIGAND'
7 non-polymer 'HEME C'
8 non-polymer 'FE2/S2 (INORGANIC) CLUSTER'
9 non-polymer 1-(2-METHOXY-ETHOXY)-2-{2-[2-(2-METHOXY-ETHOXY]-ETHOXY}-ETHANE
#
loop_
_entity_poly.entity_id
_entity_poly.type
_entity_poly.pdbx_seq_one_letter_code
_entity_poly.pdbx_strand_id
1 'polypeptide(L)'
;MSGIPHDHYEPKTGIEKWLHDRLPIVGLVYDTIMIPTPKNLNWWWIWGIVLAFTLVLQIVTGIVLAMHYTPHVDLAFASV
EHIMRDVNGGWAMRYIHANGASLFFLAVYIHIFRGLYYGSYKAPREITWIVGMVIYLLMMGTAFMGYVLPWGQMSFWGAT
VITGLFGAIPGIGPSIQAWLLGGPAVDNATLNRFFSLHYLLPFVIAALVAIHIWAFHTTGNNNPTGVEVRRTSKADAEKD
TLPFWPYFVIKDLFALALVLLGFFAVVAYMPNYLGHPDNYVQANPLSTPAHIVPEWYFLPFYAILRAFAADVWVVILVDG
LTFGIVDAKFFGVIAMFGAIAVMALAPWLDTSKVRSGAYRPKFRMWFWFLVLDFVVLTWVGAMPTEYPYDWISLIASTYW
FAYFLVILPLLGATEKPEPIPASIEEDFNSHYGNPAE
;
C,P
2 'polypeptide(L)'
;NSNVPDHAFSFEGIFGKYDQAQLRRGFQVYNEVCSACHGMKFVPIRTLADDGGPQLDPTFVREYAAGLDTIIDKDSGEER
DRKETDMFPTRVGDGMGPDLSVMAKARAGFSGPAGSGMNQLFKGMGGPEYIYNYVIGFEENPECAPEGIDGYYYNKTFQI
GGVPDTCKDAAGVKITHGSWARMPPPLVDDQVTYEDGTPATVDQMAQDVSAFLMWAAEPKLVARKQMGLVAMVMLGLLSV
MLYLTNKRLWAPYKGHKA
;
D,Q
3 'polypeptide(L)'
;MSHAEDNAGTRRDFLYHATAATGVVVTGAAVWPLINQMNASADVKAMASIFVDVSAVEVGTQLTVKWRGKPVFIRRRDEK
DIELARSVPLGALRDTSAENANKPGAEATDENRTLPAFDGTNTGEWLVMLGVCTHLGCVPMGDKSGDFGGWFCPCHGSHY
DSAGRIRKGPAPRNLDIPVAAFVDETTIKLG
;
E,R
#
# COMPACT_ATOMS: atom_id res chain seq x y z
N SER A 2 27.15 31.16 14.04
CA SER A 2 28.28 31.34 14.96
C SER A 2 28.94 30.01 15.34
N GLY A 3 28.21 29.18 16.08
CA GLY A 3 28.71 27.88 16.51
C GLY A 3 29.46 27.88 17.82
N ILE A 4 28.70 27.59 18.91
CA ILE A 4 29.19 27.26 20.25
C ILE A 4 30.40 26.35 20.23
N PRO A 5 31.59 26.86 20.59
CA PRO A 5 32.80 26.05 20.34
C PRO A 5 33.09 24.96 21.38
N HIS A 6 33.07 23.71 20.92
CA HIS A 6 33.44 22.51 21.70
C HIS A 6 34.54 21.74 21.01
N ASP A 7 35.17 20.86 21.77
CA ASP A 7 36.28 20.04 21.29
C ASP A 7 35.76 19.01 20.31
N HIS A 8 36.14 19.13 19.05
CA HIS A 8 35.53 18.26 18.04
C HIS A 8 36.18 16.84 17.95
N TYR A 9 36.11 16.23 16.77
CA TYR A 9 36.51 14.85 16.58
C TYR A 9 37.92 14.75 15.97
N GLU A 10 38.82 14.23 16.79
CA GLU A 10 40.12 13.82 16.33
C GLU A 10 40.11 12.29 16.34
N PRO A 11 40.26 11.66 15.13
CA PRO A 11 40.20 10.20 15.00
C PRO A 11 41.41 9.61 15.70
N LYS A 12 41.15 9.09 16.90
CA LYS A 12 42.25 8.78 17.82
C LYS A 12 42.88 7.39 17.61
N THR A 13 42.12 6.33 17.92
CA THR A 13 42.64 4.95 17.79
C THR A 13 42.73 4.55 16.32
N GLY A 14 43.47 3.48 16.01
CA GLY A 14 43.77 3.13 14.64
C GLY A 14 42.60 2.73 13.76
N ILE A 15 41.59 2.13 14.41
CA ILE A 15 40.28 1.76 13.85
C ILE A 15 39.67 2.94 13.12
N GLU A 16 39.39 3.94 13.95
CA GLU A 16 38.77 5.20 13.58
C GLU A 16 39.61 6.06 12.65
N LYS A 17 40.93 5.82 12.61
CA LYS A 17 41.87 6.51 11.70
C LYS A 17 41.66 6.07 10.23
N TRP A 18 41.16 4.84 10.05
CA TRP A 18 41.02 4.24 8.72
C TRP A 18 39.61 4.43 8.18
N LEU A 19 38.67 4.24 9.09
CA LEU A 19 37.26 4.57 8.93
C LEU A 19 37.09 6.01 8.36
N HIS A 20 37.78 6.95 9.02
CA HIS A 20 37.72 8.36 8.69
C HIS A 20 38.31 8.75 7.35
N ASP A 21 39.05 7.84 6.72
CA ASP A 21 39.60 8.14 5.42
C ASP A 21 38.56 7.81 4.35
N ARG A 22 37.52 7.10 4.76
CA ARG A 22 36.55 6.60 3.78
C ARG A 22 35.07 6.89 4.10
N LEU A 23 34.71 6.91 5.40
CA LEU A 23 33.34 7.30 5.81
C LEU A 23 33.27 7.87 7.20
N PRO A 24 33.12 9.20 7.30
CA PRO A 24 33.42 9.76 8.61
C PRO A 24 32.31 9.68 9.66
N ILE A 25 31.29 8.82 9.49
CA ILE A 25 30.09 8.61 10.35
C ILE A 25 30.35 8.51 11.87
N VAL A 26 31.54 8.04 12.24
CA VAL A 26 32.02 7.99 13.63
C VAL A 26 32.03 9.34 14.30
N GLY A 27 32.45 10.32 13.53
CA GLY A 27 32.60 11.67 14.00
C GLY A 27 31.36 12.48 13.91
N LEU A 28 30.62 12.31 12.82
CA LEU A 28 29.31 12.92 12.68
C LEU A 28 28.36 12.49 13.79
N VAL A 29 28.41 11.24 14.22
CA VAL A 29 27.56 10.89 15.36
C VAL A 29 28.21 11.38 16.64
N TYR A 30 29.54 11.51 16.70
CA TYR A 30 30.20 11.99 17.92
C TYR A 30 29.89 13.48 18.10
N ASP A 31 29.96 14.22 17.00
CA ASP A 31 29.79 15.67 17.03
C ASP A 31 28.34 16.09 17.03
N THR A 32 27.42 15.15 17.23
CA THR A 32 26.03 15.53 17.31
C THR A 32 25.46 14.89 18.55
N ILE A 33 26.01 13.74 18.96
CA ILE A 33 25.63 13.18 20.26
C ILE A 33 26.28 14.01 21.37
N MET A 34 27.38 14.73 21.08
CA MET A 34 28.01 15.54 22.13
C MET A 34 27.32 16.89 22.21
N ILE A 35 27.87 17.90 21.53
CA ILE A 35 27.27 19.25 21.32
C ILE A 35 27.02 20.09 22.58
N PRO A 36 27.57 21.31 22.58
CA PRO A 36 27.45 22.16 23.73
C PRO A 36 26.02 22.66 23.83
N THR A 37 25.29 21.89 24.61
CA THR A 37 23.87 22.11 24.79
C THR A 37 23.72 22.80 26.15
N PRO A 38 23.09 24.00 26.18
CA PRO A 38 22.89 24.85 27.38
C PRO A 38 22.37 24.09 28.58
N LYS A 39 22.88 24.35 29.76
CA LYS A 39 22.65 23.42 30.89
C LYS A 39 21.39 23.68 31.75
N ASN A 40 20.72 24.81 31.51
CA ASN A 40 19.54 25.24 32.28
C ASN A 40 18.17 24.68 31.81
N LEU A 41 18.16 23.81 30.77
CA LEU A 41 16.95 23.32 30.05
C LEU A 41 15.98 22.52 30.91
N ASN A 42 14.71 22.90 30.88
CA ASN A 42 13.69 22.26 31.72
C ASN A 42 12.87 21.26 30.93
N TRP A 43 11.94 20.59 31.61
CA TRP A 43 11.15 19.50 31.03
C TRP A 43 10.19 19.86 29.91
N TRP A 44 10.15 21.12 29.51
CA TRP A 44 9.35 21.52 28.39
C TRP A 44 10.22 21.27 27.12
N TRP A 45 11.52 21.10 27.31
CA TRP A 45 12.37 20.70 26.20
C TRP A 45 12.43 19.18 25.90
N ILE A 46 11.65 18.33 26.59
CA ILE A 46 11.71 16.87 26.30
C ILE A 46 10.92 16.59 25.06
N TRP A 47 9.93 17.44 24.81
CA TRP A 47 8.89 17.23 23.80
C TRP A 47 9.38 17.43 22.37
N GLY A 48 10.47 16.77 21.96
CA GLY A 48 11.00 16.88 20.62
C GLY A 48 11.73 15.58 20.42
N ILE A 49 12.18 15.02 21.54
CA ILE A 49 12.58 13.65 21.51
C ILE A 49 11.31 12.82 21.46
N VAL A 50 10.26 13.19 22.22
CA VAL A 50 9.04 12.38 22.35
C VAL A 50 8.35 12.41 21.04
N LEU A 51 8.40 13.57 20.40
CA LEU A 51 7.89 13.70 19.04
C LEU A 51 8.56 12.81 18.00
N ALA A 52 9.91 12.83 18.02
CA ALA A 52 10.73 12.04 17.13
C ALA A 52 10.54 10.56 17.34
N PHE A 53 10.33 10.20 18.60
CA PHE A 53 10.02 8.83 18.96
C PHE A 53 8.68 8.45 18.42
N THR A 54 7.74 9.35 18.54
CA THR A 54 6.42 9.03 18.14
C THR A 54 6.35 8.95 16.62
N LEU A 55 7.22 9.71 15.91
CA LEU A 55 7.34 9.51 14.48
C LEU A 55 7.92 8.10 14.14
N VAL A 56 8.93 7.63 14.87
CA VAL A 56 9.48 6.30 14.57
C VAL A 56 8.44 5.22 14.83
N LEU A 57 7.71 5.34 15.94
CA LEU A 57 6.65 4.42 16.36
C LEU A 57 5.53 4.34 15.36
N GLN A 58 5.11 5.50 14.87
CA GLN A 58 4.14 5.56 13.80
C GLN A 58 4.63 4.91 12.56
N ILE A 59 5.90 5.19 12.19
CA ILE A 59 6.47 4.76 10.91
C ILE A 59 6.49 3.23 10.96
N VAL A 60 7.10 2.67 12.00
CA VAL A 60 7.13 1.28 12.33
C VAL A 60 5.77 0.52 12.42
N THR A 61 4.80 1.00 13.21
CA THR A 61 3.51 0.30 13.28
C THR A 61 2.73 0.52 12.03
N GLY A 62 3.02 1.63 11.37
CA GLY A 62 2.46 1.97 10.09
C GLY A 62 2.64 0.91 9.07
N ILE A 63 3.82 0.23 9.06
CA ILE A 63 4.12 -0.80 8.03
C ILE A 63 3.62 -2.23 8.27
N VAL A 64 3.68 -2.67 9.53
CA VAL A 64 2.94 -3.83 10.02
C VAL A 64 1.48 -3.90 9.53
N LEU A 65 0.77 -2.79 9.72
CA LEU A 65 -0.61 -2.62 9.36
C LEU A 65 -0.79 -2.76 7.83
N ALA A 66 0.21 -2.35 7.06
CA ALA A 66 0.07 -2.37 5.62
C ALA A 66 0.25 -3.75 5.09
N MET A 67 0.78 -4.66 5.92
CA MET A 67 0.96 -6.08 5.58
C MET A 67 -0.31 -6.95 5.72
N HIS A 68 -1.41 -6.24 6.08
CA HIS A 68 -2.64 -6.85 6.54
C HIS A 68 -3.90 -6.10 6.07
N TYR A 69 -3.88 -4.77 6.11
CA TYR A 69 -4.97 -3.89 5.63
C TYR A 69 -5.10 -3.83 4.10
N THR A 70 -6.29 -4.00 3.59
CA THR A 70 -6.49 -4.02 2.15
C THR A 70 -7.25 -2.80 1.63
N PRO A 71 -6.54 -1.94 0.88
CA PRO A 71 -7.09 -0.64 0.42
C PRO A 71 -7.96 -0.74 -0.81
N HIS A 72 -9.19 -1.11 -0.52
CA HIS A 72 -10.26 -1.13 -1.48
C HIS A 72 -11.50 -1.29 -0.71
N VAL A 73 -12.49 -0.46 -1.08
CA VAL A 73 -13.79 -0.25 -0.44
C VAL A 73 -14.52 -1.48 0.08
N ASP A 74 -14.56 -2.53 -0.75
CA ASP A 74 -15.28 -3.74 -0.45
C ASP A 74 -14.54 -4.57 0.59
N LEU A 75 -13.24 -4.42 0.62
CA LEU A 75 -12.42 -5.17 1.57
C LEU A 75 -11.98 -4.41 2.85
N ALA A 76 -11.93 -3.08 2.72
CA ALA A 76 -11.20 -2.15 3.59
C ALA A 76 -11.58 -2.18 5.07
N PHE A 77 -12.87 -2.12 5.39
CA PHE A 77 -13.22 -2.00 6.79
C PHE A 77 -13.02 -3.43 7.38
N ALA A 78 -13.29 -4.44 6.56
CA ALA A 78 -13.21 -5.84 6.99
C ALA A 78 -11.79 -6.32 7.28
N SER A 79 -10.87 -5.77 6.50
CA SER A 79 -9.45 -6.09 6.61
C SER A 79 -8.88 -5.62 7.94
N VAL A 80 -9.01 -4.31 8.19
CA VAL A 80 -8.88 -3.67 9.51
C VAL A 80 -9.53 -4.44 10.67
N GLU A 81 -10.73 -4.93 10.38
CA GLU A 81 -11.48 -5.70 11.32
C GLU A 81 -10.86 -7.11 11.46
N HIS A 82 -10.29 -7.62 10.36
CA HIS A 82 -9.62 -8.90 10.46
C HIS A 82 -8.31 -8.75 11.28
N ILE A 83 -7.70 -7.56 11.19
CA ILE A 83 -6.45 -7.23 11.88
C ILE A 83 -6.67 -7.27 13.39
N MET A 84 -7.89 -6.92 13.79
CA MET A 84 -8.25 -6.90 15.20
C MET A 84 -8.37 -8.29 15.73
N ARG A 85 -8.97 -9.14 14.91
CA ARG A 85 -9.31 -10.48 15.37
C ARG A 85 -8.18 -11.51 15.18
N ASP A 86 -7.65 -11.59 13.96
CA ASP A 86 -6.88 -12.75 13.59
C ASP A 86 -5.37 -12.58 13.51
N VAL A 87 -4.89 -11.40 13.11
CA VAL A 87 -3.46 -11.11 13.11
C VAL A 87 -2.88 -11.17 14.51
N ASN A 88 -1.81 -11.95 14.73
CA ASN A 88 -1.28 -12.19 16.09
C ASN A 88 -0.74 -10.89 16.62
N GLY A 89 -1.42 -10.40 17.65
CA GLY A 89 -1.12 -9.12 18.27
C GLY A 89 -1.61 -7.97 17.43
N GLY A 90 -2.56 -8.25 16.54
CA GLY A 90 -2.97 -7.28 15.57
C GLY A 90 -3.90 -6.23 16.10
N TRP A 91 -4.59 -6.53 17.21
CA TRP A 91 -5.37 -5.50 17.93
C TRP A 91 -4.42 -4.47 18.61
N ALA A 92 -3.28 -4.93 19.12
CA ALA A 92 -2.36 -4.07 19.84
C ALA A 92 -1.51 -3.32 18.88
N MET A 93 -1.61 -3.65 17.60
CA MET A 93 -0.96 -2.84 16.62
C MET A 93 -1.89 -1.72 16.26
N ARG A 94 -3.12 -2.08 15.90
CA ARG A 94 -4.16 -1.12 15.49
C ARG A 94 -4.45 -0.04 16.52
N TYR A 95 -4.66 -0.44 17.76
CA TYR A 95 -4.85 0.50 18.84
C TYR A 95 -3.62 1.42 19.05
N ILE A 96 -2.42 0.86 18.97
CA ILE A 96 -1.18 1.61 19.17
C ILE A 96 -0.92 2.60 18.03
N HIS A 97 -1.21 2.20 16.79
CA HIS A 97 -1.03 3.15 15.69
C HIS A 97 -2.20 4.17 15.64
N ALA A 98 -3.38 3.81 16.16
CA ALA A 98 -4.46 4.78 16.18
C ALA A 98 -4.24 5.80 17.33
N ASN A 99 -4.15 5.32 18.59
CA ASN A 99 -3.82 6.21 19.73
C ASN A 99 -2.46 6.94 19.63
N GLY A 100 -1.53 6.42 18.81
CA GLY A 100 -0.24 7.04 18.57
C GLY A 100 -0.37 8.42 18.00
N ALA A 101 -1.29 8.56 17.06
CA ALA A 101 -1.48 9.82 16.35
C ALA A 101 -1.99 10.99 17.29
N SER A 102 -2.69 10.61 18.37
CA SER A 102 -3.11 11.53 19.40
C SER A 102 -1.90 11.97 20.17
N LEU A 103 -1.12 11.02 20.68
CA LEU A 103 0.17 11.32 21.35
C LEU A 103 1.12 12.21 20.50
N PHE A 104 1.26 11.79 19.24
CA PHE A 104 1.96 12.51 18.18
C PHE A 104 1.48 13.91 18.04
N PHE A 105 0.17 14.10 18.16
CA PHE A 105 -0.44 15.42 18.13
C PHE A 105 -0.55 16.13 19.48
N LEU A 106 -0.78 15.41 20.60
CA LEU A 106 -0.84 16.03 21.95
C LEU A 106 0.44 16.77 22.21
N ALA A 107 1.52 16.09 21.87
CA ALA A 107 2.80 16.55 22.30
C ALA A 107 3.29 17.56 21.32
N VAL A 108 2.69 17.65 20.14
CA VAL A 108 3.20 18.56 19.16
C VAL A 108 2.69 19.93 19.57
N TYR A 109 1.56 19.91 20.29
CA TYR A 109 0.99 21.10 20.85
C TYR A 109 1.84 21.64 22.03
N ILE A 110 2.06 20.87 23.13
CA ILE A 110 3.06 21.16 24.16
C ILE A 110 4.44 21.58 23.61
N HIS A 111 4.86 20.96 22.51
CA HIS A 111 6.06 21.37 21.75
C HIS A 111 5.83 22.80 21.27
N ILE A 112 4.66 23.08 20.71
CA ILE A 112 4.50 24.37 20.06
C ILE A 112 4.33 25.56 21.12
N PHE A 113 3.70 25.24 22.26
CA PHE A 113 3.52 26.23 23.29
C PHE A 113 4.71 26.35 24.19
N ARG A 114 5.63 25.38 24.18
CA ARG A 114 6.95 25.60 24.80
C ARG A 114 7.68 26.63 23.94
N GLY A 115 7.70 26.37 22.64
CA GLY A 115 8.28 27.28 21.69
C GLY A 115 7.61 28.65 21.60
N LEU A 116 6.33 28.75 21.98
CA LEU A 116 5.68 30.04 21.84
C LEU A 116 6.04 31.04 22.97
N TYR A 117 6.01 30.56 24.23
CA TYR A 117 6.55 31.25 25.42
C TYR A 117 7.98 31.80 25.20
N TYR A 118 8.95 30.89 25.08
CA TYR A 118 10.39 31.21 25.10
C TYR A 118 11.10 31.62 23.85
N GLY A 119 10.40 32.28 22.93
CA GLY A 119 11.06 33.08 21.89
C GLY A 119 11.84 32.29 20.85
N SER A 120 11.48 31.00 20.83
CA SER A 120 12.09 29.93 20.06
C SER A 120 11.73 30.05 18.58
N TYR A 121 10.76 30.88 18.25
CA TYR A 121 10.52 31.33 16.88
C TYR A 121 11.46 32.48 16.55
N LYS A 122 11.93 33.21 17.54
CA LYS A 122 12.64 34.43 17.21
C LYS A 122 14.13 34.15 17.15
N ALA A 123 14.74 34.62 16.05
CA ALA A 123 16.19 34.76 15.79
C ALA A 123 17.18 34.57 16.92
N PRO A 124 18.25 33.79 16.68
CA PRO A 124 18.46 32.97 15.50
C PRO A 124 17.74 31.68 15.71
N ARG A 125 16.66 31.46 14.95
CA ARG A 125 15.66 30.39 15.14
C ARG A 125 14.51 30.45 14.17
N GLU A 126 14.63 31.20 13.08
CA GLU A 126 13.47 31.44 12.22
C GLU A 126 13.28 30.31 11.26
N ILE A 127 14.39 29.67 10.90
CA ILE A 127 14.36 28.62 9.91
C ILE A 127 14.02 27.30 10.62
N THR A 128 14.47 27.13 11.88
CA THR A 128 14.04 26.07 12.79
C THR A 128 12.51 26.03 12.89
N TRP A 129 11.92 27.21 13.16
CA TRP A 129 10.45 27.47 13.17
C TRP A 129 9.63 27.19 11.91
N ILE A 130 9.92 27.92 10.82
CA ILE A 130 9.31 27.64 9.50
C ILE A 130 9.40 26.13 9.00
N VAL A 131 10.50 25.43 9.32
CA VAL A 131 10.62 24.05 8.88
C VAL A 131 9.64 23.23 9.68
N GLY A 132 9.47 23.54 10.97
CA GLY A 132 8.39 22.95 11.77
C GLY A 132 6.96 23.18 11.27
N MET A 133 6.79 24.21 10.45
CA MET A 133 5.47 24.48 9.91
C MET A 133 5.09 23.47 8.87
N VAL A 134 6.06 23.15 8.03
CA VAL A 134 5.70 22.35 6.90
C VAL A 134 5.60 20.94 7.45
N ILE A 135 6.42 20.56 8.45
CA ILE A 135 6.23 19.32 9.27
C ILE A 135 4.84 19.24 9.92
N TYR A 136 4.31 20.38 10.32
CA TYR A 136 3.01 20.43 10.93
C TYR A 136 1.94 20.10 9.90
N LEU A 137 2.04 20.81 8.80
CA LEU A 137 1.11 20.76 7.70
C LEU A 137 0.95 19.32 7.15
N LEU A 138 2.11 18.70 7.03
CA LEU A 138 2.24 17.33 6.57
C LEU A 138 1.66 16.41 7.59
N MET A 139 2.03 16.53 8.85
CA MET A 139 1.43 15.75 9.95
C MET A 139 -0.10 15.76 10.07
N MET A 140 -0.71 16.82 9.60
CA MET A 140 -2.15 16.92 9.72
C MET A 140 -2.76 16.22 8.55
N GLY A 141 -2.25 16.55 7.36
CA GLY A 141 -2.72 15.98 6.11
C GLY A 141 -2.46 14.49 6.07
N THR A 142 -1.36 14.02 6.67
CA THR A 142 -1.04 12.58 6.87
C THR A 142 -2.04 11.88 7.78
N ALA A 143 -2.35 12.46 8.95
CA ALA A 143 -3.29 11.86 9.91
C ALA A 143 -4.75 11.96 9.45
N PHE A 144 -4.94 12.79 8.43
CA PHE A 144 -6.18 12.87 7.72
C PHE A 144 -6.33 11.62 6.94
N MET A 145 -5.35 11.39 6.08
CA MET A 145 -5.44 10.27 5.13
C MET A 145 -5.43 8.89 5.83
N GLY A 146 -4.74 8.82 6.97
CA GLY A 146 -4.80 7.70 7.87
C GLY A 146 -6.21 7.37 8.33
N TYR A 147 -6.96 8.39 8.67
CA TYR A 147 -8.31 8.18 9.20
C TYR A 147 -9.30 7.67 8.12
N VAL A 148 -9.03 7.98 6.84
CA VAL A 148 -9.94 7.65 5.74
C VAL A 148 -9.92 6.16 5.52
N LEU A 149 -8.77 5.53 5.85
CA LEU A 149 -8.45 4.13 5.46
C LEU A 149 -9.42 3.09 5.97
N PRO A 150 -9.79 3.03 7.29
CA PRO A 150 -10.73 1.92 7.58
C PRO A 150 -12.18 2.10 7.16
N TRP A 151 -12.50 3.09 6.33
CA TRP A 151 -13.79 3.33 5.63
C TRP A 151 -15.02 3.10 6.51
N GLY A 152 -15.00 3.78 7.66
CA GLY A 152 -16.08 3.80 8.61
C GLY A 152 -16.77 5.10 8.32
N GLN A 153 -17.75 5.51 9.11
CA GLN A 153 -18.49 6.70 8.73
C GLN A 153 -17.75 8.03 9.01
N MET A 154 -16.84 7.99 9.97
CA MET A 154 -16.05 9.14 10.29
C MET A 154 -15.05 9.31 9.19
N SER A 155 -14.57 8.18 8.69
CA SER A 155 -13.60 8.11 7.59
C SER A 155 -14.15 8.77 6.36
N PHE A 156 -15.39 8.37 6.08
CA PHE A 156 -15.99 8.62 4.80
C PHE A 156 -16.35 10.05 4.66
N TRP A 157 -16.89 10.61 5.74
CA TRP A 157 -17.54 11.91 5.61
C TRP A 157 -16.54 13.03 5.69
N GLY A 158 -15.54 12.88 6.55
CA GLY A 158 -14.36 13.73 6.58
C GLY A 158 -13.66 13.78 5.22
N ALA A 159 -13.62 12.64 4.51
CA ALA A 159 -13.13 12.66 3.15
C ALA A 159 -14.00 13.50 2.21
N THR A 160 -15.31 13.55 2.46
CA THR A 160 -16.23 14.33 1.64
C THR A 160 -16.13 15.82 2.04
N VAL A 161 -15.94 16.04 3.32
CA VAL A 161 -15.75 17.40 3.84
C VAL A 161 -14.42 18.04 3.33
N ILE A 162 -13.28 17.35 3.55
CA ILE A 162 -11.95 17.97 3.57
C ILE A 162 -11.46 18.05 2.16
N THR A 163 -11.97 17.18 1.32
CA THR A 163 -11.70 17.38 -0.10
C THR A 163 -12.54 18.51 -0.61
N GLY A 164 -13.74 18.65 -0.07
CA GLY A 164 -14.67 19.73 -0.44
C GLY A 164 -14.24 21.18 -0.08
N LEU A 165 -13.48 21.29 1.02
CA LEU A 165 -12.66 22.44 1.38
C LEU A 165 -11.84 23.05 0.24
N PHE A 166 -11.36 22.23 -0.69
CA PHE A 166 -10.57 22.68 -1.84
C PHE A 166 -11.50 23.09 -2.97
N GLY A 167 -12.77 22.72 -2.83
CA GLY A 167 -13.80 23.12 -3.77
C GLY A 167 -14.25 24.53 -3.50
N ALA A 168 -13.96 24.99 -2.29
CA ALA A 168 -14.31 26.31 -1.83
C ALA A 168 -13.52 27.36 -2.56
N ILE A 169 -12.36 26.97 -3.10
CA ILE A 169 -11.57 27.84 -3.94
C ILE A 169 -12.41 28.19 -5.20
N PRO A 170 -12.51 29.50 -5.51
CA PRO A 170 -13.31 29.94 -6.66
C PRO A 170 -12.63 29.60 -7.97
N GLY A 171 -13.39 29.42 -9.02
CA GLY A 171 -12.80 29.15 -10.32
C GLY A 171 -12.06 27.81 -10.51
N ILE A 172 -10.83 27.76 -10.00
CA ILE A 172 -10.01 26.59 -10.23
C ILE A 172 -10.41 25.52 -9.22
N GLY A 173 -10.85 25.93 -8.02
CA GLY A 173 -11.29 25.00 -6.97
C GLY A 173 -12.16 23.78 -7.15
N PRO A 174 -13.15 23.80 -8.08
CA PRO A 174 -13.84 22.57 -8.46
C PRO A 174 -13.00 21.51 -9.12
N SER A 175 -11.94 21.94 -9.78
CA SER A 175 -11.14 21.03 -10.54
C SER A 175 -10.23 20.25 -9.59
N ILE A 176 -9.65 21.00 -8.66
CA ILE A 176 -8.79 20.54 -7.56
C ILE A 176 -9.48 19.47 -6.71
N GLN A 177 -10.80 19.62 -6.59
CA GLN A 177 -11.69 18.63 -6.01
C GLN A 177 -11.61 17.26 -6.69
N ALA A 178 -12.07 17.18 -7.93
CA ALA A 178 -12.15 15.91 -8.65
C ALA A 178 -10.76 15.34 -8.97
N TRP A 179 -9.76 16.22 -8.94
CA TRP A 179 -8.40 15.77 -8.95
C TRP A 179 -8.04 14.98 -7.69
N LEU A 180 -8.21 15.55 -6.48
CA LEU A 180 -8.07 14.76 -5.24
C LEU A 180 -9.09 13.67 -5.12
N LEU A 181 -10.24 13.85 -5.73
CA LEU A 181 -11.25 12.82 -5.59
C LEU A 181 -11.03 11.63 -6.51
N GLY A 182 -10.53 11.94 -7.70
CA GLY A 182 -10.51 10.93 -8.74
C GLY A 182 -11.90 10.84 -9.33
N GLY A 183 -12.55 12.00 -9.34
CA GLY A 183 -13.85 12.17 -9.96
C GLY A 183 -15.01 12.90 -9.22
N PRO A 184 -16.26 12.57 -9.63
CA PRO A 184 -17.56 12.97 -9.04
C PRO A 184 -17.69 12.92 -7.53
N ALA A 185 -17.50 11.73 -6.98
CA ALA A 185 -17.72 11.52 -5.56
C ALA A 185 -16.49 11.05 -4.82
N VAL A 186 -16.69 10.64 -3.56
CA VAL A 186 -15.65 9.99 -2.76
C VAL A 186 -15.84 8.50 -2.89
N ASP A 187 -15.53 7.92 -4.06
CA ASP A 187 -15.65 6.48 -4.20
C ASP A 187 -14.35 5.75 -3.79
N ASN A 188 -13.75 4.98 -4.70
CA ASN A 188 -12.70 4.04 -4.32
C ASN A 188 -11.35 4.59 -4.74
N ALA A 189 -11.31 5.19 -5.93
CA ALA A 189 -10.15 5.87 -6.52
C ALA A 189 -9.48 6.84 -5.56
N THR A 190 -10.32 7.49 -4.75
CA THR A 190 -10.00 8.23 -3.53
C THR A 190 -9.29 7.34 -2.46
N LEU A 191 -9.87 6.18 -2.09
CA LEU A 191 -9.30 5.34 -1.02
C LEU A 191 -7.95 4.66 -1.45
N ASN A 192 -7.77 4.49 -2.77
CA ASN A 192 -6.56 3.87 -3.31
C ASN A 192 -5.45 4.87 -3.34
N ARG A 193 -5.72 6.05 -3.91
CA ARG A 193 -4.80 7.19 -3.72
C ARG A 193 -4.57 7.62 -2.24
N PHE A 194 -5.52 7.40 -1.33
CA PHE A 194 -5.22 7.78 0.05
C PHE A 194 -4.47 6.67 0.79
N PHE A 195 -4.26 5.51 0.17
CA PHE A 195 -3.41 4.55 0.83
C PHE A 195 -1.98 4.94 0.55
N SER A 196 -1.80 5.34 -0.71
CA SER A 196 -0.51 5.67 -1.28
C SER A 196 0.19 6.76 -0.52
N LEU A 197 -0.48 7.90 -0.42
CA LEU A 197 0.08 9.11 0.15
C LEU A 197 0.17 9.04 1.66
N HIS A 198 -0.69 8.29 2.37
CA HIS A 198 -0.49 8.14 3.81
C HIS A 198 0.76 7.29 4.14
N TYR A 199 1.31 6.60 3.13
CA TYR A 199 2.57 5.83 3.23
C TYR A 199 3.81 6.68 2.89
N LEU A 200 3.78 7.35 1.73
CA LEU A 200 4.83 8.28 1.28
C LEU A 200 5.16 9.47 2.26
N LEU A 201 4.13 10.23 2.63
CA LEU A 201 4.30 11.46 3.40
C LEU A 201 4.99 11.31 4.75
N PRO A 202 4.85 10.16 5.48
CA PRO A 202 5.65 10.21 6.72
C PRO A 202 7.16 9.97 6.56
N PHE A 203 7.57 9.71 5.33
CA PHE A 203 8.97 9.62 5.01
C PHE A 203 9.57 10.92 4.61
N VAL A 204 8.75 11.74 3.94
CA VAL A 204 9.03 13.14 3.72
C VAL A 204 9.09 13.84 5.09
N ILE A 205 8.21 13.46 6.00
CA ILE A 205 8.27 13.99 7.37
C ILE A 205 9.56 13.63 8.11
N ALA A 206 10.06 12.42 7.91
CA ALA A 206 11.30 12.04 8.54
C ALA A 206 12.55 12.76 7.93
N ALA A 207 12.47 13.06 6.63
CA ALA A 207 13.47 13.89 5.95
C ALA A 207 13.37 15.35 6.38
N LEU A 208 12.24 15.77 6.92
CA LEU A 208 12.17 17.14 7.32
C LEU A 208 12.56 17.28 8.76
N VAL A 209 12.65 16.20 9.53
CA VAL A 209 13.14 16.31 10.90
C VAL A 209 14.67 16.22 10.82
N ALA A 210 15.16 15.80 9.65
CA ALA A 210 16.58 15.89 9.34
C ALA A 210 16.96 17.35 9.30
N ILE A 211 16.28 18.07 8.43
CA ILE A 211 16.45 19.50 8.28
C ILE A 211 15.92 20.32 9.51
N HIS A 212 15.34 19.69 10.51
CA HIS A 212 14.89 20.37 11.74
C HIS A 212 15.92 20.16 12.83
N ILE A 213 16.54 18.98 12.82
CA ILE A 213 17.55 18.68 13.80
C ILE A 213 18.79 19.48 13.34
N TRP A 214 18.85 19.69 12.01
CA TRP A 214 19.99 20.32 11.36
C TRP A 214 20.09 21.74 11.77
N ALA A 215 18.97 22.42 11.51
CA ALA A 215 18.70 23.79 11.97
C ALA A 215 18.95 24.05 13.43
N PHE A 216 18.29 23.34 14.38
CA PHE A 216 18.46 23.72 15.79
C PHE A 216 19.86 23.42 16.31
N HIS A 217 20.60 22.56 15.62
CA HIS A 217 22.01 22.43 15.94
C HIS A 217 22.70 23.71 15.45
N THR A 218 22.43 24.14 14.21
CA THR A 218 23.15 25.26 13.58
C THR A 218 22.95 26.63 14.32
N THR A 219 21.71 26.90 14.78
CA THR A 219 21.41 28.10 15.57
C THR A 219 22.10 27.99 16.89
N GLY A 220 22.16 26.77 17.39
CA GLY A 220 22.69 26.53 18.70
C GLY A 220 21.45 26.27 19.44
N ASN A 221 21.51 25.43 20.44
CA ASN A 221 20.27 25.11 21.10
C ASN A 221 19.85 26.30 22.02
N ASN A 222 18.56 26.62 22.00
CA ASN A 222 18.01 27.64 22.89
C ASN A 222 17.83 27.20 24.33
N ASN A 223 17.71 28.18 25.20
CA ASN A 223 17.66 28.02 26.63
C ASN A 223 16.53 28.94 27.18
N PRO A 224 16.06 28.68 28.41
CA PRO A 224 14.91 29.49 28.90
C PRO A 224 15.19 30.93 29.43
N THR A 225 16.42 31.44 29.40
CA THR A 225 16.70 32.86 29.72
C THR A 225 16.50 33.65 28.45
N GLY A 226 16.63 32.94 27.34
CA GLY A 226 16.52 33.53 26.03
C GLY A 226 17.79 34.22 25.67
N VAL A 227 18.88 33.95 26.40
CA VAL A 227 20.16 34.55 26.05
C VAL A 227 21.05 33.53 25.35
N GLU A 228 21.96 34.01 24.51
CA GLU A 228 22.70 33.06 23.69
C GLU A 228 23.90 32.54 24.46
N VAL A 229 24.55 31.53 23.92
CA VAL A 229 25.35 30.65 24.74
C VAL A 229 26.84 30.83 24.56
N ARG A 230 27.35 32.00 25.01
CA ARG A 230 28.77 32.47 24.99
C ARG A 230 29.77 31.92 23.94
N ARG A 231 29.68 32.48 22.75
CA ARG A 231 30.44 31.96 21.64
C ARG A 231 31.62 32.88 21.43
N THR A 232 32.36 33.11 22.52
CA THR A 232 33.49 34.08 22.57
C THR A 232 34.81 33.39 22.97
N SER A 233 34.87 32.85 24.20
CA SER A 233 35.94 31.91 24.57
C SER A 233 35.42 30.48 24.41
N LYS A 234 36.20 29.50 24.90
CA LYS A 234 35.80 28.07 24.86
C LYS A 234 35.46 27.51 26.25
N ALA A 235 35.98 28.15 27.29
CA ALA A 235 35.83 27.66 28.67
C ALA A 235 34.68 28.34 29.40
N ASP A 236 34.19 29.44 28.83
CA ASP A 236 32.97 30.10 29.33
C ASP A 236 31.70 29.45 28.68
N ALA A 237 31.90 28.85 27.51
CA ALA A 237 30.93 27.94 26.93
C ALA A 237 30.80 26.69 27.80
N GLU A 238 31.88 26.30 28.45
CA GLU A 238 31.85 25.13 29.33
C GLU A 238 31.03 25.33 30.61
N LYS A 239 30.92 26.58 31.01
CA LYS A 239 30.12 26.92 32.17
C LYS A 239 28.67 27.16 31.75
N ASP A 240 28.47 27.41 30.47
CA ASP A 240 27.15 27.64 29.90
C ASP A 240 26.40 26.39 29.47
N THR A 241 27.17 25.43 28.95
CA THR A 241 26.62 24.24 28.34
C THR A 241 27.13 22.97 28.99
N LEU A 242 26.45 21.87 28.70
CA LEU A 242 26.94 20.51 28.90
C LEU A 242 26.82 19.71 27.57
N PRO A 243 27.37 18.46 27.50
CA PRO A 243 27.06 17.73 26.26
C PRO A 243 25.72 17.07 26.38
N PHE A 244 25.03 16.87 25.24
CA PHE A 244 23.74 16.15 25.12
C PHE A 244 23.98 14.86 25.82
N TRP A 245 24.78 14.01 25.20
CA TRP A 245 25.16 12.75 25.81
C TRP A 245 26.27 13.02 26.81
N PRO A 246 26.16 12.52 28.05
CA PRO A 246 25.11 11.73 28.70
C PRO A 246 24.28 12.46 29.71
N TYR A 247 23.84 13.65 29.38
CA TYR A 247 23.11 14.43 30.35
C TYR A 247 21.70 14.67 29.83
N PHE A 248 21.65 15.13 28.59
CA PHE A 248 20.41 15.53 27.95
C PHE A 248 19.83 14.47 27.06
N VAL A 249 20.65 13.51 26.69
CA VAL A 249 20.15 12.26 26.17
C VAL A 249 19.33 11.64 27.29
N ILE A 250 19.90 11.52 28.48
CA ILE A 250 19.30 10.72 29.57
C ILE A 250 18.01 11.33 30.14
N LYS A 251 17.93 12.65 30.07
CA LYS A 251 16.75 13.38 30.51
C LYS A 251 15.56 13.11 29.57
N ASP A 252 15.86 13.25 28.27
CA ASP A 252 14.92 13.02 27.18
C ASP A 252 14.50 11.55 27.09
N LEU A 253 15.35 10.64 27.57
CA LEU A 253 15.01 9.21 27.66
C LEU A 253 14.02 9.03 28.78
N PHE A 254 14.27 9.70 29.91
CA PHE A 254 13.51 9.50 31.16
C PHE A 254 12.05 9.86 31.03
N ALA A 255 11.86 11.07 30.55
CA ALA A 255 10.55 11.63 30.36
C ALA A 255 9.79 10.86 29.31
N LEU A 256 10.51 10.35 28.30
CA LEU A 256 9.95 9.46 27.30
C LEU A 256 9.44 8.17 27.91
N ALA A 257 10.26 7.56 28.79
CA ALA A 257 9.84 6.35 29.49
C ALA A 257 8.61 6.63 30.39
N LEU A 258 8.54 7.82 30.96
CA LEU A 258 7.32 8.26 31.61
C LEU A 258 6.13 8.50 30.64
N VAL A 259 6.39 9.22 29.54
CA VAL A 259 5.40 9.52 28.49
C VAL A 259 4.91 8.22 27.92
N LEU A 260 5.84 7.27 27.74
CA LEU A 260 5.42 5.98 27.27
C LEU A 260 4.73 5.17 28.33
N LEU A 261 5.09 5.37 29.60
CA LEU A 261 4.40 4.66 30.70
C LEU A 261 2.92 5.06 30.74
N GLY A 262 2.71 6.35 30.50
CA GLY A 262 1.39 6.91 30.31
C GLY A 262 0.68 6.28 29.14
N PHE A 263 1.26 6.44 27.94
CA PHE A 263 0.69 5.99 26.66
C PHE A 263 0.33 4.49 26.59
N PHE A 264 1.03 3.69 27.38
CA PHE A 264 0.77 2.29 27.29
C PHE A 264 -0.45 1.94 28.09
N ALA A 265 -0.66 2.64 29.19
CA ALA A 265 -1.87 2.46 30.00
C ALA A 265 -3.11 2.91 29.25
N VAL A 266 -2.94 3.91 28.36
CA VAL A 266 -4.07 4.46 27.64
C VAL A 266 -4.52 3.45 26.61
N VAL A 267 -3.55 2.78 25.95
CA VAL A 267 -3.93 1.80 24.94
C VAL A 267 -4.52 0.64 25.67
N ALA A 268 -3.85 0.18 26.74
CA ALA A 268 -4.28 -1.02 27.45
C ALA A 268 -5.68 -0.90 28.14
N TYR A 269 -6.04 0.29 28.63
CA TYR A 269 -7.29 0.38 29.40
C TYR A 269 -8.33 1.41 28.97
N MET A 270 -8.08 2.23 27.93
CA MET A 270 -9.15 3.02 27.29
C MET A 270 -8.84 3.42 25.84
N PRO A 271 -8.85 2.45 24.94
CA PRO A 271 -8.25 2.73 23.64
C PRO A 271 -9.18 3.37 22.60
N ASN A 272 -10.47 3.43 22.90
CA ASN A 272 -11.38 4.07 21.97
C ASN A 272 -11.97 5.36 22.52
N TYR A 273 -11.31 5.94 23.53
CA TYR A 273 -11.80 7.14 24.20
C TYR A 273 -11.75 8.29 23.21
N LEU A 274 -10.61 8.38 22.55
CA LEU A 274 -10.37 9.49 21.64
C LEU A 274 -11.11 9.24 20.34
N GLY A 275 -11.23 7.96 19.98
CA GLY A 275 -11.93 7.55 18.77
C GLY A 275 -13.44 7.74 18.83
N HIS A 276 -13.99 8.32 17.77
CA HIS A 276 -15.40 8.62 17.77
C HIS A 276 -16.15 7.46 17.11
N PRO A 277 -16.86 6.63 17.93
CA PRO A 277 -17.36 5.25 17.69
C PRO A 277 -18.09 5.02 16.40
N ASP A 278 -18.58 6.08 15.76
CA ASP A 278 -19.15 5.93 14.43
C ASP A 278 -18.19 5.56 13.28
N ASN A 279 -16.91 5.40 13.58
CA ASN A 279 -15.96 4.82 12.64
C ASN A 279 -16.07 3.27 12.62
N TYR A 280 -16.60 2.69 13.70
CA TYR A 280 -17.09 1.30 13.72
C TYR A 280 -18.44 1.09 13.07
N VAL A 281 -18.86 2.03 12.25
CA VAL A 281 -20.13 2.01 11.59
C VAL A 281 -19.65 2.12 10.20
N GLN A 282 -19.92 1.11 9.43
CA GLN A 282 -19.35 0.96 8.10
C GLN A 282 -19.93 2.01 7.23
N ALA A 283 -19.08 2.61 6.42
CA ALA A 283 -19.36 3.85 5.72
C ALA A 283 -20.55 3.78 4.77
N ASN A 284 -21.44 4.73 5.01
CA ASN A 284 -22.68 4.83 4.30
C ASN A 284 -22.54 6.13 3.57
N PRO A 285 -22.55 6.05 2.21
CA PRO A 285 -22.58 7.22 1.32
C PRO A 285 -23.92 7.92 1.19
N LEU A 286 -24.92 7.48 1.95
CA LEU A 286 -26.23 8.10 1.94
C LEU A 286 -26.55 8.78 3.29
N SER A 287 -26.10 8.21 4.41
CA SER A 287 -26.29 8.87 5.70
C SER A 287 -25.01 9.39 6.34
N THR A 288 -24.95 10.71 6.47
CA THR A 288 -24.02 11.38 7.36
C THR A 288 -24.57 11.28 8.75
N PRO A 289 -23.81 10.68 9.71
CA PRO A 289 -24.25 10.43 11.10
C PRO A 289 -24.82 11.60 11.85
N ALA A 290 -25.50 11.34 12.95
CA ALA A 290 -26.07 12.45 13.73
C ALA A 290 -24.98 13.30 14.45
N HIS A 291 -24.01 12.60 15.02
CA HIS A 291 -23.00 13.24 15.86
C HIS A 291 -21.61 13.21 15.25
N ILE A 292 -21.50 13.72 14.03
CA ILE A 292 -20.23 13.74 13.33
C ILE A 292 -19.21 14.77 13.91
N VAL A 293 -18.39 14.31 14.85
CA VAL A 293 -17.31 15.13 15.43
C VAL A 293 -16.05 14.77 14.71
N PRO A 294 -15.29 15.79 14.23
CA PRO A 294 -13.86 15.63 13.88
C PRO A 294 -13.09 15.09 15.04
N GLU A 295 -12.02 14.32 14.78
N GLU A 295 -12.05 14.30 14.77
CA GLU A 295 -11.15 13.83 15.84
CA GLU A 295 -11.13 13.81 15.79
C GLU A 295 -10.52 15.01 16.57
C GLU A 295 -10.52 15.00 16.55
N TRP A 296 -10.27 14.79 17.86
CA TRP A 296 -9.89 15.84 18.79
C TRP A 296 -8.77 16.81 18.34
N TYR A 297 -7.75 16.36 17.65
CA TYR A 297 -6.61 17.23 17.41
C TYR A 297 -6.86 18.18 16.21
N PHE A 298 -8.03 18.08 15.60
CA PHE A 298 -8.39 18.95 14.51
C PHE A 298 -9.50 19.89 14.97
N LEU A 299 -9.98 19.64 16.19
CA LEU A 299 -11.12 20.37 16.78
C LEU A 299 -10.97 21.90 16.97
N PRO A 300 -9.78 22.40 17.39
CA PRO A 300 -9.79 23.83 17.53
C PRO A 300 -9.75 24.54 16.19
N PHE A 301 -9.19 23.93 15.16
CA PHE A 301 -9.19 24.57 13.84
C PHE A 301 -10.54 24.34 13.20
N TYR A 302 -11.27 23.35 13.72
CA TYR A 302 -12.56 22.94 13.23
C TYR A 302 -13.45 24.08 13.46
N ALA A 303 -13.39 24.53 14.72
CA ALA A 303 -14.20 25.62 15.25
C ALA A 303 -13.96 26.97 14.54
N ILE A 304 -12.71 27.35 14.24
CA ILE A 304 -12.37 28.50 13.37
C ILE A 304 -13.11 28.51 12.01
N LEU A 305 -13.46 27.33 11.50
CA LEU A 305 -14.10 27.26 10.21
C LEU A 305 -15.56 27.58 10.39
N ARG A 306 -16.11 27.08 11.48
CA ARG A 306 -17.51 27.33 11.77
C ARG A 306 -17.66 28.38 12.89
N ALA A 307 -16.74 29.34 12.98
CA ALA A 307 -17.09 30.53 13.72
C ALA A 307 -17.83 31.32 12.71
N PHE A 308 -17.27 31.35 11.51
CA PHE A 308 -17.62 32.41 10.59
C PHE A 308 -18.74 31.95 9.65
N ALA A 309 -19.98 31.98 10.17
CA ALA A 309 -21.16 31.84 9.31
C ALA A 309 -21.46 33.21 8.67
N ALA A 310 -22.46 33.32 7.78
CA ALA A 310 -22.68 34.62 7.10
C ALA A 310 -23.55 35.62 7.91
N ASP A 311 -23.74 35.34 9.20
CA ASP A 311 -24.31 36.27 10.15
C ASP A 311 -23.20 37.12 10.79
N VAL A 312 -21.98 36.57 10.79
CA VAL A 312 -20.80 37.16 11.42
C VAL A 312 -20.44 38.35 10.54
N TRP A 313 -20.42 39.57 11.11
CA TRP A 313 -20.46 40.80 10.30
C TRP A 313 -19.29 40.99 9.33
N VAL A 314 -18.09 40.75 9.86
CA VAL A 314 -16.82 40.66 9.11
C VAL A 314 -16.85 39.75 7.83
N VAL A 315 -17.64 38.66 7.86
CA VAL A 315 -17.97 37.86 6.66
C VAL A 315 -18.84 38.63 5.64
N ILE A 316 -19.89 39.29 6.18
CA ILE A 316 -20.95 39.95 5.40
C ILE A 316 -20.41 41.10 4.63
N LEU A 317 -19.48 41.76 5.33
CA LEU A 317 -18.55 42.79 4.86
C LEU A 317 -17.74 42.48 3.61
N VAL A 318 -17.28 41.22 3.58
CA VAL A 318 -16.21 40.75 2.72
C VAL A 318 -16.87 40.07 1.54
N ASP A 319 -17.99 39.42 1.87
CA ASP A 319 -18.97 39.00 0.88
C ASP A 319 -19.58 40.26 0.28
N GLY A 320 -19.80 41.26 1.12
CA GLY A 320 -20.12 42.58 0.61
C GLY A 320 -19.08 43.18 -0.31
N LEU A 321 -17.82 43.28 0.12
CA LEU A 321 -16.85 44.07 -0.64
C LEU A 321 -16.38 43.35 -1.93
N THR A 322 -16.33 42.01 -1.90
CA THR A 322 -15.99 41.21 -3.09
C THR A 322 -17.19 41.04 -3.98
N PHE A 323 -18.35 41.33 -3.39
CA PHE A 323 -19.67 41.28 -4.01
C PHE A 323 -19.88 39.89 -4.59
N GLY A 324 -19.88 38.91 -3.67
CA GLY A 324 -20.24 37.52 -3.97
C GLY A 324 -19.25 36.36 -3.77
N ILE A 325 -17.96 36.65 -3.57
CA ILE A 325 -16.99 35.57 -3.70
C ILE A 325 -16.52 35.04 -2.35
N VAL A 326 -16.25 35.89 -1.38
CA VAL A 326 -15.81 35.34 -0.12
C VAL A 326 -17.03 35.20 0.80
N ASP A 327 -18.00 34.40 0.36
CA ASP A 327 -19.07 33.97 1.26
C ASP A 327 -18.56 33.07 2.36
N ALA A 328 -19.38 32.82 3.38
CA ALA A 328 -18.97 32.15 4.63
C ALA A 328 -18.48 30.72 4.49
N LYS A 329 -18.67 30.12 3.30
CA LYS A 329 -18.01 28.87 2.93
C LYS A 329 -16.57 29.25 2.90
N PHE A 330 -16.20 29.85 1.76
CA PHE A 330 -14.81 30.12 1.41
C PHE A 330 -14.07 31.05 2.38
N PHE A 331 -14.83 31.97 2.99
CA PHE A 331 -14.36 32.79 4.09
C PHE A 331 -13.84 31.93 5.23
N GLY A 332 -14.62 30.96 5.67
CA GLY A 332 -14.25 30.11 6.81
C GLY A 332 -13.04 29.21 6.55
N VAL A 333 -12.88 28.87 5.27
CA VAL A 333 -11.74 28.14 4.77
C VAL A 333 -10.49 28.95 5.00
N ILE A 334 -10.43 30.09 4.30
CA ILE A 334 -9.46 31.18 4.43
C ILE A 334 -9.21 31.55 5.88
N ALA A 335 -10.27 31.68 6.67
CA ALA A 335 -10.19 31.86 8.13
C ALA A 335 -9.32 30.82 8.84
N MET A 336 -9.54 29.54 8.51
CA MET A 336 -8.98 28.46 9.27
C MET A 336 -7.55 28.19 8.81
N PHE A 337 -7.39 28.15 7.48
CA PHE A 337 -6.11 27.99 6.79
C PHE A 337 -5.24 29.12 7.25
N GLY A 338 -5.77 30.31 7.15
CA GLY A 338 -5.04 31.45 7.64
C GLY A 338 -4.87 31.56 9.14
N ALA A 339 -5.59 30.77 9.95
CA ALA A 339 -5.40 30.86 11.41
C ALA A 339 -4.08 30.24 11.77
N ILE A 340 -3.64 29.32 10.91
CA ILE A 340 -2.31 28.70 10.90
C ILE A 340 -1.20 29.61 10.34
N ALA A 341 -1.50 30.28 9.22
CA ALA A 341 -0.56 31.16 8.52
C ALA A 341 -0.09 32.32 9.44
N VAL A 342 -0.97 32.79 10.31
CA VAL A 342 -0.56 33.79 11.30
C VAL A 342 0.22 33.14 12.49
N MET A 343 0.50 31.86 12.44
CA MET A 343 1.27 31.21 13.49
C MET A 343 2.64 30.88 12.90
N ALA A 344 2.64 30.89 11.57
CA ALA A 344 3.87 30.74 10.80
C ALA A 344 4.57 32.06 10.85
N LEU A 345 3.74 33.11 10.82
CA LEU A 345 4.18 34.48 10.71
C LEU A 345 4.82 35.05 12.04
N ALA A 346 4.62 34.32 13.13
CA ALA A 346 5.14 34.60 14.48
C ALA A 346 6.59 35.15 14.75
N PRO A 347 7.63 34.80 13.93
CA PRO A 347 8.87 35.53 14.24
C PRO A 347 8.93 36.94 13.68
N TRP A 348 8.11 37.24 12.68
CA TRP A 348 8.14 38.54 12.00
C TRP A 348 7.25 39.55 12.75
N LEU A 349 6.36 39.01 13.57
CA LEU A 349 5.37 39.82 14.24
C LEU A 349 5.61 39.83 15.75
N ASP A 350 6.68 39.23 16.23
CA ASP A 350 7.17 39.70 17.50
C ASP A 350 8.20 40.72 17.12
N THR A 351 8.03 41.87 17.77
CA THR A 351 8.76 43.09 17.48
C THR A 351 9.78 43.32 18.62
N SER A 352 9.40 42.83 19.82
CA SER A 352 10.28 42.80 20.99
C SER A 352 11.55 41.98 20.81
N LYS A 353 12.62 42.49 21.40
CA LYS A 353 13.95 41.91 21.25
C LYS A 353 14.36 41.31 22.59
N VAL A 354 13.41 41.28 23.50
CA VAL A 354 13.45 40.26 24.52
C VAL A 354 13.20 39.00 23.72
N ARG A 355 14.07 38.01 23.88
CA ARG A 355 13.80 36.72 23.26
C ARG A 355 12.70 36.07 24.06
N SER A 356 13.08 35.68 25.28
CA SER A 356 12.32 34.77 26.13
C SER A 356 10.97 35.23 26.73
N GLY A 357 10.73 34.79 27.97
CA GLY A 357 9.40 34.68 28.47
C GLY A 357 9.25 35.15 29.89
N ALA A 358 9.90 34.51 30.85
CA ALA A 358 9.69 34.87 32.25
C ALA A 358 10.36 36.21 32.68
N TYR A 359 11.05 36.85 31.72
CA TYR A 359 11.51 38.24 31.81
C TYR A 359 10.77 39.07 30.75
N ARG A 360 9.43 39.06 30.88
CA ARG A 360 8.44 39.70 29.98
C ARG A 360 7.03 39.45 30.59
N PRO A 361 6.63 40.25 31.61
CA PRO A 361 5.45 39.89 32.42
C PRO A 361 4.10 40.30 31.81
N LYS A 362 4.13 41.22 30.84
CA LYS A 362 2.93 41.64 30.09
C LYS A 362 2.53 40.61 29.04
N PHE A 363 3.51 40.22 28.23
CA PHE A 363 3.37 39.10 27.31
C PHE A 363 2.92 37.80 28.00
N ARG A 364 3.48 37.57 29.21
CA ARG A 364 3.28 36.34 29.98
C ARG A 364 1.81 36.08 30.30
N MET A 365 0.99 37.11 30.37
CA MET A 365 -0.39 36.86 30.70
C MET A 365 -1.31 36.79 29.46
N TRP A 366 -0.96 37.48 28.35
CA TRP A 366 -1.66 37.23 27.06
C TRP A 366 -1.46 35.78 26.54
N PHE A 367 -0.27 35.24 26.81
CA PHE A 367 0.10 33.89 26.44
C PHE A 367 -0.81 32.90 27.13
N TRP A 368 -0.97 32.97 28.46
CA TRP A 368 -1.82 32.01 29.12
C TRP A 368 -3.30 32.22 28.81
N PHE A 369 -3.62 33.39 28.26
CA PHE A 369 -4.89 33.55 27.54
C PHE A 369 -4.92 32.79 26.22
N LEU A 370 -3.78 32.66 25.50
CA LEU A 370 -3.78 31.86 24.26
C LEU A 370 -3.80 30.35 24.51
N VAL A 371 -3.16 29.89 25.60
CA VAL A 371 -3.23 28.50 26.03
C VAL A 371 -4.68 28.10 26.32
N LEU A 372 -5.33 28.99 27.09
CA LEU A 372 -6.73 28.94 27.46
C LEU A 372 -7.58 28.92 26.18
N ASP A 373 -7.18 29.79 25.24
CA ASP A 373 -7.92 30.10 24.02
C ASP A 373 -8.05 28.89 23.22
N PHE A 374 -6.90 28.23 23.15
CA PHE A 374 -6.73 26.97 22.44
C PHE A 374 -7.66 25.86 23.01
N VAL A 375 -7.49 25.53 24.30
CA VAL A 375 -8.34 24.61 25.05
C VAL A 375 -9.83 24.93 24.92
N VAL A 376 -10.19 26.21 24.98
CA VAL A 376 -11.57 26.63 24.73
C VAL A 376 -12.02 26.40 23.25
N LEU A 377 -11.13 26.74 22.31
CA LEU A 377 -11.35 26.48 20.90
C LEU A 377 -11.54 24.99 20.58
N THR A 378 -10.66 24.09 21.12
CA THR A 378 -10.85 22.62 20.98
C THR A 378 -12.17 22.21 21.59
N TRP A 379 -12.51 22.77 22.76
CA TRP A 379 -13.76 22.48 23.49
C TRP A 379 -15.01 22.83 22.69
N VAL A 380 -15.04 24.05 22.20
CA VAL A 380 -16.20 24.56 21.52
C VAL A 380 -16.40 23.94 20.14
N GLY A 381 -15.39 23.22 19.64
CA GLY A 381 -15.59 22.38 18.49
C GLY A 381 -16.56 21.24 18.79
N ALA A 382 -16.63 20.78 20.05
CA ALA A 382 -17.55 19.68 20.38
C ALA A 382 -19.00 20.16 20.48
N MET A 383 -19.14 21.46 20.77
CA MET A 383 -20.41 22.17 21.03
C MET A 383 -21.15 22.52 19.73
N PRO A 384 -22.51 22.56 19.74
CA PRO A 384 -23.29 22.78 18.50
C PRO A 384 -23.22 24.24 18.05
N THR A 385 -23.91 24.61 16.98
CA THR A 385 -23.87 26.03 16.60
C THR A 385 -25.03 26.92 17.15
N GLU A 386 -25.42 26.67 18.40
CA GLU A 386 -26.45 27.48 19.02
C GLU A 386 -25.85 28.69 19.73
N TYR A 387 -26.72 29.55 20.25
CA TYR A 387 -26.29 30.44 21.32
C TYR A 387 -26.05 29.49 22.51
N PRO A 388 -25.02 29.75 23.32
CA PRO A 388 -23.96 30.77 23.32
C PRO A 388 -22.72 30.43 22.47
N TYR A 389 -22.75 29.23 21.94
CA TYR A 389 -21.61 28.57 21.35
C TYR A 389 -21.09 29.20 20.12
N ASP A 390 -21.99 29.72 19.30
CA ASP A 390 -21.65 30.54 18.17
C ASP A 390 -20.93 31.82 18.58
N TRP A 391 -21.20 32.31 19.79
CA TRP A 391 -20.52 33.53 20.22
C TRP A 391 -19.19 33.13 20.77
N ILE A 392 -19.19 32.07 21.60
CA ILE A 392 -18.00 31.58 22.31
C ILE A 392 -16.86 31.26 21.35
N SER A 393 -17.25 30.50 20.32
CA SER A 393 -16.41 30.20 19.17
C SER A 393 -15.96 31.45 18.45
N LEU A 394 -16.83 32.44 18.33
CA LEU A 394 -16.42 33.67 17.64
C LEU A 394 -15.41 34.50 18.49
N ILE A 395 -15.40 34.24 19.79
CA ILE A 395 -14.58 35.02 20.72
C ILE A 395 -13.23 34.39 20.65
N ALA A 396 -13.24 33.05 20.62
CA ALA A 396 -12.02 32.26 20.71
C ALA A 396 -11.21 32.46 19.45
N SER A 397 -11.93 32.33 18.33
CA SER A 397 -11.42 32.56 16.99
C SER A 397 -10.83 33.92 16.82
N THR A 398 -11.44 34.90 17.45
CA THR A 398 -10.97 36.23 17.18
C THR A 398 -9.84 36.58 18.11
N TYR A 399 -9.78 35.96 19.31
CA TYR A 399 -8.70 36.23 20.27
C TYR A 399 -7.38 35.80 19.68
N TRP A 400 -7.46 34.56 19.23
CA TRP A 400 -6.46 33.85 18.46
C TRP A 400 -5.83 34.72 17.41
N PHE A 401 -6.70 35.06 16.46
CA PHE A 401 -6.39 35.75 15.25
C PHE A 401 -5.77 37.15 15.56
N ALA A 402 -6.12 37.73 16.72
CA ALA A 402 -5.62 39.04 17.12
C ALA A 402 -4.29 38.99 17.87
N TYR A 403 -4.02 37.87 18.54
CA TYR A 403 -2.83 37.68 19.34
C TYR A 403 -1.60 37.70 18.46
N PHE A 404 -1.77 37.32 17.21
CA PHE A 404 -0.63 37.24 16.29
C PHE A 404 -0.57 38.45 15.43
N LEU A 405 -1.64 39.23 15.48
CA LEU A 405 -1.75 40.33 14.57
C LEU A 405 -1.72 41.70 15.25
N VAL A 406 -2.38 41.81 16.39
CA VAL A 406 -2.42 43.06 17.09
C VAL A 406 -1.53 42.93 18.28
N ILE A 407 -1.81 42.01 19.22
CA ILE A 407 -1.10 41.94 20.51
C ILE A 407 0.44 41.76 20.38
N LEU A 408 0.84 41.04 19.34
CA LEU A 408 2.25 40.73 19.24
C LEU A 408 3.04 41.90 18.65
N PRO A 409 2.64 42.49 17.48
CA PRO A 409 3.54 43.60 17.08
C PRO A 409 3.20 44.99 17.76
N LEU A 410 2.41 44.91 18.84
CA LEU A 410 2.31 45.94 19.84
C LEU A 410 3.39 45.74 20.84
N LEU A 411 3.04 45.05 21.93
CA LEU A 411 3.91 44.63 23.08
C LEU A 411 5.49 44.84 23.10
N GLY A 412 6.11 44.86 21.92
CA GLY A 412 7.46 45.33 21.72
C GLY A 412 7.55 46.76 22.16
N ALA A 413 6.82 47.65 21.48
CA ALA A 413 6.70 49.08 21.82
C ALA A 413 6.24 49.26 23.27
N THR A 414 5.09 48.68 23.58
CA THR A 414 4.33 49.03 24.77
C THR A 414 4.64 48.21 26.01
N GLU A 415 5.90 47.82 26.18
CA GLU A 415 6.32 47.10 27.38
C GLU A 415 7.82 47.09 27.50
N LYS A 416 8.29 47.38 28.70
CA LYS A 416 9.69 47.17 29.05
C LYS A 416 9.82 45.82 29.80
N PRO A 417 10.97 45.12 29.63
CA PRO A 417 11.49 43.95 30.35
C PRO A 417 11.34 43.81 31.89
N GLU A 418 12.39 43.19 32.46
CA GLU A 418 12.40 42.62 33.81
C GLU A 418 13.88 42.35 34.16
N PRO A 419 14.20 41.77 35.35
CA PRO A 419 15.61 41.34 35.44
C PRO A 419 16.06 40.12 34.56
N ILE A 420 16.49 40.42 33.33
CA ILE A 420 17.11 39.46 32.38
C ILE A 420 18.59 39.22 32.70
N PRO A 421 18.99 37.97 32.96
CA PRO A 421 20.42 37.68 33.10
C PRO A 421 21.34 37.87 31.84
N ALA A 422 22.64 37.58 31.97
CA ALA A 422 23.59 37.66 30.84
C ALA A 422 24.35 36.35 30.69
N SER A 423 24.21 35.50 31.70
CA SER A 423 24.85 34.19 31.62
C SER A 423 23.88 33.06 31.93
N ILE A 424 24.02 32.02 31.09
CA ILE A 424 23.30 30.76 31.15
C ILE A 424 23.65 30.01 32.45
N GLU A 425 24.91 30.16 32.85
CA GLU A 425 25.43 29.68 34.13
C GLU A 425 24.83 30.40 35.32
N GLU A 426 24.58 31.70 35.13
CA GLU A 426 24.22 32.61 36.22
C GLU A 426 22.84 32.28 36.74
N ASP A 427 21.94 32.00 35.81
CA ASP A 427 20.59 31.53 36.13
C ASP A 427 20.68 30.14 36.77
N PHE A 428 21.56 29.29 36.23
CA PHE A 428 21.76 27.92 36.73
C PHE A 428 22.36 27.93 38.14
N ASN A 429 23.21 28.93 38.41
CA ASN A 429 23.83 29.01 39.72
C ASN A 429 22.87 29.63 40.71
N SER A 430 21.93 30.42 40.22
CA SER A 430 20.88 30.99 41.06
C SER A 430 19.87 29.96 41.61
N HIS A 431 20.24 29.46 42.80
CA HIS A 431 19.45 28.65 43.76
C HIS A 431 20.24 28.34 45.07
N TYR A 432 21.59 28.41 45.02
CA TYR A 432 22.47 27.73 46.00
C TYR A 432 23.70 28.52 46.48
N HIS B 7 -26.29 -4.52 35.61
CA HIS B 7 -26.22 -3.95 36.95
C HIS B 7 -24.79 -3.48 37.18
N ALA B 8 -23.81 -4.40 37.09
CA ALA B 8 -22.38 -4.03 36.98
C ALA B 8 -21.50 -5.15 36.36
N PHE B 9 -21.04 -4.97 35.11
CA PHE B 9 -20.31 -6.04 34.37
C PHE B 9 -18.93 -6.45 34.95
N SER B 10 -18.42 -7.58 34.47
CA SER B 10 -17.24 -8.25 35.04
C SER B 10 -15.90 -7.77 34.45
N PHE B 11 -15.96 -7.35 33.19
CA PHE B 11 -14.76 -6.97 32.46
C PHE B 11 -14.34 -5.58 32.90
N GLU B 12 -15.12 -4.58 32.45
CA GLU B 12 -15.24 -3.17 32.92
C GLU B 12 -14.07 -2.54 33.64
N GLY B 13 -13.83 -3.10 34.82
CA GLY B 13 -12.87 -2.59 35.76
C GLY B 13 -11.42 -2.66 35.34
N ILE B 14 -10.63 -2.31 36.33
CA ILE B 14 -9.22 -2.01 36.17
C ILE B 14 -8.39 -3.27 35.82
N PHE B 15 -8.85 -4.43 36.27
CA PHE B 15 -8.17 -5.70 36.03
C PHE B 15 -9.18 -6.85 36.13
N GLY B 16 -10.44 -6.56 35.81
CA GLY B 16 -11.45 -7.61 35.70
C GLY B 16 -11.35 -8.33 34.36
N LYS B 17 -11.89 -9.54 34.29
CA LYS B 17 -11.87 -10.36 33.06
C LYS B 17 -13.29 -10.59 32.57
N TYR B 18 -13.41 -11.29 31.45
CA TYR B 18 -14.70 -11.74 30.97
C TYR B 18 -15.20 -12.83 31.90
N ASP B 19 -16.49 -12.78 32.22
CA ASP B 19 -17.12 -13.88 32.96
C ASP B 19 -17.30 -15.07 32.04
N GLN B 20 -16.62 -16.17 32.40
CA GLN B 20 -16.63 -17.44 31.69
C GLN B 20 -18.03 -17.96 31.47
N ALA B 21 -18.80 -17.90 32.57
CA ALA B 21 -20.17 -18.36 32.65
C ALA B 21 -21.07 -17.52 31.77
N GLN B 22 -21.00 -16.20 31.95
CA GLN B 22 -21.96 -15.24 31.38
C GLN B 22 -21.87 -15.10 29.87
N LEU B 23 -20.69 -15.37 29.34
CA LEU B 23 -20.52 -15.31 27.88
C LEU B 23 -21.24 -16.50 27.24
N ARG B 24 -21.21 -17.64 27.94
CA ARG B 24 -21.87 -18.84 27.49
C ARG B 24 -23.37 -18.65 27.59
N ARG B 25 -23.82 -18.22 28.78
CA ARG B 25 -25.22 -17.87 29.08
C ARG B 25 -25.84 -16.93 28.03
N GLY B 26 -25.13 -15.84 27.77
CA GLY B 26 -25.55 -14.93 26.71
C GLY B 26 -25.41 -15.42 25.27
N PHE B 27 -24.66 -16.50 25.03
CA PHE B 27 -24.42 -16.93 23.65
C PHE B 27 -25.72 -17.49 23.14
N GLN B 28 -26.39 -18.23 24.01
CA GLN B 28 -27.58 -19.00 23.66
C GLN B 28 -28.75 -18.08 23.27
N VAL B 29 -28.77 -16.89 23.88
CA VAL B 29 -29.78 -15.89 23.65
C VAL B 29 -29.68 -15.30 22.24
N TYR B 30 -28.44 -15.19 21.71
CA TYR B 30 -28.26 -14.75 20.32
C TYR B 30 -28.79 -15.81 19.36
N ASN B 31 -28.48 -17.07 19.63
CA ASN B 31 -28.82 -18.12 18.68
C ASN B 31 -30.31 -18.35 18.63
N GLU B 32 -30.96 -18.25 19.80
CA GLU B 32 -32.39 -18.51 19.86
C GLU B 32 -33.23 -17.28 19.49
N VAL B 33 -32.85 -16.10 19.98
CA VAL B 33 -33.72 -14.92 19.80
C VAL B 33 -33.25 -14.01 18.68
N CYS B 34 -31.99 -13.59 18.70
CA CYS B 34 -31.59 -12.43 17.89
C CYS B 34 -31.11 -12.77 16.48
N SER B 35 -30.83 -14.05 16.21
CA SER B 35 -30.07 -14.42 14.99
C SER B 35 -30.93 -14.40 13.75
N ALA B 36 -32.23 -14.33 13.99
CA ALA B 36 -33.17 -14.33 12.90
C ALA B 36 -33.20 -12.96 12.24
N CYS B 37 -32.86 -11.94 13.01
CA CYS B 37 -32.94 -10.59 12.47
C CYS B 37 -31.63 -9.78 12.43
N HIS B 38 -30.54 -10.40 12.87
CA HIS B 38 -29.26 -9.72 13.05
C HIS B 38 -28.05 -10.54 12.58
N GLY B 39 -27.20 -9.98 11.74
CA GLY B 39 -25.92 -10.64 11.40
C GLY B 39 -24.58 -10.41 12.18
N MET B 40 -23.65 -11.35 12.04
CA MET B 40 -22.29 -11.15 12.59
C MET B 40 -21.22 -11.38 11.54
N LYS B 41 -21.40 -10.79 10.35
CA LYS B 41 -20.57 -11.03 9.17
C LYS B 41 -19.07 -10.77 9.30
N PHE B 42 -18.66 -10.09 10.39
CA PHE B 42 -17.26 -9.88 10.82
C PHE B 42 -16.90 -10.71 12.04
N VAL B 43 -17.59 -11.84 12.27
CA VAL B 43 -17.17 -12.74 13.35
C VAL B 43 -16.98 -14.17 12.87
N PRO B 44 -15.74 -14.64 12.84
CA PRO B 44 -15.50 -16.00 12.43
C PRO B 44 -15.89 -16.98 13.51
N ILE B 45 -16.70 -18.02 13.16
CA ILE B 45 -17.48 -18.86 14.10
C ILE B 45 -16.57 -19.67 15.00
N ARG B 46 -15.44 -20.16 14.46
CA ARG B 46 -14.38 -20.88 15.22
C ARG B 46 -13.90 -20.33 16.61
N THR B 47 -14.18 -19.04 16.83
CA THR B 47 -13.75 -18.24 17.97
C THR B 47 -14.53 -18.48 19.25
N LEU B 48 -15.65 -19.19 19.14
CA LEU B 48 -16.40 -19.62 20.32
C LEU B 48 -15.54 -20.51 21.25
N ALA B 49 -14.68 -21.33 20.63
CA ALA B 49 -13.81 -22.26 21.36
C ALA B 49 -12.52 -21.61 21.85
N ASP B 50 -12.32 -20.34 21.51
CA ASP B 50 -11.08 -19.62 21.84
C ASP B 50 -10.98 -19.31 23.28
N ASP B 51 -9.72 -19.16 23.71
CA ASP B 51 -9.38 -18.75 25.06
C ASP B 51 -9.87 -17.33 25.28
N GLY B 52 -10.26 -17.04 26.53
CA GLY B 52 -10.70 -15.71 26.92
C GLY B 52 -12.04 -15.33 26.33
N GLY B 53 -12.88 -16.32 26.12
CA GLY B 53 -14.22 -16.07 25.65
C GLY B 53 -15.21 -16.96 26.34
N PRO B 54 -16.25 -17.37 25.61
CA PRO B 54 -17.16 -18.35 26.20
C PRO B 54 -16.50 -19.74 26.33
N GLN B 55 -15.48 -20.07 25.51
CA GLN B 55 -14.75 -21.34 25.53
C GLN B 55 -15.66 -22.57 25.41
N LEU B 56 -15.93 -23.01 24.17
CA LEU B 56 -16.76 -24.20 23.96
C LEU B 56 -15.92 -25.39 23.49
N ASP B 57 -16.61 -26.51 23.23
CA ASP B 57 -15.96 -27.67 22.62
C ASP B 57 -15.87 -27.41 21.11
N PRO B 58 -14.65 -27.56 20.53
CA PRO B 58 -14.41 -27.52 19.07
C PRO B 58 -15.34 -28.38 18.19
N THR B 59 -15.62 -29.61 18.59
CA THR B 59 -16.48 -30.47 17.80
C THR B 59 -17.94 -30.17 18.05
N PHE B 60 -18.24 -29.46 19.13
CA PHE B 60 -19.61 -28.97 19.26
C PHE B 60 -19.83 -27.81 18.28
N VAL B 61 -18.83 -26.94 18.25
CA VAL B 61 -18.78 -25.71 17.47
C VAL B 61 -19.01 -26.00 16.00
N ARG B 62 -18.38 -27.09 15.56
CA ARG B 62 -18.58 -27.69 14.24
C ARG B 62 -20.04 -28.10 13.99
N GLU B 63 -20.62 -28.82 14.95
CA GLU B 63 -22.00 -29.30 14.85
C GLU B 63 -22.96 -28.14 14.82
N TYR B 64 -22.65 -27.14 15.65
CA TYR B 64 -23.44 -25.92 15.76
C TYR B 64 -23.42 -25.16 14.44
N ALA B 65 -22.23 -25.13 13.84
CA ALA B 65 -22.01 -24.36 12.63
C ALA B 65 -22.69 -24.99 11.44
N ALA B 66 -22.89 -26.32 11.51
CA ALA B 66 -23.56 -27.08 10.48
C ALA B 66 -24.99 -26.61 10.28
N GLY B 67 -25.65 -26.31 11.39
CA GLY B 67 -27.02 -25.84 11.43
C GLY B 67 -27.34 -24.45 10.92
N LEU B 68 -26.35 -23.56 10.93
CA LEU B 68 -26.50 -22.26 10.29
C LEU B 68 -26.56 -22.43 8.78
N ASP B 69 -27.20 -21.51 8.08
CA ASP B 69 -27.61 -21.82 6.71
C ASP B 69 -26.49 -21.84 5.70
N THR B 70 -26.85 -22.25 4.49
CA THR B 70 -25.92 -22.53 3.39
C THR B 70 -25.07 -21.34 2.91
N ILE B 71 -24.12 -21.60 2.00
CA ILE B 71 -23.40 -20.50 1.32
C ILE B 71 -23.02 -20.84 -0.08
N ILE B 72 -23.36 -19.97 -1.04
CA ILE B 72 -22.82 -19.99 -2.41
C ILE B 72 -21.32 -19.86 -2.28
N ASP B 73 -20.67 -21.00 -2.13
CA ASP B 73 -19.26 -21.04 -1.81
C ASP B 73 -18.42 -20.59 -3.02
N LYS B 74 -17.40 -19.76 -2.75
CA LYS B 74 -16.74 -18.86 -3.71
C LYS B 74 -16.05 -19.49 -4.90
N ASP B 75 -15.76 -20.79 -4.76
CA ASP B 75 -15.06 -21.55 -5.78
C ASP B 75 -16.00 -22.39 -6.66
N SER B 76 -16.71 -23.32 -6.02
CA SER B 76 -17.68 -24.18 -6.68
C SER B 76 -18.85 -23.40 -7.23
N GLY B 77 -19.20 -22.32 -6.54
CA GLY B 77 -20.26 -21.43 -6.99
C GLY B 77 -21.60 -21.97 -6.54
N GLU B 78 -21.55 -22.93 -5.60
CA GLU B 78 -22.75 -23.61 -5.11
C GLU B 78 -22.65 -23.95 -3.62
N GLU B 79 -23.78 -24.41 -3.07
CA GLU B 79 -24.04 -24.44 -1.62
C GLU B 79 -23.20 -25.45 -0.82
N ARG B 80 -23.37 -25.40 0.51
CA ARG B 80 -22.95 -26.42 1.49
C ARG B 80 -23.45 -26.05 2.88
N ASP B 81 -23.44 -27.01 3.82
CA ASP B 81 -23.69 -26.73 5.23
C ASP B 81 -22.52 -25.91 5.73
N ARG B 82 -22.80 -24.87 6.51
CA ARG B 82 -21.80 -23.87 6.94
C ARG B 82 -20.74 -24.50 7.83
N LYS B 83 -19.47 -24.11 7.63
CA LYS B 83 -18.41 -24.68 8.44
C LYS B 83 -18.06 -23.80 9.61
N GLU B 84 -17.13 -24.22 10.45
CA GLU B 84 -16.79 -23.44 11.62
C GLU B 84 -15.73 -22.36 11.29
N THR B 85 -15.06 -22.51 10.14
CA THR B 85 -14.07 -21.51 9.67
C THR B 85 -14.79 -20.24 9.20
N ASP B 86 -16.03 -20.41 8.74
CA ASP B 86 -16.84 -19.34 8.18
C ASP B 86 -17.39 -18.38 9.20
N MET B 87 -17.94 -17.28 8.68
CA MET B 87 -18.60 -16.24 9.47
C MET B 87 -20.00 -16.72 9.90
N PHE B 88 -20.61 -16.07 10.89
CA PHE B 88 -22.07 -16.15 11.09
C PHE B 88 -22.74 -15.53 9.85
N PRO B 89 -23.99 -15.89 9.57
CA PRO B 89 -24.53 -15.27 8.36
C PRO B 89 -24.97 -13.80 8.49
N THR B 90 -24.93 -13.17 7.33
CA THR B 90 -25.42 -11.82 7.15
C THR B 90 -26.93 -11.86 7.22
N ARG B 91 -27.47 -11.81 8.42
CA ARG B 91 -28.88 -11.48 8.51
C ARG B 91 -29.01 -9.94 8.46
N VAL B 92 -29.11 -9.49 7.21
CA VAL B 92 -29.60 -8.19 6.76
C VAL B 92 -30.30 -8.53 5.44
N GLY B 93 -31.60 -8.77 5.54
CA GLY B 93 -32.50 -8.72 4.41
C GLY B 93 -33.62 -7.71 4.69
N ASP B 94 -34.85 -8.19 4.88
CA ASP B 94 -36.01 -7.30 5.06
C ASP B 94 -36.83 -7.55 6.35
N GLY B 95 -36.91 -6.53 7.20
CA GLY B 95 -37.44 -6.67 8.54
C GLY B 95 -36.27 -6.86 9.49
N MET B 96 -35.10 -6.82 8.87
CA MET B 96 -33.83 -7.18 9.48
C MET B 96 -33.18 -5.95 10.03
N GLY B 97 -32.38 -6.14 11.06
CA GLY B 97 -31.75 -5.00 11.68
C GLY B 97 -30.33 -4.83 11.25
N PRO B 98 -29.62 -3.98 11.97
CA PRO B 98 -28.23 -3.78 11.60
C PRO B 98 -27.44 -5.02 11.93
N ASP B 99 -26.45 -5.28 11.10
CA ASP B 99 -25.44 -6.22 11.43
C ASP B 99 -24.83 -5.76 12.75
N LEU B 100 -25.13 -6.46 13.83
CA LEU B 100 -24.46 -6.15 15.09
C LEU B 100 -23.05 -6.71 15.27
N SER B 101 -22.44 -7.21 14.18
CA SER B 101 -21.04 -7.72 14.06
C SER B 101 -19.94 -6.94 14.86
N VAL B 102 -20.04 -5.62 14.95
CA VAL B 102 -19.15 -4.87 15.86
C VAL B 102 -19.90 -3.62 16.41
N MET B 103 -21.17 -3.81 16.72
CA MET B 103 -22.02 -2.73 17.24
C MET B 103 -21.68 -2.28 18.64
N ALA B 104 -21.29 -3.16 19.56
CA ALA B 104 -21.00 -2.70 20.93
C ALA B 104 -19.73 -1.81 21.13
N LYS B 105 -19.13 -1.32 20.04
CA LYS B 105 -18.22 -0.18 20.00
C LYS B 105 -18.63 0.78 18.87
N ALA B 106 -19.88 0.69 18.41
CA ALA B 106 -20.33 1.51 17.30
C ALA B 106 -21.43 2.38 17.82
N ARG B 107 -21.76 2.11 19.07
CA ARG B 107 -22.82 2.83 19.76
C ARG B 107 -22.25 3.36 21.07
N ALA B 108 -22.37 4.68 21.23
CA ALA B 108 -21.95 5.43 22.42
C ALA B 108 -22.71 6.73 22.51
N GLY B 109 -24.00 6.65 22.84
CA GLY B 109 -24.84 7.84 22.97
C GLY B 109 -24.63 8.60 24.27
N PHE B 110 -23.44 9.17 24.45
CA PHE B 110 -22.94 9.74 25.72
C PHE B 110 -22.43 11.21 25.56
N SER B 111 -22.82 12.14 26.44
CA SER B 111 -22.32 13.54 26.34
C SER B 111 -20.97 13.82 27.06
N GLY B 112 -20.96 14.81 27.96
CA GLY B 112 -19.77 15.20 28.68
C GLY B 112 -19.91 16.21 29.80
N PRO B 113 -20.33 17.47 29.49
CA PRO B 113 -20.74 18.16 28.25
C PRO B 113 -19.70 18.38 27.13
N ALA B 114 -19.68 17.42 26.20
CA ALA B 114 -19.00 17.49 24.89
C ALA B 114 -19.62 16.39 24.02
N GLY B 115 -19.66 16.57 22.70
CA GLY B 115 -20.05 15.49 21.81
C GLY B 115 -19.01 14.38 21.81
N SER B 116 -17.73 14.78 21.96
CA SER B 116 -16.53 13.92 21.95
C SER B 116 -16.09 13.42 23.36
N GLY B 117 -16.55 14.12 24.41
CA GLY B 117 -16.53 13.61 25.77
C GLY B 117 -15.87 14.43 26.88
N MET B 118 -16.39 14.33 28.11
CA MET B 118 -15.73 14.92 29.30
C MET B 118 -15.68 14.01 30.55
N ASN B 119 -16.51 14.36 31.56
CA ASN B 119 -16.39 13.93 32.97
C ASN B 119 -16.68 12.45 33.17
N GLN B 120 -15.74 11.60 32.74
CA GLN B 120 -15.91 10.15 32.87
C GLN B 120 -14.74 9.52 33.65
N LEU B 121 -14.52 10.00 34.88
CA LEU B 121 -13.25 9.79 35.62
C LEU B 121 -13.20 8.64 36.66
N PHE B 122 -14.34 8.10 37.07
CA PHE B 122 -14.38 6.86 37.85
C PHE B 122 -14.75 5.71 36.91
N LYS B 123 -15.22 6.08 35.71
CA LYS B 123 -16.06 5.24 34.85
C LYS B 123 -15.43 4.78 33.51
N GLY B 124 -16.21 4.80 32.42
CA GLY B 124 -15.82 4.23 31.11
C GLY B 124 -16.14 4.97 29.79
N MET B 125 -16.56 4.24 28.74
CA MET B 125 -16.85 4.87 27.40
C MET B 125 -18.31 4.70 26.91
N GLY B 126 -18.95 3.57 27.23
CA GLY B 126 -20.37 3.36 26.94
C GLY B 126 -20.80 2.66 25.66
N GLY B 127 -21.46 1.51 25.79
CA GLY B 127 -21.65 0.65 24.64
C GLY B 127 -22.38 -0.66 24.91
N PRO B 128 -21.77 -1.56 25.74
CA PRO B 128 -22.52 -2.72 26.29
C PRO B 128 -23.76 -2.35 27.12
N GLU B 129 -23.74 -1.15 27.71
CA GLU B 129 -24.78 -0.61 28.57
C GLU B 129 -25.83 0.16 27.79
N TYR B 130 -25.56 0.48 26.52
CA TYR B 130 -26.62 0.94 25.63
C TYR B 130 -27.39 -0.22 25.16
N ILE B 131 -26.73 -1.37 25.11
CA ILE B 131 -27.39 -2.58 24.63
C ILE B 131 -28.46 -3.04 25.65
N TYR B 132 -28.03 -3.14 26.92
CA TYR B 132 -28.85 -3.49 28.09
C TYR B 132 -30.07 -2.60 28.18
N ASN B 133 -29.84 -1.30 28.05
CA ASN B 133 -30.93 -0.33 28.06
C ASN B 133 -31.78 -0.37 26.80
N TYR B 134 -31.28 -0.95 25.71
CA TYR B 134 -32.10 -0.97 24.52
C TYR B 134 -33.16 -2.07 24.69
N VAL B 135 -32.77 -3.18 25.32
CA VAL B 135 -33.66 -4.32 25.47
C VAL B 135 -34.73 -4.07 26.55
N ILE B 136 -34.29 -3.62 27.73
CA ILE B 136 -35.19 -3.33 28.87
C ILE B 136 -36.26 -2.25 28.56
N GLY B 137 -35.83 -1.17 27.93
CA GLY B 137 -36.67 -0.01 27.75
C GLY B 137 -37.72 -0.04 26.68
N PHE B 138 -38.41 -1.16 26.53
CA PHE B 138 -39.54 -1.18 25.62
C PHE B 138 -40.83 -0.93 26.38
N GLU B 139 -41.45 0.22 26.08
CA GLU B 139 -42.51 0.84 26.88
C GLU B 139 -43.88 0.97 26.22
N GLU B 140 -44.81 1.39 27.04
CA GLU B 140 -46.06 2.03 26.65
C GLU B 140 -45.83 3.52 26.25
N ASN B 141 -46.69 4.10 25.44
CA ASN B 141 -46.37 5.40 24.87
C ASN B 141 -46.73 6.60 25.75
N PRO B 142 -45.71 7.33 26.27
CA PRO B 142 -45.85 8.37 27.30
C PRO B 142 -46.59 9.61 26.79
N GLU B 143 -47.12 10.45 27.70
CA GLU B 143 -47.99 11.61 27.41
C GLU B 143 -49.11 11.30 26.41
N CYS B 144 -48.77 11.40 25.13
CA CYS B 144 -49.70 11.01 24.07
C CYS B 144 -49.11 9.86 23.26
N ALA B 145 -48.95 10.17 21.97
CA ALA B 145 -48.68 9.27 20.86
C ALA B 145 -49.43 7.98 21.08
N PRO B 146 -50.77 8.05 21.23
CA PRO B 146 -51.35 6.99 22.07
C PRO B 146 -51.64 5.63 21.33
N GLU B 147 -51.90 5.71 20.02
CA GLU B 147 -51.73 4.58 19.12
C GLU B 147 -50.22 4.39 18.83
N GLY B 148 -49.83 3.32 18.16
CA GLY B 148 -48.43 3.11 17.76
C GLY B 148 -48.02 3.98 16.57
N ILE B 149 -47.32 3.40 15.57
CA ILE B 149 -47.14 4.06 14.26
C ILE B 149 -47.16 3.01 13.14
N ASP B 150 -47.68 1.81 13.47
CA ASP B 150 -47.67 0.57 12.63
C ASP B 150 -46.25 0.15 12.17
N GLY B 151 -45.70 -0.81 12.93
CA GLY B 151 -44.28 -1.07 12.90
C GLY B 151 -43.77 -0.36 14.13
N TYR B 152 -42.88 0.61 13.89
CA TYR B 152 -42.19 1.56 14.81
C TYR B 152 -42.64 1.58 16.26
N TYR B 153 -41.95 0.81 17.09
CA TYR B 153 -42.39 0.53 18.44
C TYR B 153 -41.71 1.56 19.32
N TYR B 154 -42.36 2.00 20.39
CA TYR B 154 -41.75 2.98 21.24
C TYR B 154 -40.64 2.33 22.06
N ASN B 155 -39.44 2.85 21.88
CA ASN B 155 -38.41 2.54 22.82
C ASN B 155 -37.91 3.80 23.56
N LYS B 156 -37.74 3.65 24.87
CA LYS B 156 -37.45 4.80 25.71
C LYS B 156 -36.00 5.20 25.63
N THR B 157 -35.17 4.33 25.02
CA THR B 157 -33.71 4.51 24.93
C THR B 157 -33.30 4.95 23.53
N PHE B 158 -33.89 4.34 22.50
CA PHE B 158 -33.55 4.62 21.10
C PHE B 158 -33.82 6.07 20.65
N GLN B 159 -32.82 6.89 20.94
CA GLN B 159 -32.78 8.30 20.64
C GLN B 159 -32.97 8.73 19.20
N ILE B 160 -32.49 7.88 18.29
CA ILE B 160 -32.13 8.38 16.97
C ILE B 160 -33.23 8.11 15.94
N GLY B 161 -34.37 7.59 16.38
CA GLY B 161 -35.32 7.17 15.36
C GLY B 161 -36.55 8.00 15.08
N GLY B 162 -37.64 7.31 14.77
CA GLY B 162 -38.88 7.96 14.45
C GLY B 162 -39.53 8.50 15.69
N VAL B 163 -40.25 9.62 15.57
CA VAL B 163 -41.10 10.09 16.64
C VAL B 163 -42.32 10.62 15.91
N PRO B 164 -43.54 10.31 16.40
CA PRO B 164 -44.68 11.06 15.90
C PRO B 164 -44.61 12.43 16.57
N ASP B 165 -44.54 13.44 15.70
CA ASP B 165 -44.38 14.87 16.05
C ASP B 165 -45.46 15.42 16.99
N THR B 166 -46.61 14.74 16.99
CA THR B 166 -47.60 14.72 18.06
C THR B 166 -46.95 14.59 19.45
N CYS B 167 -45.96 13.71 19.61
CA CYS B 167 -45.18 13.68 20.84
C CYS B 167 -43.67 13.91 20.60
N LYS B 168 -43.36 14.64 19.52
CA LYS B 168 -42.19 15.54 19.50
C LYS B 168 -42.73 16.85 20.06
N ASP B 169 -42.87 17.84 19.18
CA ASP B 169 -43.14 19.20 19.63
C ASP B 169 -43.94 20.06 18.69
N ALA B 170 -44.18 21.27 19.20
CA ALA B 170 -44.52 22.42 18.39
C ALA B 170 -43.20 23.17 18.10
N ALA B 171 -42.24 23.10 19.03
CA ALA B 171 -40.94 23.79 18.87
C ALA B 171 -39.87 22.99 18.10
N GLY B 172 -39.30 21.95 18.73
CA GLY B 172 -38.23 21.15 18.12
C GLY B 172 -38.19 19.66 18.47
N VAL B 173 -37.90 19.34 19.73
CA VAL B 173 -37.55 17.97 20.18
C VAL B 173 -38.70 17.16 20.78
N LYS B 174 -38.35 16.07 21.47
CA LYS B 174 -39.35 15.07 21.83
C LYS B 174 -39.90 15.31 23.23
N ILE B 175 -41.22 15.45 23.31
CA ILE B 175 -41.87 15.71 24.60
C ILE B 175 -41.88 14.36 25.34
N THR B 176 -41.88 13.25 24.58
CA THR B 176 -41.77 11.91 25.17
C THR B 176 -40.42 11.25 24.84
N HIS B 177 -39.87 10.69 25.92
CA HIS B 177 -38.46 10.45 26.26
C HIS B 177 -37.45 9.94 25.13
N GLY B 178 -37.47 8.65 24.81
CA GLY B 178 -36.78 8.07 23.66
C GLY B 178 -37.60 8.22 22.38
N SER B 179 -37.50 7.26 21.48
CA SER B 179 -38.19 7.46 20.21
C SER B 179 -38.63 6.16 19.68
N TRP B 180 -39.23 6.18 18.51
CA TRP B 180 -39.88 4.96 18.10
C TRP B 180 -38.95 4.19 17.21
N ALA B 181 -38.65 2.96 17.66
CA ALA B 181 -37.78 1.98 16.99
C ALA B 181 -38.33 1.46 15.66
N ARG B 182 -38.07 0.19 15.38
CA ARG B 182 -38.57 -0.46 14.19
C ARG B 182 -38.55 -1.94 14.53
N MET B 183 -38.17 -2.19 15.77
CA MET B 183 -37.81 -3.51 16.28
C MET B 183 -38.78 -3.94 17.38
N PRO B 184 -39.47 -5.10 17.19
CA PRO B 184 -40.42 -5.68 18.15
C PRO B 184 -39.78 -6.02 19.49
N PRO B 185 -40.50 -5.82 20.63
CA PRO B 185 -40.00 -6.09 21.99
C PRO B 185 -39.59 -7.55 22.16
N PRO B 186 -38.28 -7.79 22.05
CA PRO B 186 -37.74 -9.09 21.61
C PRO B 186 -37.67 -10.15 22.69
N LEU B 187 -37.69 -9.71 23.95
CA LEU B 187 -37.68 -10.59 25.08
C LEU B 187 -38.98 -10.44 25.88
N VAL B 188 -39.97 -11.23 25.49
CA VAL B 188 -41.01 -11.57 26.41
C VAL B 188 -40.39 -12.65 27.33
N ASP B 189 -40.22 -12.27 28.61
CA ASP B 189 -39.49 -12.96 29.71
C ASP B 189 -39.52 -14.50 29.75
N ASP B 190 -38.43 -15.06 30.27
CA ASP B 190 -38.13 -16.50 30.40
C ASP B 190 -38.16 -17.24 29.06
N GLN B 191 -37.68 -16.56 28.02
CA GLN B 191 -37.83 -17.03 26.66
C GLN B 191 -36.90 -18.21 26.31
N VAL B 192 -35.87 -18.46 27.14
CA VAL B 192 -34.97 -19.63 27.03
C VAL B 192 -34.48 -20.15 28.40
N THR B 193 -33.77 -21.29 28.40
CA THR B 193 -33.43 -22.01 29.65
C THR B 193 -31.93 -22.25 29.92
N TYR B 194 -31.52 -21.95 31.14
CA TYR B 194 -30.10 -21.77 31.47
C TYR B 194 -29.51 -23.06 32.05
N GLU B 195 -28.18 -23.15 32.14
CA GLU B 195 -27.51 -24.39 32.55
C GLU B 195 -26.90 -24.32 33.93
N ASP B 196 -26.38 -23.15 34.29
CA ASP B 196 -25.76 -23.00 35.61
C ASP B 196 -26.77 -22.42 36.60
N GLY B 197 -27.93 -23.07 36.66
CA GLY B 197 -29.05 -22.55 37.41
C GLY B 197 -29.55 -21.31 36.70
N THR B 198 -29.37 -20.18 37.36
CA THR B 198 -29.54 -18.83 36.80
C THR B 198 -30.97 -18.49 36.29
N PRO B 199 -31.70 -17.65 37.08
CA PRO B 199 -33.10 -17.29 36.82
C PRO B 199 -33.25 -16.54 35.50
N ALA B 200 -33.91 -17.15 34.52
CA ALA B 200 -33.92 -16.58 33.17
C ALA B 200 -34.79 -15.31 32.96
N THR B 201 -34.61 -14.27 33.78
CA THR B 201 -35.46 -13.06 33.74
C THR B 201 -35.25 -12.25 32.46
N VAL B 202 -36.15 -11.31 32.14
CA VAL B 202 -35.98 -10.44 30.96
C VAL B 202 -34.77 -9.51 31.20
N ASP B 203 -34.52 -9.19 32.48
CA ASP B 203 -33.37 -8.40 32.87
C ASP B 203 -32.14 -9.26 32.88
N GLN B 204 -32.26 -10.48 33.38
CA GLN B 204 -31.13 -11.39 33.44
C GLN B 204 -30.73 -11.92 32.04
N MET B 205 -31.65 -11.89 31.09
CA MET B 205 -31.32 -12.26 29.72
C MET B 205 -30.70 -11.08 29.00
N ALA B 206 -31.11 -9.87 29.36
CA ALA B 206 -30.57 -8.66 28.75
C ALA B 206 -29.29 -8.15 29.41
N GLN B 207 -29.09 -8.53 30.67
CA GLN B 207 -27.80 -8.32 31.30
C GLN B 207 -26.81 -9.24 30.59
N ASP B 208 -27.25 -10.46 30.27
CA ASP B 208 -26.35 -11.52 29.77
C ASP B 208 -25.96 -11.46 28.29
N VAL B 209 -26.85 -11.02 27.43
CA VAL B 209 -26.54 -10.99 26.00
C VAL B 209 -25.75 -9.71 25.68
N SER B 210 -25.71 -8.78 26.63
CA SER B 210 -24.90 -7.56 26.54
C SER B 210 -23.40 -7.92 26.59
N ALA B 211 -23.02 -8.79 27.51
CA ALA B 211 -21.60 -9.07 27.72
C ALA B 211 -21.04 -9.94 26.58
N PHE B 212 -21.90 -10.77 26.01
CA PHE B 212 -21.55 -11.53 24.81
C PHE B 212 -21.31 -10.60 23.60
N LEU B 213 -22.16 -9.61 23.37
CA LEU B 213 -22.00 -8.74 22.20
C LEU B 213 -20.84 -7.70 22.35
N MET B 214 -20.34 -7.58 23.58
CA MET B 214 -19.10 -6.88 23.85
C MET B 214 -17.93 -7.76 23.38
N TRP B 215 -18.10 -9.07 23.47
CA TRP B 215 -17.05 -9.98 23.09
C TRP B 215 -17.01 -10.04 21.56
N ALA B 216 -18.13 -9.76 20.90
CA ALA B 216 -18.12 -9.52 19.45
C ALA B 216 -17.76 -8.05 19.05
N ALA B 217 -16.67 -7.56 19.64
CA ALA B 217 -16.17 -6.21 19.48
C ALA B 217 -14.76 -6.11 20.04
N GLU B 218 -14.59 -6.68 21.24
CA GLU B 218 -13.29 -6.92 21.86
C GLU B 218 -13.11 -8.38 22.28
N PRO B 219 -12.82 -9.28 21.32
CA PRO B 219 -12.64 -10.66 21.78
C PRO B 219 -11.28 -10.85 22.41
N LYS B 220 -10.36 -9.94 22.05
CA LYS B 220 -9.03 -9.83 22.61
C LYS B 220 -9.06 -8.71 23.63
N LEU B 221 -9.57 -8.99 24.83
CA LEU B 221 -9.83 -7.93 25.81
C LEU B 221 -9.12 -8.25 27.09
N VAL B 222 -9.27 -9.50 27.48
CA VAL B 222 -8.63 -10.10 28.64
C VAL B 222 -7.12 -10.25 28.43
N ALA B 223 -6.72 -10.13 27.15
CA ALA B 223 -5.36 -9.99 26.67
C ALA B 223 -4.76 -8.62 26.91
N ARG B 224 -5.53 -7.55 26.69
CA ARG B 224 -5.02 -6.18 26.94
C ARG B 224 -4.95 -5.88 28.43
N LYS B 225 -5.78 -6.56 29.21
CA LYS B 225 -5.71 -6.50 30.66
C LYS B 225 -4.41 -7.14 31.13
N GLN B 226 -4.08 -8.27 30.50
CA GLN B 226 -2.84 -9.01 30.76
C GLN B 226 -1.64 -8.20 30.30
N MET B 227 -1.78 -7.58 29.12
CA MET B 227 -0.72 -6.78 28.50
C MET B 227 -0.37 -5.59 29.35
N GLY B 228 -1.42 -5.00 29.95
CA GLY B 228 -1.33 -3.78 30.73
C GLY B 228 -0.42 -3.94 31.92
N LEU B 229 -0.61 -5.03 32.65
CA LEU B 229 0.19 -5.39 33.82
C LEU B 229 1.67 -5.53 33.52
N VAL B 230 1.97 -5.98 32.30
CA VAL B 230 3.34 -6.20 31.92
C VAL B 230 4.03 -4.92 31.38
N ALA B 231 3.25 -3.97 30.85
CA ALA B 231 3.81 -2.72 30.40
C ALA B 231 4.03 -1.82 31.63
N MET B 232 3.20 -2.08 32.63
CA MET B 232 3.31 -1.45 33.94
C MET B 232 4.54 -1.84 34.71
N VAL B 233 4.92 -3.11 34.63
CA VAL B 233 6.20 -3.53 35.19
C VAL B 233 7.30 -2.95 34.32
N MET B 234 7.29 -3.30 33.04
CA MET B 234 8.44 -3.04 32.17
C MET B 234 8.80 -1.55 31.98
N LEU B 235 7.81 -0.77 31.59
CA LEU B 235 8.04 0.64 31.48
C LEU B 235 8.00 1.29 32.86
N GLY B 236 7.40 0.62 33.86
CA GLY B 236 7.51 1.10 35.23
C GLY B 236 8.94 1.10 35.77
N LEU B 237 9.62 -0.04 35.72
CA LEU B 237 10.97 -0.08 36.29
C LEU B 237 12.07 0.09 35.25
N LEU B 238 11.69 0.55 34.07
CA LEU B 238 12.64 1.25 33.22
C LEU B 238 12.57 2.73 33.61
N SER B 239 11.37 3.20 33.96
CA SER B 239 11.21 4.59 34.38
C SER B 239 11.95 4.83 35.68
N VAL B 240 11.79 3.90 36.62
CA VAL B 240 12.23 4.08 38.00
C VAL B 240 13.73 3.98 37.98
N MET B 241 14.20 3.13 37.09
CA MET B 241 15.60 2.97 36.90
C MET B 241 16.23 4.13 36.16
N LEU B 242 15.44 4.85 35.38
CA LEU B 242 15.98 6.00 34.68
C LEU B 242 15.98 7.25 35.57
N TYR B 243 15.21 7.19 36.66
CA TYR B 243 15.16 8.28 37.63
C TYR B 243 16.40 8.23 38.50
N LEU B 244 16.80 6.99 38.83
CA LEU B 244 17.97 6.72 39.65
C LEU B 244 19.25 7.03 38.91
N THR B 245 19.18 6.93 37.57
CA THR B 245 20.29 7.32 36.71
C THR B 245 20.36 8.82 36.44
N ASN B 246 19.41 9.57 36.97
CA ASN B 246 19.54 11.00 36.83
C ASN B 246 19.84 11.59 38.20
N LYS B 247 19.38 10.93 39.26
CA LYS B 247 19.69 11.28 40.65
C LYS B 247 21.21 11.19 40.82
N ARG B 248 21.77 10.01 40.62
CA ARG B 248 23.19 9.83 40.88
C ARG B 248 24.08 9.94 39.60
N LEU B 249 23.75 10.89 38.71
CA LEU B 249 24.61 11.30 37.58
C LEU B 249 24.61 12.80 37.45
N TRP B 250 23.50 13.44 37.80
CA TRP B 250 23.45 14.88 37.69
C TRP B 250 23.94 15.59 38.97
N ALA B 251 23.99 14.85 40.09
CA ALA B 251 24.45 15.40 41.39
C ALA B 251 25.87 16.06 41.45
N PRO B 252 26.81 15.71 40.52
CA PRO B 252 27.92 16.63 40.22
C PRO B 252 27.58 18.07 39.94
N TYR B 253 26.50 18.34 39.22
CA TYR B 253 26.23 19.73 38.89
C TYR B 253 25.05 20.33 39.69
N LYS B 254 24.43 19.51 40.55
CA LYS B 254 23.06 19.74 41.06
C LYS B 254 22.85 20.97 41.91
N GLY C 9 22.99 9.45 47.94
CA GLY C 9 22.44 8.14 47.63
C GLY C 9 23.44 7.02 47.73
N THR C 10 22.98 5.76 47.70
CA THR C 10 23.87 4.57 47.88
C THR C 10 23.76 3.41 46.86
N ARG C 11 22.57 3.08 46.35
CA ARG C 11 22.43 2.02 45.32
C ARG C 11 22.93 2.53 43.96
N ARG C 12 24.26 2.51 43.76
CA ARG C 12 24.89 3.08 42.54
C ARG C 12 26.30 2.51 42.23
N ASP C 13 26.47 1.93 41.03
CA ASP C 13 27.72 1.27 40.58
C ASP C 13 27.61 0.78 39.12
N PHE C 14 26.77 -0.24 38.98
CA PHE C 14 26.44 -0.97 37.76
C PHE C 14 25.07 -0.56 37.27
N LEU C 15 24.48 0.39 38.02
CA LEU C 15 23.21 1.07 37.76
C LEU C 15 23.14 1.75 36.38
N TYR C 16 24.29 2.24 35.95
CA TYR C 16 24.52 2.71 34.59
C TYR C 16 24.29 1.59 33.59
N HIS C 17 25.04 0.50 33.77
CA HIS C 17 24.94 -0.69 32.94
C HIS C 17 23.63 -1.48 33.25
N ALA C 18 23.05 -1.29 34.44
CA ALA C 18 21.75 -1.92 34.79
C ALA C 18 20.60 -1.36 33.98
N THR C 19 20.66 -0.06 33.75
CA THR C 19 19.56 0.63 33.07
C THR C 19 19.59 0.25 31.56
N ALA C 20 20.79 0.04 31.02
CA ALA C 20 20.97 -0.27 29.61
C ALA C 20 20.67 -1.74 29.37
N ALA C 21 20.53 -2.51 30.45
CA ALA C 21 19.90 -3.82 30.40
C ALA C 21 18.40 -3.68 30.26
N THR C 22 17.79 -2.80 31.05
CA THR C 22 16.36 -2.53 30.94
C THR C 22 16.07 -1.74 29.66
N GLY C 23 17.03 -0.93 29.22
CA GLY C 23 16.94 -0.32 27.92
C GLY C 23 17.37 -1.21 26.76
N VAL C 24 16.99 -2.49 26.83
CA VAL C 24 17.38 -3.57 25.92
C VAL C 24 16.32 -4.67 26.11
N VAL C 25 15.88 -4.89 27.34
CA VAL C 25 14.86 -5.90 27.58
C VAL C 25 13.51 -5.25 27.25
N VAL C 26 13.37 -3.96 27.52
CA VAL C 26 12.14 -3.29 27.11
C VAL C 26 12.19 -3.15 25.58
N THR C 27 13.28 -2.64 25.01
CA THR C 27 13.32 -2.59 23.53
C THR C 27 13.91 -3.88 22.97
N GLY C 28 13.36 -4.99 23.43
CA GLY C 28 13.62 -6.30 22.91
C GLY C 28 12.27 -6.96 22.79
N ALA C 29 11.59 -7.17 23.92
CA ALA C 29 10.24 -7.76 23.92
C ALA C 29 9.12 -6.82 23.44
N ALA C 30 9.52 -5.64 22.97
CA ALA C 30 8.76 -4.77 22.09
C ALA C 30 9.11 -4.99 20.60
N VAL C 31 10.24 -5.64 20.33
CA VAL C 31 10.69 -5.82 18.94
C VAL C 31 10.44 -7.28 18.57
N TRP C 32 10.08 -8.06 19.57
CA TRP C 32 9.51 -9.38 19.28
C TRP C 32 8.07 -9.36 18.71
N PRO C 33 7.10 -8.56 19.27
CA PRO C 33 5.79 -8.61 18.60
C PRO C 33 5.73 -8.03 17.20
N LEU C 34 6.73 -7.22 16.87
CA LEU C 34 6.99 -6.80 15.50
C LEU C 34 7.32 -7.98 14.58
N ILE C 35 7.92 -9.05 15.12
CA ILE C 35 8.22 -10.25 14.33
C ILE C 35 6.96 -11.13 14.18
N ASN C 36 6.26 -11.32 15.31
CA ASN C 36 5.24 -12.38 15.42
C ASN C 36 4.01 -12.18 14.56
N GLN C 37 3.75 -10.94 14.18
CA GLN C 37 2.58 -10.56 13.35
C GLN C 37 2.56 -11.23 11.97
N MET C 38 3.79 -11.56 11.52
CA MET C 38 4.07 -11.99 10.19
C MET C 38 3.83 -13.45 10.06
N ASN C 39 3.59 -14.11 11.19
CA ASN C 39 3.16 -15.50 11.18
C ASN C 39 1.71 -15.65 10.78
N ALA C 40 1.28 -16.90 10.84
CA ALA C 40 -0.02 -17.24 10.33
C ALA C 40 -1.01 -16.72 11.30
N SER C 41 -1.84 -15.87 10.74
CA SER C 41 -2.91 -15.23 11.44
C SER C 41 -4.04 -16.21 11.46
N ALA C 42 -5.10 -15.93 12.21
CA ALA C 42 -6.11 -16.98 12.46
C ALA C 42 -7.02 -17.29 11.28
N ASP C 43 -6.98 -16.50 10.21
CA ASP C 43 -7.72 -16.84 8.97
C ASP C 43 -7.19 -18.08 8.22
N VAL C 44 -5.97 -18.52 8.56
CA VAL C 44 -5.38 -19.69 7.92
C VAL C 44 -4.77 -20.63 8.96
N LYS C 45 -5.02 -20.35 10.25
CA LYS C 45 -4.34 -21.05 11.38
C LYS C 45 -4.53 -22.60 11.39
N ALA C 46 -5.62 -23.07 10.79
CA ALA C 46 -5.85 -24.50 10.59
C ALA C 46 -6.74 -24.70 9.38
N MET C 47 -6.87 -25.96 9.01
CA MET C 47 -7.48 -26.43 7.77
C MET C 47 -7.74 -27.90 8.11
N ALA C 48 -8.85 -28.46 7.62
CA ALA C 48 -9.22 -29.85 7.95
C ALA C 48 -9.73 -30.56 6.71
N SER C 49 -9.92 -31.88 6.81
CA SER C 49 -10.03 -32.79 5.67
C SER C 49 -11.09 -32.49 4.65
N ILE C 50 -10.91 -32.98 3.42
CA ILE C 50 -11.96 -32.92 2.40
C ILE C 50 -12.29 -34.30 1.76
N PHE C 51 -13.43 -34.39 1.07
CA PHE C 51 -13.83 -35.64 0.42
C PHE C 51 -13.75 -35.48 -1.09
N VAL C 52 -13.19 -36.48 -1.76
CA VAL C 52 -12.98 -36.43 -3.21
C VAL C 52 -13.71 -37.55 -3.90
N ASP C 53 -14.66 -37.20 -4.73
CA ASP C 53 -15.45 -38.19 -5.44
C ASP C 53 -14.67 -38.58 -6.67
N VAL C 54 -13.84 -39.63 -6.52
CA VAL C 54 -13.05 -40.23 -7.61
C VAL C 54 -13.97 -40.85 -8.62
N SER C 55 -14.69 -41.91 -8.19
CA SER C 55 -15.78 -42.66 -8.85
C SER C 55 -15.78 -42.70 -10.36
N ALA C 56 -16.00 -41.48 -10.87
CA ALA C 56 -16.05 -41.18 -12.28
C ALA C 56 -14.76 -40.52 -12.83
N VAL C 57 -13.61 -40.76 -12.19
CA VAL C 57 -12.32 -40.51 -12.86
C VAL C 57 -11.96 -41.65 -13.84
N GLU C 58 -11.47 -41.33 -15.04
CA GLU C 58 -11.17 -42.42 -16.00
C GLU C 58 -9.77 -42.99 -15.67
N VAL C 59 -9.40 -44.09 -16.33
CA VAL C 59 -8.22 -44.89 -15.96
C VAL C 59 -6.94 -44.42 -16.65
N GLY C 60 -5.85 -44.44 -15.91
CA GLY C 60 -4.59 -44.09 -16.51
C GLY C 60 -4.37 -42.59 -16.72
N THR C 61 -5.13 -41.75 -16.02
CA THR C 61 -4.80 -40.33 -15.97
C THR C 61 -4.70 -39.89 -14.51
N GLN C 62 -4.36 -38.62 -14.33
CA GLN C 62 -4.29 -37.97 -13.01
C GLN C 62 -5.38 -36.95 -12.83
N LEU C 63 -5.83 -36.83 -11.60
CA LEU C 63 -6.75 -35.76 -11.23
C LEU C 63 -6.14 -34.79 -10.20
N THR C 64 -6.00 -33.51 -10.56
CA THR C 64 -5.35 -32.55 -9.65
C THR C 64 -6.34 -31.73 -8.87
N VAL C 65 -6.01 -31.48 -7.63
CA VAL C 65 -7.02 -31.09 -6.67
C VAL C 65 -6.40 -30.15 -5.60
N LYS C 66 -7.04 -29.00 -5.28
CA LYS C 66 -6.46 -28.08 -4.30
C LYS C 66 -6.89 -28.47 -2.91
N TRP C 67 -5.94 -28.58 -2.00
CA TRP C 67 -6.20 -28.74 -0.56
C TRP C 67 -5.03 -28.14 0.20
N ARG C 68 -5.35 -27.31 1.19
CA ARG C 68 -4.37 -26.53 2.01
C ARG C 68 -3.32 -25.74 1.22
N GLY C 69 -3.81 -24.91 0.30
CA GLY C 69 -3.00 -23.94 -0.43
C GLY C 69 -2.54 -24.40 -1.80
N LYS C 70 -2.07 -25.65 -1.84
CA LYS C 70 -1.25 -26.16 -2.92
C LYS C 70 -1.85 -27.53 -3.41
N PRO C 71 -1.58 -27.94 -4.70
CA PRO C 71 -2.29 -29.06 -5.27
C PRO C 71 -1.94 -30.44 -4.65
N VAL C 72 -2.94 -31.34 -4.73
CA VAL C 72 -2.82 -32.78 -4.48
C VAL C 72 -3.04 -33.46 -5.80
N PHE C 73 -2.32 -34.57 -5.93
CA PHE C 73 -2.28 -35.38 -7.11
C PHE C 73 -3.05 -36.68 -6.83
N ILE C 74 -4.00 -37.05 -7.70
CA ILE C 74 -4.48 -38.44 -7.77
C ILE C 74 -4.42 -39.03 -9.16
N ARG C 75 -3.46 -39.93 -9.39
CA ARG C 75 -3.31 -40.73 -10.59
C ARG C 75 -3.75 -42.14 -10.27
N ARG C 76 -4.62 -42.69 -11.12
CA ARG C 76 -4.98 -44.11 -11.14
C ARG C 76 -4.04 -44.90 -12.05
N ARG C 77 -3.13 -45.65 -11.44
CA ARG C 77 -1.93 -46.11 -12.11
C ARG C 77 -2.20 -47.20 -13.14
N ASP C 78 -1.92 -46.91 -14.43
CA ASP C 78 -2.16 -47.88 -15.50
C ASP C 78 -1.07 -48.94 -15.48
N GLU C 79 -1.15 -49.90 -16.39
CA GLU C 79 -0.35 -51.14 -16.33
C GLU C 79 1.17 -50.92 -16.38
N LYS C 80 1.58 -50.08 -17.35
CA LYS C 80 2.96 -49.68 -17.58
C LYS C 80 3.57 -49.12 -16.32
N ASP C 81 2.79 -48.26 -15.68
CA ASP C 81 3.21 -47.47 -14.52
C ASP C 81 3.14 -48.23 -13.18
N ILE C 82 2.80 -49.53 -13.17
CA ILE C 82 2.92 -50.34 -11.94
C ILE C 82 3.94 -51.46 -12.16
N GLU C 83 4.13 -51.83 -13.43
CA GLU C 83 5.24 -52.72 -13.77
C GLU C 83 6.51 -51.94 -13.53
N LEU C 84 6.62 -50.77 -14.14
CA LEU C 84 7.87 -50.01 -14.16
C LEU C 84 8.09 -49.22 -12.91
N ALA C 85 7.12 -49.24 -12.02
CA ALA C 85 7.31 -48.72 -10.69
C ALA C 85 7.68 -49.83 -9.69
N ARG C 86 7.30 -51.08 -9.98
CA ARG C 86 7.68 -52.20 -9.10
C ARG C 86 9.09 -52.66 -9.44
N SER C 87 9.53 -52.30 -10.66
CA SER C 87 10.80 -52.75 -11.28
C SER C 87 12.02 -51.93 -10.81
N VAL C 88 11.88 -51.39 -9.61
CA VAL C 88 12.72 -50.34 -9.06
C VAL C 88 13.41 -50.86 -7.78
N PRO C 89 14.74 -51.02 -7.86
CA PRO C 89 15.58 -51.38 -6.72
C PRO C 89 15.48 -50.37 -5.61
N LEU C 90 15.14 -50.78 -4.39
CA LEU C 90 14.99 -49.86 -3.24
C LEU C 90 16.24 -49.04 -2.95
N GLY C 91 17.39 -49.65 -3.10
CA GLY C 91 18.62 -48.93 -2.90
C GLY C 91 19.06 -48.09 -4.07
N ALA C 92 18.31 -48.05 -5.17
CA ALA C 92 18.64 -47.09 -6.21
C ALA C 92 17.69 -45.81 -6.14
N LEU C 93 17.29 -45.48 -4.90
CA LEU C 93 16.49 -44.30 -4.59
C LEU C 93 17.32 -43.37 -3.71
N ARG C 94 17.20 -42.05 -3.92
CA ARG C 94 17.78 -41.06 -2.98
C ARG C 94 17.11 -41.11 -1.62
N ASP C 95 15.91 -40.56 -1.54
CA ASP C 95 15.04 -40.73 -0.40
C ASP C 95 14.56 -42.14 -0.49
N THR C 96 14.84 -42.92 0.55
CA THR C 96 14.38 -44.29 0.65
C THR C 96 13.41 -44.42 1.83
N SER C 97 12.80 -43.30 2.24
CA SER C 97 11.65 -43.36 3.12
C SER C 97 10.43 -43.39 2.24
N ALA C 98 9.31 -43.89 2.77
CA ALA C 98 8.11 -44.12 1.97
C ALA C 98 7.47 -42.83 1.53
N GLU C 99 7.77 -41.79 2.31
CA GLU C 99 7.12 -40.49 2.30
C GLU C 99 5.66 -40.77 2.44
N ASN C 100 5.33 -41.41 3.54
CA ASN C 100 3.94 -41.65 3.78
C ASN C 100 3.69 -41.37 5.24
N ALA C 101 2.51 -40.80 5.48
CA ALA C 101 2.02 -40.55 6.83
C ALA C 101 1.18 -41.73 7.28
N ASN C 102 0.46 -42.33 6.31
CA ASN C 102 -0.34 -43.55 6.52
C ASN C 102 0.51 -44.71 7.01
N LYS C 103 1.61 -44.89 6.30
CA LYS C 103 2.61 -45.88 6.64
C LYS C 103 3.89 -45.14 6.99
N PRO C 104 4.01 -44.62 8.24
CA PRO C 104 5.07 -43.72 8.70
C PRO C 104 6.46 -44.24 8.44
N GLY C 105 6.94 -45.13 9.29
CA GLY C 105 8.33 -45.57 9.18
C GLY C 105 8.77 -46.35 7.95
N ALA C 106 7.83 -46.66 7.03
CA ALA C 106 8.07 -47.55 5.90
C ALA C 106 9.06 -46.98 4.91
N GLU C 107 9.61 -47.87 4.07
CA GLU C 107 10.59 -47.49 3.07
C GLU C 107 9.93 -47.49 1.73
N ALA C 108 10.60 -46.96 0.73
CA ALA C 108 9.89 -46.49 -0.45
C ALA C 108 9.65 -47.55 -1.48
N THR C 109 9.04 -48.65 -1.05
CA THR C 109 8.64 -49.70 -1.96
C THR C 109 7.35 -49.27 -2.56
N ASP C 110 7.08 -49.75 -3.77
CA ASP C 110 5.84 -49.51 -4.52
C ASP C 110 4.51 -49.95 -3.88
N GLU C 111 4.62 -50.62 -2.75
CA GLU C 111 3.49 -51.03 -1.94
C GLU C 111 3.31 -50.01 -0.78
N ASN C 112 4.27 -49.09 -0.62
CA ASN C 112 4.19 -48.10 0.43
C ASN C 112 3.83 -46.76 -0.13
N ARG C 113 3.62 -46.72 -1.44
CA ARG C 113 3.19 -45.53 -2.15
C ARG C 113 1.78 -45.73 -2.65
N THR C 114 0.93 -46.22 -1.78
CA THR C 114 -0.39 -46.61 -2.22
C THR C 114 -1.44 -46.49 -1.12
N LEU C 115 -2.69 -46.80 -1.48
CA LEU C 115 -3.79 -46.91 -0.54
C LEU C 115 -4.71 -48.07 -0.92
N PRO C 116 -5.47 -48.60 0.07
CA PRO C 116 -6.73 -49.37 -0.05
C PRO C 116 -7.78 -48.94 -1.13
N ALA C 117 -8.72 -49.82 -1.50
CA ALA C 117 -9.94 -49.37 -2.19
C ALA C 117 -11.15 -49.88 -1.38
N PHE C 118 -11.47 -51.16 -1.49
CA PHE C 118 -12.40 -51.87 -0.56
C PHE C 118 -11.91 -51.92 0.89
N ASP C 119 -11.63 -50.73 1.49
CA ASP C 119 -10.70 -50.42 2.61
C ASP C 119 -9.48 -51.37 2.93
N GLY C 120 -9.15 -52.33 2.06
CA GLY C 120 -8.20 -53.39 2.34
C GLY C 120 -7.49 -54.08 1.18
N THR C 121 -7.93 -53.89 -0.07
CA THR C 121 -7.35 -54.64 -1.20
C THR C 121 -5.90 -54.25 -1.58
N ASN C 122 -5.66 -52.98 -1.97
CA ASN C 122 -4.33 -52.41 -2.35
C ASN C 122 -3.64 -53.16 -3.53
N THR C 123 -3.73 -52.59 -4.72
CA THR C 123 -3.27 -53.28 -5.91
C THR C 123 -2.14 -52.54 -6.64
N GLY C 124 -1.77 -51.36 -6.17
CA GLY C 124 -0.83 -50.55 -6.93
C GLY C 124 -1.52 -49.53 -7.83
N GLU C 125 -2.83 -49.46 -7.67
CA GLU C 125 -3.73 -48.71 -8.55
C GLU C 125 -4.05 -47.27 -8.05
N TRP C 126 -3.85 -47.04 -6.76
CA TRP C 126 -4.11 -45.75 -6.20
C TRP C 126 -2.84 -45.02 -5.79
N LEU C 127 -2.49 -44.02 -6.60
CA LEU C 127 -1.36 -43.14 -6.34
C LEU C 127 -1.88 -41.77 -5.96
N VAL C 128 -1.72 -41.42 -4.67
CA VAL C 128 -2.10 -40.10 -4.16
C VAL C 128 -0.93 -39.49 -3.40
N MET C 129 -0.24 -38.54 -4.04
CA MET C 129 0.78 -37.72 -3.38
C MET C 129 0.34 -36.27 -3.61
N LEU C 130 1.10 -35.30 -3.12
CA LEU C 130 0.73 -33.92 -3.33
C LEU C 130 1.76 -33.18 -4.17
N GLY C 131 1.23 -32.30 -5.04
CA GLY C 131 1.92 -31.56 -6.11
C GLY C 131 3.03 -30.57 -5.83
N VAL C 132 3.37 -30.45 -4.55
CA VAL C 132 4.55 -29.74 -4.12
C VAL C 132 5.76 -30.63 -4.32
N CYS C 133 6.53 -30.33 -5.36
CA CYS C 133 7.88 -30.90 -5.64
C CYS C 133 8.85 -30.60 -4.51
N THR C 134 9.81 -31.49 -4.23
CA THR C 134 10.57 -31.28 -3.00
C THR C 134 11.75 -30.33 -3.13
N HIS C 135 12.03 -29.85 -4.35
CA HIS C 135 13.12 -28.92 -4.50
C HIS C 135 12.80 -27.56 -3.93
N LEU C 136 12.00 -26.81 -4.68
CA LEU C 136 11.53 -25.49 -4.28
C LEU C 136 10.01 -25.28 -4.48
N GLY C 137 9.25 -26.36 -4.67
CA GLY C 137 7.83 -26.39 -4.40
C GLY C 137 6.91 -26.11 -5.57
N CYS C 138 7.46 -26.12 -6.78
CA CYS C 138 6.66 -26.03 -8.01
C CYS C 138 5.77 -27.26 -8.33
N VAL C 139 5.04 -27.18 -9.45
CA VAL C 139 4.31 -28.35 -9.91
C VAL C 139 5.01 -29.08 -11.07
N PRO C 140 5.09 -30.42 -10.94
CA PRO C 140 5.45 -31.36 -12.02
C PRO C 140 4.43 -31.54 -13.19
N MET C 141 4.85 -31.26 -14.44
CA MET C 141 4.18 -31.80 -15.63
C MET C 141 3.92 -33.31 -15.47
N GLY C 142 2.72 -33.75 -15.78
CA GLY C 142 2.41 -35.16 -15.66
C GLY C 142 2.38 -35.89 -16.97
N ASP C 143 1.58 -36.97 -16.97
CA ASP C 143 1.40 -37.95 -18.04
C ASP C 143 2.66 -38.31 -18.81
N LYS C 144 3.55 -38.97 -18.05
CA LYS C 144 4.84 -39.49 -18.51
C LYS C 144 5.61 -38.41 -19.19
N SER C 145 6.19 -37.53 -18.40
CA SER C 145 6.98 -36.48 -19.01
C SER C 145 8.34 -36.48 -18.37
N GLY C 146 9.24 -35.86 -19.12
CA GLY C 146 10.63 -35.99 -18.86
C GLY C 146 11.09 -37.41 -19.11
N ASP C 147 11.83 -37.94 -18.16
CA ASP C 147 12.75 -39.00 -18.50
C ASP C 147 12.60 -40.21 -17.63
N PHE C 148 11.57 -40.29 -16.81
CA PHE C 148 11.43 -41.53 -16.06
C PHE C 148 10.03 -42.05 -16.07
N GLY C 149 9.35 -41.78 -17.18
CA GLY C 149 7.98 -42.21 -17.43
C GLY C 149 7.02 -41.72 -16.36
N GLY C 150 7.26 -40.48 -15.93
CA GLY C 150 6.70 -39.94 -14.72
C GLY C 150 6.44 -38.47 -14.86
N TRP C 151 7.27 -37.66 -14.19
CA TRP C 151 6.94 -36.26 -13.82
C TRP C 151 8.10 -35.30 -13.85
N PHE C 152 7.98 -34.22 -14.63
CA PHE C 152 9.07 -33.27 -14.82
C PHE C 152 8.68 -31.89 -14.33
N CYS C 153 9.23 -31.45 -13.17
CA CYS C 153 9.07 -30.05 -12.64
C CYS C 153 9.98 -29.08 -13.37
N PRO C 154 9.41 -28.18 -14.16
CA PRO C 154 10.31 -27.47 -15.08
C PRO C 154 11.00 -26.24 -14.45
N CYS C 155 10.89 -26.17 -13.11
CA CYS C 155 11.44 -25.10 -12.33
C CYS C 155 12.95 -25.29 -12.21
N HIS C 156 13.49 -26.17 -11.34
CA HIS C 156 14.89 -26.49 -11.64
C HIS C 156 15.18 -27.92 -12.10
N GLY C 157 14.26 -28.46 -12.87
CA GLY C 157 14.48 -29.69 -13.60
C GLY C 157 14.56 -31.02 -12.84
N SER C 158 13.79 -31.16 -11.76
CA SER C 158 13.72 -32.48 -11.10
C SER C 158 12.89 -33.51 -11.92
N HIS C 159 13.27 -34.79 -11.75
CA HIS C 159 12.64 -35.94 -12.43
C HIS C 159 12.12 -36.98 -11.44
N TYR C 160 10.86 -37.43 -11.66
CA TYR C 160 10.17 -38.40 -10.78
C TYR C 160 9.74 -39.70 -11.49
N ASP C 161 9.72 -40.82 -10.76
CA ASP C 161 9.33 -42.07 -11.45
C ASP C 161 7.79 -42.16 -11.56
N SER C 162 7.28 -43.37 -11.51
CA SER C 162 5.85 -43.52 -11.61
C SER C 162 5.34 -44.00 -10.26
N ALA C 163 5.98 -43.53 -9.20
CA ALA C 163 5.45 -43.70 -7.83
C ALA C 163 5.74 -42.41 -7.04
N GLY C 164 6.00 -41.36 -7.81
CA GLY C 164 6.48 -40.09 -7.30
C GLY C 164 7.82 -40.11 -6.56
N ARG C 165 8.63 -41.13 -6.78
CA ARG C 165 9.90 -41.20 -6.06
C ARG C 165 10.89 -40.36 -6.82
N ILE C 166 11.99 -39.95 -6.19
CA ILE C 166 12.86 -38.98 -6.85
C ILE C 166 14.04 -39.64 -7.55
N ARG C 167 14.27 -39.23 -8.81
CA ARG C 167 15.42 -39.67 -9.64
C ARG C 167 16.57 -38.64 -9.90
N LYS C 168 16.39 -37.87 -10.99
CA LYS C 168 17.27 -36.76 -11.42
C LYS C 168 16.85 -35.37 -10.84
N GLY C 169 17.80 -34.43 -10.79
CA GLY C 169 17.55 -33.04 -10.42
C GLY C 169 18.07 -32.68 -9.05
N PRO C 170 17.55 -31.59 -8.45
CA PRO C 170 18.03 -31.26 -7.10
C PRO C 170 17.11 -31.63 -5.93
N ALA C 171 15.86 -31.99 -6.21
CA ALA C 171 14.83 -32.25 -5.20
C ALA C 171 15.18 -33.34 -4.23
N PRO C 172 15.44 -33.05 -2.96
CA PRO C 172 16.06 -34.11 -2.14
C PRO C 172 15.16 -35.29 -1.63
N ARG C 173 13.84 -35.17 -1.68
CA ARG C 173 12.99 -36.27 -1.23
C ARG C 173 11.99 -36.72 -2.31
N ASN C 174 11.23 -37.79 -2.04
CA ASN C 174 10.09 -38.13 -2.91
C ASN C 174 8.91 -37.24 -2.54
N LEU C 175 7.92 -37.18 -3.42
CA LEU C 175 6.65 -36.53 -3.12
C LEU C 175 5.95 -37.21 -1.93
N ASP C 176 5.48 -36.42 -0.97
CA ASP C 176 4.91 -36.97 0.27
C ASP C 176 3.56 -37.56 -0.01
N ILE C 177 3.23 -38.66 0.64
CA ILE C 177 1.87 -39.17 0.53
C ILE C 177 1.24 -38.68 1.82
N PRO C 178 0.08 -37.99 1.72
CA PRO C 178 -0.55 -37.32 2.87
C PRO C 178 -1.25 -38.29 3.82
N VAL C 179 -2.34 -37.86 4.43
CA VAL C 179 -3.06 -38.76 5.31
C VAL C 179 -4.34 -39.21 4.61
N ALA C 180 -4.20 -39.69 3.38
CA ALA C 180 -5.32 -40.21 2.61
C ALA C 180 -5.96 -41.50 3.18
N ALA C 181 -7.28 -41.64 3.02
CA ALA C 181 -8.06 -42.81 3.44
C ALA C 181 -9.39 -42.92 2.66
N PHE C 182 -9.81 -44.15 2.32
CA PHE C 182 -11.05 -44.34 1.56
C PHE C 182 -12.33 -44.33 2.45
N VAL C 183 -13.53 -44.14 1.88
CA VAL C 183 -14.74 -44.35 2.67
C VAL C 183 -15.70 -45.29 1.98
N ASP C 184 -15.88 -45.12 0.68
CA ASP C 184 -16.43 -46.17 -0.17
C ASP C 184 -15.80 -45.94 -1.52
N GLU C 185 -16.23 -46.69 -2.53
CA GLU C 185 -15.45 -46.83 -3.77
C GLU C 185 -15.59 -45.63 -4.70
N THR C 186 -16.52 -44.79 -4.33
CA THR C 186 -16.72 -43.56 -5.04
C THR C 186 -15.87 -42.45 -4.39
N THR C 187 -15.42 -42.63 -3.14
CA THR C 187 -14.93 -41.47 -2.36
C THR C 187 -13.66 -41.67 -1.52
N ILE C 188 -12.75 -40.67 -1.56
CA ILE C 188 -11.50 -40.60 -0.74
C ILE C 188 -11.44 -39.43 0.24
N LYS C 189 -11.26 -39.72 1.53
CA LYS C 189 -11.09 -38.67 2.53
C LYS C 189 -9.61 -38.34 2.80
N LEU C 190 -9.21 -37.09 2.57
CA LEU C 190 -7.86 -36.62 2.85
C LEU C 190 -7.66 -36.27 4.32
N GLY C 191 -7.77 -37.30 5.17
CA GLY C 191 -7.70 -37.18 6.61
C GLY C 191 -8.06 -38.50 7.29
N SER D 2 42.94 12.25 3.99
CA SER D 2 43.71 13.40 3.51
C SER D 2 42.84 14.37 2.68
N GLY D 3 42.30 13.93 1.53
CA GLY D 3 41.28 14.74 0.85
C GLY D 3 41.70 15.91 -0.06
N ILE D 4 41.22 15.86 -1.32
CA ILE D 4 41.59 16.77 -2.41
C ILE D 4 41.28 18.23 -2.10
N PRO D 5 42.31 19.11 -1.99
CA PRO D 5 42.02 20.49 -1.52
C PRO D 5 41.31 21.42 -2.54
N HIS D 6 40.01 21.63 -2.34
CA HIS D 6 39.32 22.66 -3.11
C HIS D 6 38.93 23.85 -2.26
N ASP D 7 38.74 24.95 -2.97
CA ASP D 7 38.29 26.18 -2.37
C ASP D 7 36.85 25.98 -1.91
N HIS D 8 36.65 25.93 -0.60
CA HIS D 8 35.32 25.62 -0.08
C HIS D 8 34.35 26.82 -0.09
N TYR D 9 33.42 26.84 0.85
CA TYR D 9 32.34 27.81 0.86
C TYR D 9 32.59 28.89 1.88
N GLU D 10 32.77 30.10 1.36
CA GLU D 10 32.78 31.32 2.15
C GLU D 10 31.48 32.03 1.82
N PRO D 11 30.61 32.19 2.84
CA PRO D 11 29.29 32.81 2.61
C PRO D 11 29.44 34.29 2.27
N LYS D 12 29.33 34.58 0.98
CA LYS D 12 29.82 35.85 0.46
C LYS D 12 28.81 36.99 0.55
N THR D 13 27.73 36.92 -0.22
CA THR D 13 26.73 38.00 -0.23
C THR D 13 25.90 37.97 1.08
N GLY D 14 25.22 39.08 1.41
CA GLY D 14 24.46 39.22 2.65
C GLY D 14 23.32 38.23 2.95
N ILE D 15 22.64 37.80 1.87
CA ILE D 15 21.65 36.72 1.84
C ILE D 15 22.21 35.50 2.55
N GLU D 16 23.23 34.95 1.91
CA GLU D 16 23.90 33.70 2.29
C GLU D 16 24.63 33.79 3.64
N LYS D 17 24.92 35.02 4.08
CA LYS D 17 25.55 35.26 5.37
C LYS D 17 24.59 34.98 6.53
N TRP D 18 23.28 35.11 6.26
CA TRP D 18 22.24 34.99 7.30
C TRP D 18 21.64 33.57 7.34
N LEU D 19 21.45 33.05 6.14
CA LEU D 19 21.16 31.66 5.87
C LEU D 19 22.13 30.73 6.64
N HIS D 20 23.43 30.99 6.47
CA HIS D 20 24.51 30.21 7.07
C HIS D 20 24.60 30.23 8.61
N ASP D 21 23.87 31.13 9.25
CA ASP D 21 23.88 31.18 10.70
C ASP D 21 22.82 30.23 11.25
N ARG D 22 21.94 29.77 10.37
CA ARG D 22 20.80 28.99 10.78
C ARG D 22 20.58 27.67 10.04
N LEU D 23 20.93 27.63 8.74
CA LEU D 23 20.89 26.37 7.95
C LEU D 23 21.83 26.34 6.75
N PRO D 24 22.98 25.70 6.92
CA PRO D 24 24.03 25.94 5.93
C PRO D 24 23.88 25.23 4.53
N ILE D 25 22.69 24.69 4.15
CA ILE D 25 22.36 23.95 2.88
C ILE D 25 22.95 24.52 1.57
N VAL D 26 23.11 25.86 1.52
CA VAL D 26 23.72 26.61 0.44
C VAL D 26 25.09 26.08 0.11
N GLY D 27 25.81 25.81 1.19
CA GLY D 27 27.20 25.44 1.14
C GLY D 27 27.40 23.99 0.99
N LEU D 28 26.57 23.18 1.66
CA LEU D 28 26.55 21.74 1.42
C LEU D 28 26.21 21.37 -0.06
N VAL D 29 25.30 22.11 -0.70
CA VAL D 29 25.06 21.83 -2.10
C VAL D 29 26.18 22.39 -2.93
N TYR D 30 26.81 23.49 -2.49
CA TYR D 30 27.92 24.09 -3.26
C TYR D 30 29.15 23.19 -3.19
N ASP D 31 29.40 22.62 -2.01
CA ASP D 31 30.59 21.79 -1.76
C ASP D 31 30.39 20.34 -2.17
N THR D 32 29.32 20.05 -2.91
CA THR D 32 29.11 18.72 -3.43
C THR D 32 28.75 18.79 -4.90
N ILE D 33 28.07 19.85 -5.31
CA ILE D 33 27.93 20.11 -6.74
C ILE D 33 29.33 20.54 -7.31
N MET D 34 30.27 21.04 -6.50
CA MET D 34 31.56 21.43 -7.07
C MET D 34 32.45 20.23 -7.06
N ILE D 35 33.29 20.07 -6.01
CA ILE D 35 34.16 18.89 -5.76
C ILE D 35 35.22 18.56 -6.83
N PRO D 36 36.48 18.46 -6.38
CA PRO D 36 37.56 18.18 -7.29
C PRO D 36 37.47 16.72 -7.79
N THR D 37 36.86 16.64 -8.96
CA THR D 37 36.51 15.38 -9.54
C THR D 37 37.51 15.24 -10.68
N PRO D 38 38.30 14.11 -10.73
CA PRO D 38 39.39 13.84 -11.67
C PRO D 38 38.97 14.01 -13.09
N LYS D 39 39.82 14.54 -13.95
CA LYS D 39 39.32 15.03 -15.22
C LYS D 39 39.37 14.04 -16.39
N ASN D 40 39.98 12.87 -16.19
CA ASN D 40 40.21 11.87 -17.25
C ASN D 40 39.03 10.87 -17.43
N LEU D 41 37.95 11.11 -16.66
CA LEU D 41 36.78 10.21 -16.53
C LEU D 41 36.07 9.99 -17.83
N ASN D 42 35.99 8.73 -18.23
CA ASN D 42 35.33 8.31 -19.47
C ASN D 42 33.91 7.86 -19.22
N TRP D 43 33.18 7.60 -20.30
CA TRP D 43 31.78 7.25 -20.26
C TRP D 43 31.35 6.01 -19.49
N TRP D 44 32.25 5.36 -18.79
CA TRP D 44 31.88 4.20 -18.04
C TRP D 44 31.57 4.74 -16.64
N TRP D 45 31.97 5.98 -16.40
CA TRP D 45 31.54 6.67 -15.18
C TRP D 45 30.12 7.33 -15.22
N ILE D 46 29.37 7.26 -16.32
CA ILE D 46 28.08 7.91 -16.33
C ILE D 46 27.10 7.06 -15.56
N TRP D 47 27.36 5.76 -15.46
CA TRP D 47 26.38 4.76 -14.97
C TRP D 47 26.20 4.77 -13.45
N GLY D 48 25.96 5.94 -12.83
CA GLY D 48 25.80 6.07 -11.40
C GLY D 48 24.88 7.23 -11.23
N ILE D 49 24.92 8.11 -12.20
CA ILE D 49 23.89 9.12 -12.32
C ILE D 49 22.70 8.42 -12.89
N VAL D 50 22.91 7.49 -13.85
CA VAL D 50 21.81 6.87 -14.61
C VAL D 50 21.09 5.99 -13.65
N LEU D 51 21.88 5.35 -12.79
CA LEU D 51 21.34 4.54 -11.71
C LEU D 51 20.49 5.29 -10.72
N ALA D 52 21.00 6.43 -10.27
CA ALA D 52 20.31 7.33 -9.36
C ALA D 52 19.09 7.95 -9.97
N PHE D 53 19.11 8.16 -11.27
CA PHE D 53 17.93 8.61 -11.97
C PHE D 53 16.90 7.53 -12.02
N THR D 54 17.37 6.31 -12.18
CA THR D 54 16.43 5.23 -12.43
C THR D 54 15.79 4.94 -11.11
N LEU D 55 16.50 5.10 -10.00
CA LEU D 55 15.88 4.95 -8.71
C LEU D 55 14.82 6.03 -8.50
N VAL D 56 15.04 7.28 -8.95
CA VAL D 56 14.04 8.37 -8.73
C VAL D 56 12.84 8.06 -9.57
N LEU D 57 13.08 7.56 -10.78
CA LEU D 57 12.05 7.18 -11.75
C LEU D 57 11.14 6.04 -11.26
N GLN D 58 11.77 5.02 -10.70
CA GLN D 58 11.08 3.95 -10.03
C GLN D 58 10.29 4.46 -8.87
N ILE D 59 10.89 5.33 -8.02
CA ILE D 59 10.27 5.72 -6.75
C ILE D 59 9.05 6.47 -7.12
N VAL D 60 9.20 7.42 -8.03
CA VAL D 60 8.10 8.18 -8.62
C VAL D 60 6.93 7.40 -9.29
N THR D 61 7.23 6.51 -10.24
CA THR D 61 6.16 5.78 -10.91
C THR D 61 5.67 4.70 -10.02
N GLY D 62 6.52 4.23 -9.14
CA GLY D 62 6.12 3.35 -8.07
C GLY D 62 4.94 3.80 -7.26
N ILE D 63 4.79 5.13 -6.98
CA ILE D 63 3.69 5.62 -6.13
C ILE D 63 2.40 5.86 -6.85
N VAL D 64 2.48 6.38 -8.08
CA VAL D 64 1.38 6.48 -9.05
C VAL D 64 0.58 5.20 -9.10
N LEU D 65 1.34 4.13 -9.24
CA LEU D 65 0.82 2.80 -9.38
C LEU D 65 0.13 2.41 -8.08
N ALA D 66 0.60 2.93 -6.93
CA ALA D 66 0.02 2.52 -5.66
C ALA D 66 -1.30 3.20 -5.41
N MET D 67 -1.63 4.21 -6.22
CA MET D 67 -2.90 4.95 -6.14
C MET D 67 -4.05 4.29 -6.87
N HIS D 68 -3.75 3.10 -7.40
CA HIS D 68 -4.54 2.42 -8.40
C HIS D 68 -4.54 0.89 -8.25
N TYR D 69 -3.36 0.30 -7.97
CA TYR D 69 -3.19 -1.16 -7.78
C TYR D 69 -3.75 -1.59 -6.41
N THR D 70 -4.58 -2.67 -6.39
CA THR D 70 -5.15 -3.19 -5.16
C THR D 70 -4.53 -4.50 -4.69
N PRO D 71 -3.81 -4.49 -3.56
CA PRO D 71 -3.08 -5.66 -3.07
C PRO D 71 -3.91 -6.62 -2.25
N HIS D 72 -4.61 -7.43 -3.03
CA HIS D 72 -5.35 -8.58 -2.55
C HIS D 72 -5.71 -9.38 -3.72
N VAL D 73 -5.52 -10.69 -3.53
CA VAL D 73 -5.57 -11.75 -4.52
C VAL D 73 -6.74 -11.73 -5.49
N ASP D 74 -7.94 -11.44 -4.98
CA ASP D 74 -9.17 -11.41 -5.76
C ASP D 74 -9.26 -10.15 -6.62
N LEU D 75 -8.59 -9.08 -6.17
CA LEU D 75 -8.56 -7.81 -6.89
C LEU D 75 -7.32 -7.52 -7.73
N ALA D 76 -6.21 -8.09 -7.28
CA ALA D 76 -4.82 -7.77 -7.71
C ALA D 76 -4.50 -7.73 -9.20
N PHE D 77 -4.77 -8.83 -9.93
CA PHE D 77 -4.35 -8.87 -11.32
C PHE D 77 -5.32 -7.96 -12.12
N ALA D 78 -6.56 -7.89 -11.68
CA ALA D 78 -7.59 -7.07 -12.33
C ALA D 78 -7.35 -5.54 -12.17
N SER D 79 -6.80 -5.17 -11.01
CA SER D 79 -6.53 -3.78 -10.69
C SER D 79 -5.43 -3.26 -11.62
N VAL D 80 -4.27 -3.94 -11.63
CA VAL D 80 -3.19 -3.82 -12.64
C VAL D 80 -3.67 -3.74 -14.10
N GLU D 81 -4.70 -4.56 -14.36
CA GLU D 81 -5.35 -4.68 -15.66
C GLU D 81 -6.28 -3.49 -15.87
N HIS D 82 -6.81 -2.94 -14.78
CA HIS D 82 -7.67 -1.78 -14.93
C HIS D 82 -6.77 -0.56 -15.21
N ILE D 83 -5.57 -0.55 -14.62
CA ILE D 83 -4.54 0.51 -14.76
C ILE D 83 -4.12 0.61 -16.22
N MET D 84 -4.06 -0.52 -16.93
CA MET D 84 -3.74 -0.49 -18.35
C MET D 84 -4.83 0.17 -19.16
N ARG D 85 -6.07 -0.10 -18.78
CA ARG D 85 -7.16 0.27 -19.61
C ARG D 85 -7.67 1.63 -19.28
N ASP D 86 -7.98 1.87 -18.01
CA ASP D 86 -8.82 3.01 -17.65
C ASP D 86 -8.15 4.25 -17.01
N VAL D 87 -7.08 4.03 -16.24
CA VAL D 87 -6.27 5.11 -15.68
C VAL D 87 -5.63 5.93 -16.80
N ASN D 88 -5.83 7.26 -16.77
CA ASN D 88 -5.34 8.14 -17.86
C ASN D 88 -3.83 8.11 -17.85
N GLY D 89 -3.33 7.44 -18.90
CA GLY D 89 -1.91 7.24 -19.14
C GLY D 89 -1.36 6.11 -18.28
N GLY D 90 -2.27 5.27 -17.79
CA GLY D 90 -1.89 4.27 -16.84
C GLY D 90 -1.20 3.07 -17.44
N TRP D 91 -1.32 2.87 -18.75
CA TRP D 91 -0.47 1.90 -19.45
C TRP D 91 1.00 2.35 -19.55
N ALA D 92 1.19 3.65 -19.70
CA ALA D 92 2.52 4.18 -19.85
C ALA D 92 3.19 4.35 -18.52
N MET D 93 2.43 4.15 -17.44
CA MET D 93 3.03 4.15 -16.15
C MET D 93 3.51 2.77 -15.87
N ARG D 94 2.62 1.79 -16.09
CA ARG D 94 2.89 0.35 -15.87
C ARG D 94 4.04 -0.12 -16.67
N TYR D 95 4.05 0.21 -17.95
CA TYR D 95 5.14 -0.20 -18.81
C TYR D 95 6.52 0.43 -18.39
N ILE D 96 6.47 1.69 -18.00
CA ILE D 96 7.66 2.42 -17.59
C ILE D 96 8.19 1.96 -16.23
N HIS D 97 7.30 1.65 -15.29
CA HIS D 97 7.78 1.14 -14.01
C HIS D 97 8.27 -0.32 -14.18
N ALA D 98 7.75 -1.06 -15.17
CA ALA D 98 8.14 -2.47 -15.31
C ALA D 98 9.44 -2.46 -16.05
N ASN D 99 9.51 -1.87 -17.25
CA ASN D 99 10.79 -1.84 -18.00
C ASN D 99 11.96 -1.07 -17.29
N GLY D 100 11.60 -0.20 -16.35
CA GLY D 100 12.48 0.59 -15.50
C GLY D 100 13.39 -0.30 -14.75
N ALA D 101 12.82 -1.37 -14.19
CA ALA D 101 13.58 -2.26 -13.35
C ALA D 101 14.65 -3.02 -14.12
N SER D 102 14.44 -3.19 -15.44
CA SER D 102 15.48 -3.73 -16.32
C SER D 102 16.65 -2.76 -16.50
N LEU D 103 16.30 -1.52 -16.88
CA LEU D 103 17.23 -0.40 -16.98
C LEU D 103 17.99 -0.21 -15.70
N PHE D 104 17.25 -0.19 -14.60
CA PHE D 104 17.79 -0.15 -13.25
C PHE D 104 18.73 -1.21 -12.94
N PHE D 105 18.46 -2.40 -13.52
CA PHE D 105 19.35 -3.59 -13.44
C PHE D 105 20.39 -3.76 -14.55
N LEU D 106 20.10 -3.37 -15.80
CA LEU D 106 21.09 -3.42 -16.90
C LEU D 106 22.29 -2.63 -16.54
N ALA D 107 22.03 -1.47 -15.99
CA ALA D 107 23.03 -0.49 -15.87
C ALA D 107 23.73 -0.72 -14.58
N VAL D 108 23.11 -1.42 -13.64
CA VAL D 108 23.82 -1.66 -12.39
C VAL D 108 24.94 -2.66 -12.62
N TYR D 109 24.77 -3.49 -13.67
CA TYR D 109 25.77 -4.43 -14.15
C TYR D 109 27.01 -3.74 -14.84
N ILE D 110 26.82 -3.00 -15.96
CA ILE D 110 27.78 -2.00 -16.47
C ILE D 110 28.44 -1.16 -15.38
N HIS D 111 27.67 -0.70 -14.38
CA HIS D 111 28.21 -0.02 -13.21
C HIS D 111 29.16 -0.95 -12.50
N ILE D 112 28.77 -2.21 -12.36
CA ILE D 112 29.59 -3.13 -11.53
C ILE D 112 30.86 -3.61 -12.30
N PHE D 113 30.75 -3.72 -13.62
CA PHE D 113 31.94 -4.13 -14.39
C PHE D 113 32.87 -2.94 -14.74
N ARG D 114 32.35 -1.71 -14.66
CA ARG D 114 33.24 -0.55 -14.72
C ARG D 114 34.04 -0.59 -13.46
N GLY D 115 33.38 -0.65 -12.31
CA GLY D 115 34.06 -0.87 -11.05
C GLY D 115 34.97 -2.13 -10.91
N LEU D 116 34.68 -3.17 -11.68
CA LEU D 116 35.49 -4.37 -11.50
C LEU D 116 36.86 -4.29 -12.20
N TYR D 117 36.87 -3.76 -13.43
CA TYR D 117 38.10 -3.39 -14.19
C TYR D 117 39.06 -2.49 -13.40
N TYR D 118 38.61 -1.25 -13.14
CA TYR D 118 39.41 -0.16 -12.62
C TYR D 118 39.62 -0.04 -11.12
N GLY D 119 39.64 -1.13 -10.38
CA GLY D 119 40.21 -1.13 -9.02
C GLY D 119 39.45 -0.35 -7.99
N SER D 120 38.19 -0.09 -8.36
CA SER D 120 37.30 0.78 -7.67
C SER D 120 36.78 0.11 -6.42
N TYR D 121 37.04 -1.18 -6.25
CA TYR D 121 36.77 -1.86 -4.99
C TYR D 121 37.93 -1.63 -4.06
N LYS D 122 39.07 -1.28 -4.62
CA LYS D 122 40.31 -1.43 -3.87
C LYS D 122 40.69 -0.10 -3.37
N ALA D 123 41.00 -0.06 -2.06
CA ALA D 123 41.52 1.08 -1.27
C ALA D 123 42.13 2.29 -1.98
N PRO D 124 41.77 3.52 -1.56
CA PRO D 124 40.69 3.81 -0.60
C PRO D 124 39.35 3.83 -1.32
N ARG D 125 38.50 2.84 -1.05
CA ARG D 125 37.27 2.57 -1.81
C ARG D 125 36.52 1.35 -1.31
N GLU D 126 36.88 0.88 -0.12
CA GLU D 126 36.34 -0.39 0.37
C GLU D 126 34.92 -0.30 0.86
N ILE D 127 34.63 0.88 1.43
CA ILE D 127 33.36 1.14 2.10
C ILE D 127 32.36 1.62 1.07
N THR D 128 32.89 2.28 0.01
CA THR D 128 32.15 2.67 -1.18
C THR D 128 31.52 1.44 -1.79
N TRP D 129 32.39 0.44 -2.04
CA TRP D 129 32.06 -0.93 -2.50
C TRP D 129 31.06 -1.74 -1.69
N ILE D 130 31.41 -2.09 -0.45
CA ILE D 130 30.52 -2.76 0.50
C ILE D 130 29.10 -2.11 0.69
N VAL D 131 29.01 -0.77 0.60
CA VAL D 131 27.69 -0.18 0.77
C VAL D 131 26.90 -0.47 -0.49
N GLY D 132 27.57 -0.51 -1.66
CA GLY D 132 26.95 -0.90 -2.91
C GLY D 132 26.42 -2.31 -2.90
N MET D 133 26.97 -3.17 -2.05
CA MET D 133 26.56 -4.56 -1.92
C MET D 133 25.20 -4.66 -1.30
N VAL D 134 24.96 -3.83 -0.30
CA VAL D 134 23.75 -4.02 0.42
C VAL D 134 22.67 -3.30 -0.40
N ILE D 135 23.05 -2.25 -1.16
CA ILE D 135 22.18 -1.63 -2.19
C ILE D 135 21.79 -2.62 -3.28
N TYR D 136 22.71 -3.50 -3.61
CA TYR D 136 22.43 -4.56 -4.57
C TYR D 136 21.46 -5.61 -4.11
N LEU D 137 21.72 -6.18 -2.93
CA LEU D 137 20.84 -7.10 -2.23
C LEU D 137 19.43 -6.61 -2.14
N LEU D 138 19.34 -5.34 -1.72
CA LEU D 138 18.08 -4.65 -1.56
C LEU D 138 17.37 -4.41 -2.86
N MET D 139 18.01 -3.81 -3.85
CA MET D 139 17.48 -3.78 -5.21
C MET D 139 16.96 -5.11 -5.84
N MET D 140 17.53 -6.24 -5.43
CA MET D 140 17.15 -7.51 -5.99
C MET D 140 15.87 -7.99 -5.32
N GLY D 141 15.93 -8.00 -3.99
CA GLY D 141 14.79 -8.34 -3.15
C GLY D 141 13.58 -7.45 -3.37
N THR D 142 13.82 -6.17 -3.62
CA THR D 142 12.80 -5.21 -3.99
C THR D 142 12.14 -5.54 -5.32
N ALA D 143 12.95 -5.88 -6.34
CA ALA D 143 12.42 -6.17 -7.69
C ALA D 143 11.73 -7.53 -7.76
N PHE D 144 12.05 -8.34 -6.77
CA PHE D 144 11.37 -9.60 -6.52
C PHE D 144 9.97 -9.32 -6.10
N MET D 145 9.84 -8.57 -5.00
CA MET D 145 8.54 -8.28 -4.42
C MET D 145 7.62 -7.49 -5.35
N GLY D 146 8.20 -6.67 -6.20
CA GLY D 146 7.46 -5.97 -7.21
C GLY D 146 6.85 -6.86 -8.23
N TYR D 147 7.56 -7.93 -8.60
CA TYR D 147 7.04 -8.92 -9.57
C TYR D 147 5.95 -9.85 -9.04
N VAL D 148 5.98 -10.15 -7.74
CA VAL D 148 4.88 -10.85 -7.08
C VAL D 148 3.49 -10.13 -7.18
N LEU D 149 3.49 -8.80 -7.27
CA LEU D 149 2.31 -7.98 -7.10
C LEU D 149 1.20 -8.23 -8.12
N PRO D 150 1.47 -8.27 -9.47
CA PRO D 150 0.26 -8.41 -10.29
C PRO D 150 -0.29 -9.84 -10.43
N TRP D 151 0.13 -10.77 -9.55
CA TRP D 151 -0.37 -12.16 -9.29
C TRP D 151 -0.69 -12.91 -10.53
N GLY D 152 0.29 -12.97 -11.42
CA GLY D 152 0.18 -13.68 -12.67
C GLY D 152 0.97 -14.92 -12.39
N GLN D 153 1.21 -15.80 -13.36
CA GLN D 153 1.82 -17.10 -13.01
C GLN D 153 3.31 -17.00 -12.71
N MET D 154 3.97 -16.03 -13.33
CA MET D 154 5.36 -15.81 -13.05
C MET D 154 5.49 -15.25 -11.64
N SER D 155 4.50 -14.42 -11.27
CA SER D 155 4.43 -13.78 -9.95
C SER D 155 4.31 -14.78 -8.84
N PHE D 156 3.45 -15.74 -9.13
CA PHE D 156 3.02 -16.66 -8.12
C PHE D 156 4.08 -17.66 -7.80
N TRP D 157 4.71 -18.13 -8.86
CA TRP D 157 5.52 -19.28 -8.67
C TRP D 157 6.92 -18.86 -8.17
N GLY D 158 7.40 -17.70 -8.64
CA GLY D 158 8.60 -17.09 -8.11
C GLY D 158 8.50 -16.86 -6.60
N ALA D 159 7.30 -16.51 -6.14
CA ALA D 159 7.10 -16.38 -4.71
C ALA D 159 7.12 -17.74 -3.98
N THR D 160 6.76 -18.82 -4.68
CA THR D 160 6.75 -20.16 -4.07
C THR D 160 8.18 -20.70 -4.07
N VAL D 161 8.89 -20.42 -5.15
CA VAL D 161 10.30 -20.76 -5.30
C VAL D 161 11.17 -20.08 -4.22
N ILE D 162 11.08 -18.71 -4.14
CA ILE D 162 12.12 -17.81 -3.56
C ILE D 162 11.88 -17.66 -2.10
N THR D 163 10.65 -17.79 -1.69
CA THR D 163 10.43 -18.03 -0.27
C THR D 163 10.96 -19.41 0.17
N GLY D 164 10.81 -20.40 -0.73
CA GLY D 164 11.17 -21.78 -0.50
C GLY D 164 12.67 -21.97 -0.38
N LEU D 165 13.43 -21.08 -1.04
CA LEU D 165 14.88 -20.93 -0.87
C LEU D 165 15.33 -20.82 0.55
N PHE D 166 14.52 -20.20 1.41
CA PHE D 166 14.85 -19.97 2.82
C PHE D 166 14.52 -21.21 3.62
N GLY D 167 13.72 -22.05 3.00
CA GLY D 167 13.37 -23.35 3.59
C GLY D 167 14.48 -24.35 3.46
N ALA D 168 15.42 -24.04 2.57
CA ALA D 168 16.60 -24.84 2.32
C ALA D 168 17.57 -24.81 3.49
N ILE D 169 17.52 -23.73 4.27
CA ILE D 169 18.23 -23.68 5.54
C ILE D 169 17.75 -24.82 6.46
N PRO D 170 18.70 -25.57 7.02
CA PRO D 170 18.37 -26.70 7.87
C PRO D 170 17.90 -26.22 9.26
N GLY D 171 17.03 -27.00 9.89
CA GLY D 171 16.59 -26.71 11.24
C GLY D 171 15.65 -25.53 11.34
N ILE D 172 16.23 -24.34 11.28
CA ILE D 172 15.46 -23.13 11.52
C ILE D 172 14.76 -22.69 10.23
N GLY D 173 15.35 -23.01 9.08
CA GLY D 173 14.76 -22.74 7.78
C GLY D 173 13.32 -22.99 7.37
N PRO D 174 12.65 -24.07 7.86
CA PRO D 174 11.19 -24.18 7.68
C PRO D 174 10.33 -23.10 8.37
N SER D 175 10.87 -22.49 9.42
CA SER D 175 10.14 -21.54 10.22
C SER D 175 10.17 -20.19 9.50
N ILE D 176 11.37 -19.88 9.00
CA ILE D 176 11.66 -18.68 8.22
C ILE D 176 10.79 -18.61 6.96
N GLN D 177 10.49 -19.79 6.41
CA GLN D 177 9.48 -19.98 5.37
C GLN D 177 8.07 -19.44 5.71
N ALA D 178 7.43 -20.01 6.71
CA ALA D 178 6.07 -19.66 7.06
C ALA D 178 5.99 -18.29 7.70
N TRP D 179 7.14 -17.83 8.18
CA TRP D 179 7.28 -16.43 8.55
C TRP D 179 7.16 -15.46 7.36
N LEU D 180 8.01 -15.57 6.33
CA LEU D 180 7.77 -14.82 5.06
C LEU D 180 6.48 -15.17 4.37
N LEU D 181 5.96 -16.37 4.59
CA LEU D 181 4.77 -16.77 3.86
C LEU D 181 3.55 -16.24 4.55
N GLY D 182 3.59 -16.18 5.87
CA GLY D 182 2.39 -15.95 6.62
C GLY D 182 1.55 -17.20 6.64
N GLY D 183 2.28 -18.32 6.69
CA GLY D 183 1.70 -19.65 6.87
C GLY D 183 2.11 -20.80 5.95
N PRO D 184 1.27 -21.84 5.83
CA PRO D 184 1.37 -22.99 4.94
C PRO D 184 1.83 -22.72 3.50
N ALA D 185 1.11 -21.84 2.81
CA ALA D 185 1.32 -21.69 1.37
C ALA D 185 1.56 -20.24 1.02
N VAL D 186 1.60 -19.93 -0.27
CA VAL D 186 1.71 -18.57 -0.80
C VAL D 186 0.32 -18.08 -1.07
N ASP D 187 -0.45 -17.83 -0.02
CA ASP D 187 -1.80 -17.29 -0.24
C ASP D 187 -1.81 -15.74 -0.33
N ASN D 188 -2.59 -15.08 0.53
CA ASN D 188 -2.86 -13.66 0.35
C ASN D 188 -2.05 -12.84 1.31
N ALA D 189 -1.96 -13.33 2.56
CA ALA D 189 -1.06 -12.80 3.63
C ALA D 189 0.41 -12.49 3.19
N THR D 190 0.86 -13.28 2.21
CA THR D 190 2.05 -13.07 1.42
C THR D 190 1.92 -11.86 0.51
N LEU D 191 0.88 -11.76 -0.32
CA LEU D 191 0.73 -10.59 -1.21
C LEU D 191 0.36 -9.23 -0.50
N ASN D 192 -0.18 -9.29 0.71
CA ASN D 192 -0.40 -8.07 1.49
C ASN D 192 0.93 -7.61 2.10
N ARG D 193 1.65 -8.48 2.78
CA ARG D 193 3.04 -8.18 3.18
C ARG D 193 4.02 -7.86 2.03
N PHE D 194 3.80 -8.38 0.83
CA PHE D 194 4.72 -8.01 -0.26
C PHE D 194 4.27 -6.72 -0.91
N PHE D 195 3.15 -6.15 -0.52
CA PHE D 195 2.88 -4.82 -1.01
C PHE D 195 3.61 -3.84 -0.19
N SER D 196 3.53 -4.06 1.11
CA SER D 196 4.16 -3.23 2.15
C SER D 196 5.69 -3.03 1.93
N LEU D 197 6.44 -4.14 1.85
CA LEU D 197 7.90 -4.10 1.76
C LEU D 197 8.39 -3.73 0.37
N HIS D 198 7.60 -3.89 -0.70
CA HIS D 198 8.02 -3.32 -1.99
C HIS D 198 7.82 -1.78 -2.01
N TYR D 199 7.12 -1.24 -1.02
CA TYR D 199 7.03 0.19 -0.86
C TYR D 199 8.17 0.74 0.03
N LEU D 200 8.39 0.14 1.21
CA LEU D 200 9.40 0.57 2.17
C LEU D 200 10.82 0.51 1.69
N LEU D 201 11.21 -0.63 1.14
CA LEU D 201 12.61 -0.91 0.77
C LEU D 201 13.23 0.04 -0.22
N PRO D 202 12.46 0.57 -1.24
CA PRO D 202 13.19 1.57 -2.05
C PRO D 202 13.53 2.97 -1.40
N PHE D 203 13.03 3.15 -0.19
CA PHE D 203 13.36 4.31 0.59
C PHE D 203 14.59 4.06 1.40
N VAL D 204 14.75 2.81 1.81
CA VAL D 204 15.95 2.42 2.48
C VAL D 204 17.07 2.51 1.43
N ILE D 205 16.72 2.19 0.18
CA ILE D 205 17.68 2.24 -0.90
C ILE D 205 18.08 3.67 -1.20
N ALA D 206 17.17 4.61 -1.09
CA ALA D 206 17.59 6.00 -1.31
C ALA D 206 18.44 6.52 -0.16
N ALA D 207 18.18 6.02 1.05
CA ALA D 207 19.01 6.36 2.19
C ALA D 207 20.39 5.70 2.12
N LEU D 208 20.55 4.68 1.31
CA LEU D 208 21.88 4.12 1.23
C LEU D 208 22.64 4.66 0.05
N VAL D 209 21.99 5.32 -0.89
CA VAL D 209 22.73 6.02 -1.92
C VAL D 209 23.23 7.39 -1.33
N ALA D 210 22.60 7.81 -0.22
CA ALA D 210 23.13 8.90 0.62
C ALA D 210 24.52 8.51 1.10
N ILE D 211 24.58 7.42 1.87
CA ILE D 211 25.84 6.86 2.36
C ILE D 211 26.77 6.29 1.20
N HIS D 212 26.31 6.23 -0.05
CA HIS D 212 27.15 5.84 -1.20
C HIS D 212 27.80 7.08 -1.84
N ILE D 213 27.00 8.17 -1.91
CA ILE D 213 27.46 9.45 -2.49
C ILE D 213 28.41 10.03 -1.44
N TRP D 214 28.11 9.75 -0.16
CA TRP D 214 28.91 10.21 0.96
C TRP D 214 30.29 9.67 0.94
N ALA D 215 30.36 8.33 0.89
CA ALA D 215 31.59 7.56 0.71
C ALA D 215 32.40 7.89 -0.51
N PHE D 216 31.85 8.00 -1.73
CA PHE D 216 32.76 8.25 -2.86
C PHE D 216 33.23 9.69 -2.91
N HIS D 217 32.56 10.57 -2.19
CA HIS D 217 33.10 11.92 -2.05
C HIS D 217 34.30 11.80 -1.10
N THR D 218 34.14 11.12 0.04
CA THR D 218 35.15 11.04 1.12
C THR D 218 36.45 10.38 0.67
N THR D 219 36.36 9.40 -0.20
CA THR D 219 37.58 8.74 -0.71
C THR D 219 38.23 9.63 -1.69
N GLY D 220 37.37 10.40 -2.35
CA GLY D 220 37.78 11.21 -3.46
C GLY D 220 37.40 10.39 -4.65
N ASN D 221 37.07 11.05 -5.73
CA ASN D 221 36.53 10.29 -6.83
C ASN D 221 37.72 9.63 -7.53
N ASN D 222 37.55 8.34 -7.91
CA ASN D 222 38.51 7.55 -8.70
C ASN D 222 38.54 7.85 -10.20
N ASN D 223 39.69 7.54 -10.78
CA ASN D 223 39.99 7.85 -12.13
C ASN D 223 40.53 6.54 -12.84
N PRO D 224 40.55 6.55 -14.20
CA PRO D 224 41.00 5.33 -14.88
C PRO D 224 42.49 5.02 -14.92
N THR D 225 43.37 5.82 -14.29
CA THR D 225 44.82 5.54 -14.23
C THR D 225 45.01 4.71 -13.00
N GLY D 226 44.04 4.88 -12.09
CA GLY D 226 44.00 4.28 -10.78
C GLY D 226 44.98 4.94 -9.85
N VAL D 227 45.41 6.16 -10.20
CA VAL D 227 46.30 6.89 -9.32
C VAL D 227 45.50 8.00 -8.60
N GLU D 228 45.94 8.36 -7.40
CA GLU D 228 45.13 9.26 -6.62
C GLU D 228 45.46 10.67 -7.00
N VAL D 229 44.67 11.60 -6.47
CA VAL D 229 44.49 12.86 -7.15
C VAL D 229 45.16 14.03 -6.44
N ARG D 230 46.51 14.04 -6.43
CA ARG D 230 47.42 15.02 -5.80
C ARG D 230 46.92 15.87 -4.62
N ARG D 231 46.98 15.25 -3.44
CA ARG D 231 46.47 15.84 -2.23
C ARG D 231 47.65 16.37 -1.40
N THR D 232 48.50 17.17 -2.07
CA THR D 232 49.74 17.75 -1.51
C THR D 232 49.76 19.30 -1.58
N SER D 233 49.76 19.85 -2.79
CA SER D 233 49.49 21.28 -2.97
C SER D 233 48.01 21.47 -3.32
N LYS D 234 47.66 22.68 -3.73
CA LYS D 234 46.28 22.99 -4.13
C LYS D 234 46.15 23.28 -5.63
N ALA D 235 47.26 23.66 -6.26
CA ALA D 235 47.23 24.09 -7.64
C ALA D 235 47.61 22.97 -8.57
N ASP D 236 48.15 21.88 -8.00
CA ASP D 236 48.46 20.65 -8.76
C ASP D 236 47.20 19.74 -8.81
N ALA D 237 46.38 19.83 -7.76
CA ALA D 237 45.04 19.30 -7.76
C ALA D 237 44.22 20.00 -8.83
N GLU D 238 44.49 21.26 -9.12
CA GLU D 238 43.77 21.98 -10.19
C GLU D 238 44.10 21.49 -11.58
N LYS D 239 45.26 20.85 -11.71
CA LYS D 239 45.65 20.33 -12.98
C LYS D 239 45.13 18.91 -13.11
N ASP D 240 44.82 18.35 -11.95
CA ASP D 240 44.36 16.97 -11.83
C ASP D 240 42.86 16.82 -11.97
N THR D 241 42.13 17.79 -11.41
CA THR D 241 40.70 17.73 -11.32
C THR D 241 40.01 18.88 -12.02
N LEU D 242 38.70 18.74 -12.21
CA LEU D 242 37.80 19.83 -12.53
C LEU D 242 36.62 19.79 -11.51
N PRO D 243 35.75 20.84 -11.48
CA PRO D 243 34.58 20.63 -10.62
C PRO D 243 33.52 19.80 -11.33
N PHE D 244 32.70 19.02 -10.60
CA PHE D 244 31.54 18.29 -11.13
C PHE D 244 30.75 19.29 -11.96
N TRP D 245 30.10 20.20 -11.26
CA TRP D 245 29.37 21.24 -11.95
C TRP D 245 30.37 22.29 -12.41
N PRO D 246 30.32 22.68 -13.70
CA PRO D 246 29.46 22.29 -14.82
C PRO D 246 30.11 21.45 -15.86
N TYR D 247 30.89 20.48 -15.44
CA TYR D 247 31.63 19.71 -16.44
C TYR D 247 31.13 18.25 -16.40
N PHE D 248 31.00 17.73 -15.20
CA PHE D 248 30.70 16.32 -15.00
C PHE D 248 29.27 16.14 -14.59
N VAL D 249 28.63 17.23 -14.18
CA VAL D 249 27.20 17.22 -14.14
C VAL D 249 26.73 17.08 -15.57
N ILE D 250 27.28 17.86 -16.50
CA ILE D 250 26.72 17.98 -17.85
C ILE D 250 26.94 16.72 -18.69
N LYS D 251 28.05 16.03 -18.42
CA LYS D 251 28.38 14.76 -19.07
C LYS D 251 27.42 13.65 -18.65
N ASP D 252 27.26 13.49 -17.34
CA ASP D 252 26.27 12.60 -16.75
C ASP D 252 24.77 12.92 -17.13
N LEU D 253 24.51 14.19 -17.46
CA LEU D 253 23.21 14.60 -17.97
C LEU D 253 23.07 14.03 -19.37
N PHE D 254 24.08 14.23 -20.19
CA PHE D 254 24.03 13.93 -21.62
C PHE D 254 23.75 12.48 -21.93
N ALA D 255 24.54 11.63 -21.28
CA ALA D 255 24.49 10.21 -21.47
C ALA D 255 23.17 9.70 -20.95
N LEU D 256 22.68 10.32 -19.87
CA LEU D 256 21.34 10.01 -19.35
C LEU D 256 20.28 10.34 -20.35
N ALA D 257 20.37 11.50 -21.00
CA ALA D 257 19.43 11.87 -22.04
C ALA D 257 19.52 10.93 -23.23
N LEU D 258 20.69 10.37 -23.46
CA LEU D 258 20.83 9.26 -24.43
C LEU D 258 20.25 7.89 -23.95
N VAL D 259 20.59 7.50 -22.72
CA VAL D 259 20.10 6.29 -22.06
C VAL D 259 18.57 6.36 -21.98
N LEU D 260 18.05 7.57 -21.71
CA LEU D 260 16.61 7.75 -21.68
C LEU D 260 16.01 7.81 -23.04
N LEU D 261 16.78 8.21 -24.05
CA LEU D 261 16.30 8.24 -25.44
C LEU D 261 16.08 6.83 -25.89
N GLY D 262 17.02 6.01 -25.42
CA GLY D 262 16.98 4.59 -25.59
C GLY D 262 15.78 3.99 -24.93
N PHE D 263 15.72 4.12 -23.59
CA PHE D 263 14.66 3.57 -22.72
C PHE D 263 13.22 3.97 -23.10
N PHE D 264 13.07 5.08 -23.79
CA PHE D 264 11.74 5.49 -24.09
C PHE D 264 11.27 4.79 -25.33
N ALA D 265 12.17 4.58 -26.27
CA ALA D 265 11.86 3.78 -27.45
C ALA D 265 11.54 2.31 -27.13
N VAL D 266 12.18 1.78 -26.08
CA VAL D 266 11.91 0.42 -25.62
C VAL D 266 10.50 0.30 -25.05
N VAL D 267 10.06 1.29 -24.25
CA VAL D 267 8.72 1.24 -23.67
C VAL D 267 7.76 1.44 -24.80
N ALA D 268 7.95 2.47 -25.63
CA ALA D 268 6.99 2.78 -26.68
C ALA D 268 6.78 1.65 -27.75
N TYR D 269 7.82 0.89 -28.08
CA TYR D 269 7.71 -0.01 -29.21
C TYR D 269 8.05 -1.49 -28.94
N MET D 270 8.53 -1.84 -27.76
CA MET D 270 8.60 -3.24 -27.37
C MET D 270 8.57 -3.46 -25.86
N PRO D 271 7.39 -3.28 -25.26
CA PRO D 271 7.37 -3.19 -23.79
C PRO D 271 7.19 -4.50 -23.03
N ASN D 272 6.91 -5.60 -23.75
CA ASN D 272 6.79 -6.90 -23.11
C ASN D 272 7.85 -7.87 -23.57
N TYR D 273 8.94 -7.33 -24.14
CA TYR D 273 10.06 -8.13 -24.63
C TYR D 273 10.70 -8.83 -23.47
N LEU D 274 11.04 -8.03 -22.47
CA LEU D 274 11.74 -8.59 -21.35
C LEU D 274 10.80 -9.40 -20.46
N GLY D 275 9.51 -9.02 -20.43
CA GLY D 275 8.49 -9.68 -19.63
C GLY D 275 8.02 -11.02 -20.16
N HIS D 276 7.97 -12.01 -19.28
CA HIS D 276 7.72 -13.38 -19.72
C HIS D 276 6.23 -13.70 -19.66
N PRO D 277 5.53 -13.71 -20.84
CA PRO D 277 4.10 -13.52 -21.07
C PRO D 277 3.15 -14.29 -20.19
N ASP D 278 3.63 -15.36 -19.57
CA ASP D 278 2.86 -16.08 -18.57
C ASP D 278 2.53 -15.33 -17.27
N ASN D 279 2.95 -14.07 -17.13
CA ASN D 279 2.48 -13.23 -16.06
C ASN D 279 1.12 -12.66 -16.44
N TYR D 280 0.81 -12.57 -17.73
CA TYR D 280 -0.59 -12.32 -18.18
C TYR D 280 -1.53 -13.56 -18.13
N VAL D 281 -1.14 -14.54 -17.37
CA VAL D 281 -1.84 -15.76 -17.17
C VAL D 281 -2.05 -15.70 -15.69
N GLN D 282 -3.30 -15.51 -15.30
CA GLN D 282 -3.67 -15.29 -13.90
C GLN D 282 -3.24 -16.47 -13.08
N ALA D 283 -2.68 -16.21 -11.91
CA ALA D 283 -1.97 -17.19 -11.12
C ALA D 283 -2.79 -18.37 -10.69
N ASN D 284 -2.34 -19.55 -11.12
CA ASN D 284 -2.96 -20.82 -10.83
C ASN D 284 -2.05 -21.50 -9.84
N PRO D 285 -2.56 -21.81 -8.61
CA PRO D 285 -1.81 -22.51 -7.56
C PRO D 285 -1.69 -24.01 -7.74
N LEU D 286 -2.20 -24.50 -8.88
CA LEU D 286 -2.26 -25.90 -9.19
C LEU D 286 -1.37 -26.20 -10.40
N SER D 287 -1.26 -25.27 -11.36
CA SER D 287 -0.32 -25.47 -12.48
C SER D 287 0.84 -24.47 -12.51
N THR D 288 2.05 -24.94 -12.26
CA THR D 288 3.29 -24.27 -12.61
C THR D 288 3.53 -24.40 -14.09
N PRO D 289 3.67 -23.31 -14.85
CA PRO D 289 3.68 -23.30 -16.32
C PRO D 289 4.75 -24.11 -16.96
N ALA D 290 4.67 -24.28 -18.28
CA ALA D 290 5.62 -25.17 -18.93
C ALA D 290 6.96 -24.49 -19.05
N HIS D 291 6.91 -23.19 -19.35
CA HIS D 291 8.12 -22.45 -19.65
C HIS D 291 8.48 -21.39 -18.62
N ILE D 292 8.47 -21.76 -17.34
CA ILE D 292 8.78 -20.85 -16.23
C ILE D 292 10.28 -20.42 -16.22
N VAL D 293 10.55 -19.33 -16.94
CA VAL D 293 11.85 -18.61 -16.86
C VAL D 293 11.80 -17.46 -15.85
N PRO D 294 12.80 -17.38 -14.96
CA PRO D 294 13.04 -16.22 -14.13
C PRO D 294 13.32 -15.04 -14.98
N GLU D 295 13.08 -13.85 -14.41
N GLU D 295 13.10 -13.86 -14.41
CA GLU D 295 13.25 -12.57 -15.10
CA GLU D 295 13.17 -12.65 -15.18
C GLU D 295 14.71 -12.40 -15.37
C GLU D 295 14.66 -12.32 -15.34
N TRP D 296 15.02 -11.83 -16.55
CA TRP D 296 16.40 -11.80 -17.12
C TRP D 296 17.55 -11.42 -16.17
N TYR D 297 17.34 -10.45 -15.28
CA TYR D 297 18.41 -9.90 -14.44
C TYR D 297 18.67 -10.80 -13.22
N PHE D 298 18.04 -11.95 -13.17
CA PHE D 298 18.18 -12.90 -12.09
C PHE D 298 18.70 -14.16 -12.68
N LEU D 299 18.67 -14.22 -14.03
CA LEU D 299 19.10 -15.40 -14.81
C LEU D 299 20.55 -15.93 -14.60
N PRO D 300 21.61 -15.06 -14.50
CA PRO D 300 22.89 -15.70 -14.29
C PRO D 300 23.05 -16.24 -12.89
N PHE D 301 22.38 -15.75 -11.89
CA PHE D 301 22.48 -16.36 -10.57
C PHE D 301 21.51 -17.48 -10.45
N TYR D 302 20.55 -17.54 -11.38
CA TYR D 302 19.56 -18.62 -11.50
C TYR D 302 20.31 -19.89 -11.79
N ALA D 303 21.15 -19.76 -12.81
CA ALA D 303 21.97 -20.81 -13.35
C ALA D 303 22.96 -21.37 -12.33
N ILE D 304 23.57 -20.54 -11.50
CA ILE D 304 24.46 -20.98 -10.39
C ILE D 304 23.72 -21.86 -9.39
N LEU D 305 22.41 -21.69 -9.26
CA LEU D 305 21.66 -22.56 -8.36
C LEU D 305 21.44 -23.99 -9.00
N ARG D 306 21.14 -23.98 -10.29
CA ARG D 306 20.94 -25.22 -10.97
C ARG D 306 22.16 -25.58 -11.83
N ALA D 307 23.35 -25.20 -11.40
CA ALA D 307 24.52 -25.89 -11.93
C ALA D 307 24.61 -27.14 -11.11
N PHE D 308 24.47 -26.96 -9.81
CA PHE D 308 24.91 -27.96 -8.86
C PHE D 308 23.76 -28.91 -8.48
N ALA D 309 23.45 -29.86 -9.38
CA ALA D 309 22.57 -31.00 -9.05
C ALA D 309 23.41 -32.00 -8.28
N ALA D 310 22.81 -33.10 -7.79
CA ALA D 310 23.64 -34.02 -6.98
C ALA D 310 24.43 -35.04 -7.83
N ASP D 311 24.56 -34.79 -9.14
CA ASP D 311 25.49 -35.51 -9.98
C ASP D 311 26.84 -34.86 -9.97
N VAL D 312 26.85 -33.55 -9.66
CA VAL D 312 28.04 -32.66 -9.69
C VAL D 312 28.94 -33.05 -8.51
N TRP D 313 30.18 -33.51 -8.78
CA TRP D 313 30.96 -34.33 -7.82
C TRP D 313 31.23 -33.66 -6.47
N VAL D 314 31.57 -32.38 -6.58
CA VAL D 314 31.73 -31.45 -5.47
C VAL D 314 30.50 -31.38 -4.53
N VAL D 315 29.29 -31.55 -5.09
CA VAL D 315 28.07 -31.65 -4.25
C VAL D 315 28.06 -32.95 -3.48
N ILE D 316 28.41 -34.03 -4.19
CA ILE D 316 28.31 -35.41 -3.69
C ILE D 316 29.26 -35.63 -2.56
N LEU D 317 30.37 -34.93 -2.72
CA LEU D 317 31.41 -34.77 -1.75
C LEU D 317 30.97 -34.17 -0.41
N VAL D 318 30.10 -33.21 -0.52
CA VAL D 318 29.85 -32.32 0.58
C VAL D 318 28.62 -32.83 1.29
N ASP D 319 27.75 -33.44 0.47
CA ASP D 319 26.65 -34.29 0.91
C ASP D 319 27.30 -35.50 1.54
N GLY D 320 28.43 -35.91 0.96
CA GLY D 320 29.24 -36.94 1.56
C GLY D 320 29.77 -36.53 2.91
N LEU D 321 30.43 -35.38 2.98
CA LEU D 321 31.24 -35.07 4.14
C LEU D 321 30.35 -34.67 5.33
N THR D 322 29.26 -33.96 5.05
CA THR D 322 28.31 -33.60 6.10
C THR D 322 27.43 -34.77 6.47
N PHE D 323 27.43 -35.76 5.58
CA PHE D 323 26.66 -36.99 5.68
C PHE D 323 25.16 -36.63 5.82
N GLY D 324 24.65 -36.01 4.76
CA GLY D 324 23.23 -35.74 4.62
C GLY D 324 22.70 -34.31 4.51
N ILE D 325 23.51 -33.30 4.83
CA ILE D 325 22.90 -31.99 5.08
C ILE D 325 23.08 -31.03 3.91
N VAL D 326 24.25 -31.01 3.30
CA VAL D 326 24.38 -30.11 2.17
C VAL D 326 24.14 -30.89 0.87
N ASP D 327 22.94 -31.45 0.73
CA ASP D 327 22.49 -31.96 -0.55
C ASP D 327 22.32 -30.85 -1.55
N ALA D 328 22.20 -31.20 -2.82
CA ALA D 328 22.12 -30.25 -3.93
C ALA D 328 20.95 -29.24 -3.95
N LYS D 329 19.95 -29.39 -3.06
CA LYS D 329 18.98 -28.31 -2.73
C LYS D 329 19.81 -27.23 -2.14
N PHE D 330 20.13 -27.43 -0.85
CA PHE D 330 20.80 -26.45 -0.01
C PHE D 330 22.17 -25.99 -0.48
N PHE D 331 22.92 -26.92 -1.06
CA PHE D 331 24.20 -26.67 -1.69
C PHE D 331 24.07 -25.61 -2.74
N GLY D 332 23.08 -25.72 -3.63
CA GLY D 332 22.94 -24.79 -4.73
C GLY D 332 22.42 -23.42 -4.29
N VAL D 333 21.79 -23.42 -3.12
CA VAL D 333 21.42 -22.21 -2.46
C VAL D 333 22.71 -21.46 -2.04
N ILE D 334 23.46 -22.10 -1.13
CA ILE D 334 24.77 -21.72 -0.65
C ILE D 334 25.68 -21.32 -1.81
N ALA D 335 25.67 -22.11 -2.88
CA ALA D 335 26.39 -21.78 -4.12
C ALA D 335 26.00 -20.47 -4.71
N MET D 336 24.73 -20.12 -4.65
CA MET D 336 24.25 -18.94 -5.38
C MET D 336 24.34 -17.63 -4.55
N PHE D 337 23.86 -17.74 -3.32
CA PHE D 337 24.07 -16.76 -2.26
C PHE D 337 25.57 -16.50 -2.15
N GLY D 338 26.36 -17.53 -1.98
CA GLY D 338 27.80 -17.36 -1.97
C GLY D 338 28.49 -16.97 -3.26
N ALA D 339 27.77 -16.87 -4.37
CA ALA D 339 28.41 -16.50 -5.62
C ALA D 339 28.54 -15.06 -5.62
N ILE D 340 27.62 -14.43 -4.88
CA ILE D 340 27.56 -12.99 -4.56
C ILE D 340 28.55 -12.62 -3.51
N ALA D 341 28.57 -13.38 -2.41
CA ALA D 341 29.50 -13.16 -1.30
C ALA D 341 31.00 -13.13 -1.69
N VAL D 342 31.39 -13.88 -2.71
CA VAL D 342 32.76 -13.78 -3.22
C VAL D 342 32.90 -12.57 -4.18
N MET D 343 31.89 -11.75 -4.34
CA MET D 343 32.03 -10.56 -5.18
C MET D 343 32.03 -9.35 -4.20
N ALA D 344 31.52 -9.61 -3.00
CA ALA D 344 31.56 -8.67 -1.90
C ALA D 344 32.97 -8.67 -1.41
N LEU D 345 33.56 -9.86 -1.43
CA LEU D 345 34.87 -10.12 -0.87
C LEU D 345 36.04 -9.53 -1.74
N ALA D 346 35.72 -9.11 -2.97
CA ALA D 346 36.65 -8.50 -3.95
C ALA D 346 37.79 -7.47 -3.58
N PRO D 347 37.59 -6.61 -2.56
CA PRO D 347 38.79 -5.82 -2.24
C PRO D 347 39.84 -6.57 -1.40
N TRP D 348 39.45 -7.65 -0.72
CA TRP D 348 40.35 -8.37 0.18
C TRP D 348 41.12 -9.47 -0.59
N LEU D 349 40.62 -9.77 -1.78
CA LEU D 349 41.16 -10.87 -2.54
C LEU D 349 41.81 -10.34 -3.81
N ASP D 350 41.86 -9.02 -4.00
CA ASP D 350 42.87 -8.51 -4.90
C ASP D 350 44.00 -8.19 -3.97
N THR D 351 45.16 -8.70 -4.39
CA THR D 351 46.38 -8.72 -3.61
C THR D 351 47.32 -7.72 -4.24
N SER D 352 47.20 -7.59 -5.56
CA SER D 352 47.92 -6.60 -6.36
C SER D 352 47.66 -5.14 -5.93
N LYS D 353 48.71 -4.34 -5.95
CA LYS D 353 48.65 -2.99 -5.50
C LYS D 353 48.78 -2.10 -6.70
N VAL D 354 48.69 -2.66 -7.89
CA VAL D 354 48.21 -1.87 -9.01
C VAL D 354 46.76 -1.64 -8.62
N ARG D 355 46.27 -0.41 -8.70
CA ARG D 355 44.84 -0.20 -8.51
C ARG D 355 44.14 -0.63 -9.77
N SER D 356 44.37 0.13 -10.84
CA SER D 356 43.56 0.06 -12.04
C SER D 356 43.78 -1.13 -12.98
N GLY D 357 43.81 -0.85 -14.27
CA GLY D 357 43.32 -1.82 -15.22
C GLY D 357 44.10 -1.88 -16.47
N ALA D 358 44.13 -0.79 -17.26
CA ALA D 358 44.81 -0.89 -18.57
C ALA D 358 46.35 -0.83 -18.46
N TYR D 359 46.85 -0.80 -17.21
CA TYR D 359 48.25 -1.02 -16.80
C TYR D 359 48.31 -2.28 -15.91
N ARG D 360 47.83 -3.38 -16.50
CA ARG D 360 47.69 -4.72 -15.89
C ARG D 360 47.16 -5.66 -16.98
N PRO D 361 48.05 -6.17 -17.87
CA PRO D 361 47.60 -6.87 -19.10
C PRO D 361 47.26 -8.38 -18.96
N LYS D 362 47.69 -8.95 -17.85
CA LYS D 362 47.32 -10.32 -17.50
C LYS D 362 45.92 -10.39 -16.92
N PHE D 363 45.67 -9.56 -15.90
CA PHE D 363 44.32 -9.33 -15.35
C PHE D 363 43.29 -8.93 -16.39
N ARG D 364 43.70 -8.08 -17.33
CA ARG D 364 42.83 -7.53 -18.36
C ARG D 364 42.20 -8.59 -19.26
N MET D 365 42.80 -9.78 -19.39
CA MET D 365 42.17 -10.79 -20.23
C MET D 365 41.33 -11.78 -19.42
N TRP D 366 41.65 -12.06 -18.14
CA TRP D 366 40.71 -12.81 -17.26
C TRP D 366 39.38 -12.10 -17.04
N PHE D 367 39.43 -10.77 -17.02
CA PHE D 367 38.29 -9.92 -16.85
C PHE D 367 37.41 -10.09 -18.00
N TRP D 368 37.89 -9.96 -19.24
CA TRP D 368 36.95 -10.14 -20.36
C TRP D 368 36.44 -11.58 -20.54
N PHE D 369 37.11 -12.53 -19.89
CA PHE D 369 36.49 -13.80 -19.63
C PHE D 369 35.35 -13.71 -18.60
N LEU D 370 35.44 -12.90 -17.55
CA LEU D 370 34.31 -12.82 -16.63
C LEU D 370 33.10 -12.05 -17.17
N VAL D 371 33.32 -11.05 -18.03
CA VAL D 371 32.23 -10.40 -18.76
C VAL D 371 31.48 -11.42 -19.61
N LEU D 372 32.27 -12.23 -20.33
CA LEU D 372 31.77 -13.31 -21.19
C LEU D 372 31.02 -14.33 -20.36
N ASP D 373 31.66 -14.73 -19.23
CA ASP D 373 31.18 -15.66 -18.24
C ASP D 373 29.81 -15.31 -17.79
N PHE D 374 29.67 -14.03 -17.46
CA PHE D 374 28.42 -13.44 -17.04
C PHE D 374 27.36 -13.57 -18.13
N VAL D 375 27.67 -13.08 -19.33
CA VAL D 375 26.82 -13.20 -20.51
C VAL D 375 26.46 -14.64 -20.84
N VAL D 376 27.41 -15.54 -20.68
CA VAL D 376 27.12 -16.96 -20.87
C VAL D 376 26.27 -17.54 -19.74
N LEU D 377 26.58 -17.20 -18.49
CA LEU D 377 25.75 -17.56 -17.36
C LEU D 377 24.27 -17.07 -17.47
N THR D 378 24.02 -15.77 -17.82
CA THR D 378 22.64 -15.26 -18.08
C THR D 378 22.00 -16.04 -19.21
N TRP D 379 22.76 -16.35 -20.26
CA TRP D 379 22.28 -17.14 -21.41
C TRP D 379 21.85 -18.54 -21.02
N VAL D 380 22.72 -19.24 -20.31
CA VAL D 380 22.48 -20.63 -20.01
C VAL D 380 21.37 -20.83 -18.97
N GLY D 381 20.94 -19.78 -18.29
CA GLY D 381 19.72 -19.84 -17.53
C GLY D 381 18.46 -20.04 -18.38
N ALA D 382 18.48 -19.62 -19.64
CA ALA D 382 17.32 -19.80 -20.51
C ALA D 382 17.22 -21.23 -20.99
N MET D 383 18.39 -21.89 -21.02
CA MET D 383 18.64 -23.26 -21.51
C MET D 383 18.21 -24.36 -20.52
N PRO D 384 17.70 -25.54 -21.01
CA PRO D 384 17.23 -26.65 -20.16
C PRO D 384 18.29 -27.36 -19.37
N THR D 385 17.97 -28.33 -18.54
CA THR D 385 19.08 -29.03 -17.88
C THR D 385 19.62 -30.38 -18.60
N GLU D 386 19.65 -30.33 -19.93
CA GLU D 386 20.12 -31.43 -20.73
C GLU D 386 21.62 -31.30 -20.92
N TYR D 387 22.29 -32.31 -21.50
CA TYR D 387 23.58 -32.09 -22.10
C TYR D 387 23.28 -31.20 -23.31
N PRO D 388 24.20 -30.26 -23.64
CA PRO D 388 25.48 -29.83 -23.05
C PRO D 388 25.37 -28.81 -21.92
N TYR D 389 24.13 -28.36 -21.71
CA TYR D 389 23.77 -27.21 -20.91
C TYR D 389 24.09 -27.33 -19.47
N ASP D 390 23.92 -28.52 -18.94
CA ASP D 390 24.42 -28.89 -17.60
C ASP D 390 25.92 -28.81 -17.43
N TRP D 391 26.65 -29.00 -18.52
CA TRP D 391 28.11 -28.87 -18.46
C TRP D 391 28.50 -27.41 -18.58
N ILE D 392 27.88 -26.72 -19.56
CA ILE D 392 28.10 -25.31 -19.89
C ILE D 392 27.91 -24.43 -18.67
N SER D 393 26.75 -24.59 -18.04
CA SER D 393 26.41 -23.96 -16.77
C SER D 393 27.41 -24.32 -15.69
N LEU D 394 27.88 -25.56 -15.65
CA LEU D 394 28.85 -25.97 -14.64
C LEU D 394 30.21 -25.33 -14.89
N ILE D 395 30.47 -24.93 -16.15
CA ILE D 395 31.78 -24.32 -16.53
C ILE D 395 31.73 -22.87 -16.15
N ALA D 396 30.57 -22.26 -16.40
CA ALA D 396 30.36 -20.86 -16.20
C ALA D 396 30.40 -20.63 -14.74
N SER D 397 29.60 -21.39 -13.99
CA SER D 397 29.55 -21.32 -12.54
C SER D 397 30.85 -21.51 -11.85
N THR D 398 31.71 -22.31 -12.44
CA THR D 398 32.92 -22.60 -11.73
C THR D 398 33.99 -21.54 -12.07
N TYR D 399 33.88 -20.91 -13.25
CA TYR D 399 34.88 -19.93 -13.72
C TYR D 399 34.84 -18.77 -12.81
N TRP D 400 33.59 -18.28 -12.71
CA TRP D 400 33.06 -17.26 -11.81
C TRP D 400 33.63 -17.34 -10.44
N PHE D 401 33.20 -18.39 -9.76
CA PHE D 401 33.54 -18.76 -8.41
C PHE D 401 35.07 -18.83 -8.19
N ALA D 402 35.82 -19.18 -9.24
CA ALA D 402 37.28 -19.28 -9.18
C ALA D 402 38.04 -17.96 -9.43
N TYR D 403 37.45 -17.08 -10.24
CA TYR D 403 37.99 -15.73 -10.53
C TYR D 403 38.18 -14.87 -9.28
N PHE D 404 37.35 -15.11 -8.29
CA PHE D 404 37.38 -14.34 -7.07
C PHE D 404 38.13 -15.08 -6.00
N LEU D 405 38.45 -16.34 -6.28
CA LEU D 405 39.00 -17.16 -5.23
C LEU D 405 40.42 -17.58 -5.54
N VAL D 406 40.63 -17.97 -6.79
CA VAL D 406 41.93 -18.44 -7.20
C VAL D 406 42.58 -17.37 -8.02
N ILE D 407 42.01 -16.98 -9.17
CA ILE D 407 42.68 -16.04 -10.09
C ILE D 407 43.09 -14.65 -9.47
N LEU D 408 42.26 -14.16 -8.56
CA LEU D 408 42.49 -12.83 -8.00
C LEU D 408 43.60 -12.80 -6.92
N PRO D 409 43.55 -13.68 -5.86
CA PRO D 409 44.73 -13.53 -4.96
C PRO D 409 46.02 -14.29 -5.40
N LEU D 410 46.04 -14.64 -6.68
CA LEU D 410 47.22 -15.08 -7.39
C LEU D 410 47.86 -13.87 -7.99
N LEU D 411 47.56 -13.62 -9.27
CA LEU D 411 47.90 -12.46 -10.11
C LEU D 411 48.65 -11.17 -9.53
N GLY D 412 48.45 -10.88 -8.23
CA GLY D 412 49.30 -10.00 -7.45
C GLY D 412 50.72 -10.50 -7.50
N ALA D 413 50.96 -11.70 -6.94
CA ALA D 413 52.28 -12.40 -7.02
C ALA D 413 52.78 -12.56 -8.47
N THR D 414 51.97 -13.18 -9.29
CA THR D 414 52.41 -13.74 -10.54
C THR D 414 52.28 -12.80 -11.75
N GLU D 415 52.42 -11.51 -11.53
CA GLU D 415 52.35 -10.55 -12.63
C GLU D 415 52.94 -9.22 -12.22
N LYS D 416 53.80 -8.69 -13.09
CA LYS D 416 54.28 -7.32 -12.98
C LYS D 416 53.43 -6.40 -13.91
N PRO D 417 53.21 -5.12 -13.50
CA PRO D 417 52.60 -3.99 -14.24
C PRO D 417 52.90 -3.71 -15.74
N GLU D 418 52.69 -2.44 -16.08
CA GLU D 418 52.84 -1.92 -17.44
C GLU D 418 53.26 -0.42 -17.27
N PRO D 419 53.38 0.41 -18.35
CA PRO D 419 53.62 1.82 -18.00
C PRO D 419 52.49 2.61 -17.31
N ILE D 420 52.50 2.58 -15.96
CA ILE D 420 51.60 3.34 -15.08
C ILE D 420 52.07 4.80 -14.90
N PRO D 421 51.22 5.80 -15.23
CA PRO D 421 51.54 7.20 -14.92
C PRO D 421 51.66 7.59 -13.42
N ALA D 422 52.01 8.86 -13.16
CA ALA D 422 51.99 9.42 -11.79
C ALA D 422 51.10 10.70 -11.64
N SER D 423 50.60 11.18 -12.79
CA SER D 423 49.69 12.30 -12.77
C SER D 423 48.45 12.12 -13.63
N ILE D 424 47.34 12.49 -13.03
CA ILE D 424 46.00 12.50 -13.63
C ILE D 424 45.90 13.42 -14.86
N GLU D 425 46.70 14.47 -14.80
CA GLU D 425 46.90 15.44 -15.86
C GLU D 425 47.70 14.82 -16.98
N GLU D 426 48.65 13.96 -16.62
CA GLU D 426 49.67 13.50 -17.53
C GLU D 426 49.04 12.58 -18.57
N ASP D 427 48.13 11.76 -18.09
CA ASP D 427 47.36 10.88 -18.94
C ASP D 427 46.46 11.75 -19.80
N PHE D 428 45.89 12.79 -19.17
CA PHE D 428 44.94 13.69 -19.84
C PHE D 428 45.67 14.50 -20.90
N ASN D 429 46.93 14.80 -20.65
CA ASN D 429 47.65 15.60 -21.60
C ASN D 429 48.16 14.71 -22.69
N SER D 430 48.30 13.41 -22.41
CA SER D 430 48.67 12.46 -23.45
C SER D 430 47.46 12.23 -24.38
N HIS D 431 47.11 13.28 -25.14
CA HIS D 431 45.81 13.61 -25.74
C HIS D 431 45.80 15.10 -26.13
N TYR D 432 46.35 15.98 -25.29
CA TYR D 432 46.48 17.37 -25.70
C TYR D 432 47.82 17.51 -26.42
N HIS E 7 -1.25 -12.79 -44.60
CA HIS E 7 -1.19 -11.52 -45.30
C HIS E 7 -0.83 -10.33 -44.35
N ALA E 8 -0.08 -10.60 -43.23
CA ALA E 8 0.71 -9.61 -42.45
C ALA E 8 -0.06 -8.43 -41.79
N PHE E 9 -0.13 -8.39 -40.45
CA PHE E 9 -1.01 -7.42 -39.75
C PHE E 9 -0.63 -5.93 -39.90
N SER E 10 -1.59 -5.06 -39.55
CA SER E 10 -1.51 -3.61 -39.82
C SER E 10 -0.81 -2.80 -38.73
N PHE E 11 -0.92 -3.29 -37.50
CA PHE E 11 -0.37 -2.61 -36.35
C PHE E 11 1.13 -2.84 -36.33
N GLU E 12 1.53 -4.05 -35.94
CA GLU E 12 2.85 -4.71 -36.10
C GLU E 12 4.10 -3.84 -36.23
N GLY E 13 4.12 -3.12 -37.35
CA GLY E 13 5.25 -2.37 -37.77
C GLY E 13 5.60 -1.16 -36.95
N ILE E 14 6.51 -0.41 -37.51
CA ILE E 14 7.29 0.61 -36.83
C ILE E 14 6.41 1.85 -36.51
N PHE E 15 5.38 2.06 -37.33
CA PHE E 15 4.48 3.19 -37.15
C PHE E 15 3.14 2.88 -37.83
N GLY E 16 2.79 1.59 -37.87
CA GLY E 16 1.49 1.21 -38.35
C GLY E 16 0.47 1.38 -37.23
N LYS E 17 -0.81 1.44 -37.60
CA LYS E 17 -1.92 1.57 -36.65
C LYS E 17 -2.84 0.37 -36.74
N TYR E 18 -3.88 0.36 -35.90
CA TYR E 18 -4.93 -0.65 -35.98
C TYR E 18 -5.73 -0.39 -37.23
N ASP E 19 -6.09 -1.47 -37.91
CA ASP E 19 -6.96 -1.34 -39.06
C ASP E 19 -8.39 -1.13 -38.55
N GLN E 20 -8.95 0.02 -38.94
CA GLN E 20 -10.26 0.50 -38.52
C GLN E 20 -11.31 -0.49 -38.91
N ALA E 21 -11.14 -0.95 -40.14
CA ALA E 21 -12.04 -1.89 -40.78
C ALA E 21 -11.98 -3.22 -40.08
N GLN E 22 -10.76 -3.74 -39.93
CA GLN E 22 -10.52 -5.14 -39.55
C GLN E 22 -10.89 -5.44 -38.09
N LEU E 23 -10.86 -4.40 -37.27
CA LEU E 23 -11.25 -4.55 -35.87
C LEU E 23 -12.77 -4.75 -35.79
N ARG E 24 -13.48 -4.07 -36.67
CA ARG E 24 -14.93 -4.16 -36.72
C ARG E 24 -15.34 -5.51 -37.28
N ARG E 25 -14.71 -5.86 -38.41
CA ARG E 25 -14.82 -7.17 -39.08
C ARG E 25 -14.62 -8.37 -38.13
N GLY E 26 -13.49 -8.35 -37.42
CA GLY E 26 -13.21 -9.32 -36.37
C GLY E 26 -14.02 -9.24 -35.08
N PHE E 27 -14.78 -8.16 -34.88
CA PHE E 27 -15.58 -8.04 -33.65
C PHE E 27 -16.73 -9.01 -33.77
N GLN E 28 -17.30 -9.11 -34.97
CA GLN E 28 -18.56 -9.82 -35.17
C GLN E 28 -18.35 -11.32 -35.00
N VAL E 29 -17.13 -11.74 -35.31
CA VAL E 29 -16.72 -13.12 -35.21
C VAL E 29 -16.67 -13.59 -33.75
N TYR E 30 -16.31 -12.70 -32.84
CA TYR E 30 -16.33 -13.05 -31.43
C TYR E 30 -17.75 -13.22 -30.96
N ASN E 31 -18.62 -12.30 -31.38
CA ASN E 31 -19.98 -12.29 -30.87
C ASN E 31 -20.79 -13.49 -31.37
N GLU E 32 -20.57 -13.85 -32.62
CA GLU E 32 -21.31 -14.95 -33.20
C GLU E 32 -20.68 -16.32 -32.89
N VAL E 33 -19.35 -16.44 -32.95
CA VAL E 33 -18.71 -17.77 -32.80
C VAL E 33 -18.12 -18.08 -31.41
N CYS E 34 -17.27 -17.18 -30.92
CA CYS E 34 -16.43 -17.52 -29.79
C CYS E 34 -17.03 -17.22 -28.43
N SER E 35 -18.09 -16.40 -28.37
CA SER E 35 -18.56 -15.85 -27.08
C SER E 35 -19.33 -16.87 -26.25
N ALA E 36 -19.67 -17.98 -26.88
CA ALA E 36 -20.41 -18.97 -26.19
C ALA E 36 -19.44 -19.77 -25.34
N CYS E 37 -18.17 -19.80 -25.72
CA CYS E 37 -17.25 -20.60 -24.94
C CYS E 37 -16.09 -19.87 -24.26
N HIS E 38 -16.02 -18.56 -24.47
CA HIS E 38 -14.90 -17.74 -24.04
C HIS E 38 -15.30 -16.42 -23.39
N GLY E 39 -14.78 -16.12 -22.20
CA GLY E 39 -14.94 -14.78 -21.60
C GLY E 39 -13.97 -13.58 -21.84
N MET E 40 -14.46 -12.37 -21.61
CA MET E 40 -13.58 -11.19 -21.61
C MET E 40 -13.69 -10.39 -20.35
N LYS E 41 -13.63 -11.08 -19.20
CA LYS E 41 -13.92 -10.51 -17.89
C LYS E 41 -13.07 -9.30 -17.44
N PHE E 42 -12.00 -9.03 -18.19
CA PHE E 42 -11.19 -7.84 -18.04
C PHE E 42 -11.34 -6.92 -19.22
N VAL E 43 -12.50 -6.91 -19.88
CA VAL E 43 -12.74 -5.87 -20.91
C VAL E 43 -14.07 -5.15 -20.72
N PRO E 44 -14.02 -3.88 -20.33
CA PRO E 44 -15.26 -3.10 -20.20
C PRO E 44 -15.84 -2.78 -21.55
N ILE E 45 -17.15 -3.07 -21.72
CA ILE E 45 -17.81 -3.16 -23.03
C ILE E 45 -17.84 -1.81 -23.75
N ARG E 46 -18.03 -0.71 -23.00
CA ARG E 46 -18.01 0.70 -23.47
C ARG E 46 -16.90 1.11 -24.45
N THR E 47 -15.78 0.36 -24.43
CA THR E 47 -14.56 0.59 -25.18
C THR E 47 -14.66 0.33 -26.65
N LEU E 48 -15.74 -0.32 -27.09
CA LEU E 48 -16.01 -0.54 -28.51
C LEU E 48 -16.09 0.79 -29.28
N ALA E 49 -16.68 1.80 -28.62
CA ALA E 49 -16.90 3.15 -29.16
C ALA E 49 -15.69 4.06 -29.06
N ASP E 50 -14.66 3.57 -28.34
CA ASP E 50 -13.41 4.32 -28.10
C ASP E 50 -12.58 4.51 -29.34
N ASP E 51 -11.85 5.63 -29.30
CA ASP E 51 -10.89 6.01 -30.31
C ASP E 51 -9.81 4.94 -30.37
N GLY E 52 -9.29 4.74 -31.58
CA GLY E 52 -8.19 3.84 -31.81
C GLY E 52 -8.56 2.40 -31.61
N GLY E 53 -9.82 2.12 -31.89
CA GLY E 53 -10.31 0.78 -31.86
C GLY E 53 -11.21 0.49 -33.02
N PRO E 54 -12.18 -0.44 -32.82
CA PRO E 54 -13.18 -0.64 -33.85
C PRO E 54 -14.09 0.61 -34.06
N GLN E 55 -14.25 1.46 -33.03
CA GLN E 55 -15.03 2.70 -33.07
C GLN E 55 -16.48 2.50 -33.55
N LEU E 56 -17.39 2.20 -32.64
CA LEU E 56 -18.80 2.00 -32.99
C LEU E 56 -19.66 3.19 -32.57
N ASP E 57 -20.97 3.08 -32.78
CA ASP E 57 -21.91 4.06 -32.22
C ASP E 57 -22.16 3.70 -30.75
N PRO E 58 -22.04 4.69 -29.85
CA PRO E 58 -22.41 4.60 -28.44
C PRO E 58 -23.81 4.02 -28.13
N THR E 59 -24.85 4.47 -28.83
CA THR E 59 -26.19 3.94 -28.58
C THR E 59 -26.43 2.59 -29.24
N PHE E 60 -25.56 2.21 -30.17
CA PHE E 60 -25.57 0.84 -30.65
C PHE E 60 -25.01 -0.08 -29.59
N VAL E 61 -23.86 0.34 -29.07
CA VAL E 61 -23.07 -0.34 -28.04
C VAL E 61 -23.92 -0.69 -26.83
N ARG E 62 -24.76 0.26 -26.45
CA ARG E 62 -25.80 0.10 -25.44
C ARG E 62 -26.80 -1.02 -25.78
N GLU E 63 -27.30 -1.00 -27.02
CA GLU E 63 -28.28 -2.00 -27.49
C GLU E 63 -27.67 -3.39 -27.56
N TYR E 64 -26.41 -3.43 -27.99
CA TYR E 64 -25.63 -4.66 -28.10
C TYR E 64 -25.44 -5.27 -26.70
N ALA E 65 -25.16 -4.39 -25.75
CA ALA E 65 -24.81 -4.79 -24.40
C ALA E 65 -26.02 -5.33 -23.69
N ALA E 66 -27.19 -4.85 -24.09
CA ALA E 66 -28.47 -5.26 -23.52
C ALA E 66 -28.72 -6.73 -23.68
N GLY E 67 -28.30 -7.23 -24.85
CA GLY E 67 -28.45 -8.63 -25.25
C GLY E 67 -27.55 -9.67 -24.59
N LEU E 68 -26.43 -9.22 -24.07
CA LEU E 68 -25.56 -10.08 -23.29
C LEU E 68 -26.25 -10.36 -21.96
N ASP E 69 -25.95 -11.50 -21.34
CA ASP E 69 -26.81 -11.99 -20.27
C ASP E 69 -26.74 -11.19 -18.96
N THR E 70 -27.66 -11.55 -18.07
CA THR E 70 -27.92 -10.87 -16.81
C THR E 70 -26.73 -10.76 -15.82
N ILE E 71 -26.90 -10.00 -14.74
CA ILE E 71 -25.92 -10.06 -13.63
C ILE E 71 -26.52 -9.85 -12.28
N ILE E 72 -26.21 -10.76 -11.33
CA ILE E 72 -26.50 -10.58 -9.90
C ILE E 72 -25.81 -9.31 -9.46
N ASP E 73 -26.51 -8.18 -9.61
CA ASP E 73 -25.89 -6.88 -9.46
C ASP E 73 -25.57 -6.63 -7.99
N LYS E 74 -24.36 -6.09 -7.73
CA LYS E 74 -23.67 -6.15 -6.44
C LYS E 74 -24.37 -5.49 -5.26
N ASP E 75 -25.29 -4.59 -5.55
CA ASP E 75 -26.04 -3.84 -4.54
C ASP E 75 -27.43 -4.45 -4.24
N SER E 76 -28.30 -4.44 -5.25
CA SER E 76 -29.63 -5.02 -5.14
C SER E 76 -29.59 -6.55 -4.89
N GLY E 77 -28.55 -7.21 -5.39
CA GLY E 77 -28.40 -8.63 -5.16
C GLY E 77 -29.28 -9.39 -6.11
N GLU E 78 -29.73 -8.72 -7.17
CA GLU E 78 -30.58 -9.34 -8.19
C GLU E 78 -30.32 -8.82 -9.60
N GLU E 79 -30.97 -9.47 -10.57
CA GLU E 79 -30.62 -9.39 -11.99
C GLU E 79 -30.91 -8.07 -12.67
N ARG E 80 -30.48 -7.98 -13.94
CA ARG E 80 -30.81 -6.91 -14.92
C ARG E 80 -30.20 -7.22 -16.26
N ASP E 81 -30.72 -6.59 -17.33
CA ASP E 81 -30.06 -6.62 -18.65
C ASP E 81 -28.72 -5.89 -18.52
N ARG E 82 -27.66 -6.46 -19.10
CA ARG E 82 -26.27 -5.97 -18.98
C ARG E 82 -26.09 -4.57 -19.57
N LYS E 83 -25.34 -3.71 -18.89
CA LYS E 83 -25.14 -2.36 -19.42
C LYS E 83 -23.83 -2.25 -20.17
N GLU E 84 -23.56 -1.09 -20.75
CA GLU E 84 -22.33 -0.88 -21.51
C GLU E 84 -21.13 -0.54 -20.61
N THR E 85 -21.38 -0.09 -19.38
CA THR E 85 -20.33 0.16 -18.40
C THR E 85 -19.72 -1.15 -17.90
N ASP E 86 -20.50 -2.23 -17.96
CA ASP E 86 -20.08 -3.54 -17.48
C ASP E 86 -19.11 -4.30 -18.38
N MET E 87 -18.60 -5.43 -17.87
CA MET E 87 -17.66 -6.31 -18.56
C MET E 87 -18.40 -7.18 -19.54
N PHE E 88 -17.71 -7.79 -20.49
CA PHE E 88 -18.25 -8.96 -21.19
C PHE E 88 -18.40 -10.11 -20.18
N PRO E 89 -19.31 -11.07 -20.43
CA PRO E 89 -19.44 -12.07 -19.37
C PRO E 89 -18.31 -13.09 -19.28
N THR E 90 -18.13 -13.57 -18.06
CA THR E 90 -17.22 -14.65 -17.79
C THR E 90 -17.75 -15.96 -18.38
N ARG E 91 -17.56 -16.17 -19.66
CA ARG E 91 -17.79 -17.51 -20.14
C ARG E 91 -16.52 -18.36 -19.78
N VAL E 92 -16.62 -18.93 -18.57
CA VAL E 92 -15.86 -20.07 -18.03
C VAL E 92 -16.90 -20.80 -17.15
N GLY E 93 -17.57 -21.77 -17.74
CA GLY E 93 -18.22 -22.79 -16.98
C GLY E 93 -17.68 -24.14 -17.43
N ASP E 94 -18.51 -24.94 -18.10
CA ASP E 94 -18.15 -26.32 -18.45
C ASP E 94 -18.24 -26.64 -19.95
N GLY E 95 -17.09 -27.00 -20.52
CA GLY E 95 -16.90 -27.08 -21.97
C GLY E 95 -16.27 -25.77 -22.46
N MET E 96 -16.10 -24.91 -21.49
CA MET E 96 -15.72 -23.56 -21.72
C MET E 96 -14.22 -23.51 -21.73
N GLY E 97 -13.68 -22.51 -22.41
CA GLY E 97 -12.24 -22.38 -22.51
C GLY E 97 -11.73 -21.32 -21.60
N PRO E 98 -10.44 -20.96 -21.74
CA PRO E 98 -9.85 -19.93 -20.92
C PRO E 98 -10.51 -18.59 -21.22
N ASP E 99 -10.55 -17.76 -20.20
CA ASP E 99 -10.93 -16.39 -20.38
C ASP E 99 -9.91 -15.82 -21.34
N LEU E 100 -10.31 -15.48 -22.55
CA LEU E 100 -9.36 -14.85 -23.46
C LEU E 100 -9.32 -13.34 -23.31
N SER E 101 -9.89 -12.82 -22.21
CA SER E 101 -9.77 -11.43 -21.75
C SER E 101 -8.44 -10.66 -22.00
N VAL E 102 -7.28 -11.28 -21.81
CA VAL E 102 -6.02 -10.69 -22.25
C VAL E 102 -5.03 -11.80 -22.77
N MET E 103 -5.59 -12.72 -23.54
CA MET E 103 -4.81 -13.89 -24.01
C MET E 103 -3.78 -13.53 -25.07
N ALA E 104 -4.08 -12.59 -25.97
CA ALA E 104 -3.15 -12.31 -27.09
C ALA E 104 -1.83 -11.61 -26.73
N LYS E 105 -1.49 -11.57 -25.43
CA LYS E 105 -0.17 -11.26 -24.90
C LYS E 105 0.13 -12.27 -23.78
N ALA E 106 -0.65 -13.34 -23.69
CA ALA E 106 -0.45 -14.33 -22.64
C ALA E 106 0.11 -15.59 -23.29
N ARG E 107 0.12 -15.54 -24.61
CA ARG E 107 0.55 -16.65 -25.44
C ARG E 107 1.64 -16.13 -26.36
N ALA E 108 2.77 -16.83 -26.28
CA ALA E 108 3.96 -16.55 -27.07
C ALA E 108 4.80 -17.83 -27.14
N GLY E 109 4.32 -18.85 -27.86
CA GLY E 109 5.08 -20.09 -27.99
C GLY E 109 6.23 -19.98 -28.99
N PHE E 110 7.20 -19.12 -28.68
CA PHE E 110 8.29 -18.72 -29.59
C PHE E 110 9.63 -19.12 -28.96
N SER E 111 10.17 -20.22 -29.52
CA SER E 111 11.28 -20.97 -28.97
C SER E 111 12.53 -20.74 -29.84
N GLY E 112 13.41 -19.84 -29.40
CA GLY E 112 14.65 -19.52 -30.12
C GLY E 112 14.85 -18.06 -30.55
N PRO E 113 15.98 -17.75 -31.25
CA PRO E 113 17.20 -18.54 -31.48
C PRO E 113 18.07 -18.59 -30.23
N ALA E 114 18.62 -19.78 -29.95
CA ALA E 114 19.19 -20.17 -28.65
C ALA E 114 18.28 -19.79 -27.47
N GLY E 115 16.98 -20.03 -27.65
CA GLY E 115 15.93 -20.07 -26.63
C GLY E 115 15.84 -19.06 -25.51
N SER E 116 16.43 -17.87 -25.77
CA SER E 116 16.59 -16.78 -24.82
C SER E 116 15.93 -15.47 -25.34
N GLY E 117 15.50 -15.52 -26.60
CA GLY E 117 15.01 -14.37 -27.32
C GLY E 117 16.17 -13.61 -27.92
N MET E 118 16.62 -14.00 -29.13
CA MET E 118 17.83 -13.39 -29.70
C MET E 118 17.68 -12.75 -31.10
N ASN E 119 17.65 -13.53 -32.18
CA ASN E 119 17.69 -12.95 -33.55
C ASN E 119 16.31 -12.68 -34.21
N GLN E 120 15.34 -12.19 -33.42
CA GLN E 120 14.04 -11.70 -33.93
C GLN E 120 14.17 -10.25 -34.45
N LEU E 121 15.04 -10.04 -35.45
CA LEU E 121 15.60 -8.71 -35.76
C LEU E 121 14.95 -7.93 -36.93
N PHE E 122 14.17 -8.60 -37.79
CA PHE E 122 13.34 -7.89 -38.76
C PHE E 122 11.89 -7.86 -38.22
N LYS E 123 11.64 -8.68 -37.19
CA LYS E 123 10.30 -9.14 -36.80
C LYS E 123 9.75 -8.63 -35.44
N GLY E 124 9.10 -9.53 -34.66
CA GLY E 124 8.36 -9.17 -33.44
C GLY E 124 8.45 -10.05 -32.17
N MET E 125 7.32 -10.28 -31.47
CA MET E 125 7.33 -11.06 -30.20
C MET E 125 6.43 -12.33 -30.22
N GLY E 126 5.30 -12.28 -30.93
CA GLY E 126 4.45 -13.45 -31.15
C GLY E 126 3.27 -13.73 -30.24
N GLY E 127 2.07 -13.67 -30.77
CA GLY E 127 0.91 -13.63 -29.92
C GLY E 127 -0.42 -13.61 -30.63
N PRO E 128 -0.68 -12.55 -31.41
CA PRO E 128 -1.79 -12.55 -32.37
C PRO E 128 -1.69 -13.63 -33.45
N GLU E 129 -0.46 -14.04 -33.75
CA GLU E 129 -0.17 -15.04 -34.77
C GLU E 129 -0.16 -16.45 -34.21
N TYR E 130 -0.18 -16.61 -32.89
CA TYR E 130 -0.49 -17.90 -32.29
C TYR E 130 -1.97 -18.09 -32.29
N ILE E 131 -2.72 -16.99 -32.29
CA ILE E 131 -4.16 -17.09 -32.32
C ILE E 131 -4.62 -17.56 -33.68
N TYR E 132 -4.14 -16.90 -34.73
CA TYR E 132 -4.37 -17.23 -36.14
C TYR E 132 -4.11 -18.73 -36.46
N ASN E 133 -2.94 -19.19 -36.03
CA ASN E 133 -2.54 -20.58 -36.14
C ASN E 133 -3.34 -21.52 -35.26
N TYR E 134 -4.00 -21.02 -34.21
CA TYR E 134 -4.75 -21.95 -33.36
C TYR E 134 -6.03 -22.29 -34.04
N VAL E 135 -6.62 -21.30 -34.72
CA VAL E 135 -7.91 -21.50 -35.36
C VAL E 135 -7.78 -22.32 -36.66
N ILE E 136 -6.81 -21.94 -37.52
CA ILE E 136 -6.55 -22.62 -38.79
C ILE E 136 -6.15 -24.10 -38.61
N GLY E 137 -5.23 -24.35 -37.70
CA GLY E 137 -4.64 -25.66 -37.55
C GLY E 137 -5.44 -26.80 -36.93
N PHE E 138 -6.75 -26.89 -37.21
CA PHE E 138 -7.51 -28.04 -36.74
C PHE E 138 -7.58 -29.13 -37.80
N GLU E 139 -6.93 -30.27 -37.50
CA GLU E 139 -6.59 -31.32 -38.47
C GLU E 139 -7.22 -32.72 -38.25
N GLU E 140 -6.96 -33.58 -39.22
CA GLU E 140 -7.10 -35.02 -39.10
C GLU E 140 -5.95 -35.62 -38.27
N ASN E 141 -6.25 -36.57 -37.38
CA ASN E 141 -5.25 -37.14 -36.45
C ASN E 141 -4.22 -38.00 -37.14
N PRO E 142 -2.99 -37.47 -37.31
CA PRO E 142 -2.06 -38.00 -38.31
C PRO E 142 -1.44 -39.36 -37.97
N GLU E 143 -0.57 -39.40 -36.96
CA GLU E 143 0.31 -40.53 -36.62
C GLU E 143 -0.46 -41.82 -36.42
N CYS E 144 -1.06 -41.99 -35.25
CA CYS E 144 -1.98 -43.11 -35.06
C CYS E 144 -3.38 -42.62 -34.69
N ALA E 145 -3.84 -43.11 -33.53
CA ALA E 145 -5.16 -42.90 -32.90
C ALA E 145 -6.45 -43.15 -33.72
N PRO E 146 -7.34 -44.06 -33.21
CA PRO E 146 -8.59 -44.53 -33.86
C PRO E 146 -9.76 -43.52 -33.78
N GLU E 147 -10.93 -43.93 -33.31
CA GLU E 147 -12.09 -43.01 -33.17
C GLU E 147 -11.84 -41.81 -32.19
N GLY E 148 -11.05 -40.84 -32.66
CA GLY E 148 -10.72 -39.59 -31.97
C GLY E 148 -9.91 -39.75 -30.69
N ILE E 149 -10.02 -38.77 -29.79
CA ILE E 149 -9.90 -39.13 -28.37
C ILE E 149 -11.19 -38.79 -27.62
N ASP E 150 -12.28 -38.58 -28.37
CA ASP E 150 -13.62 -38.14 -27.89
C ASP E 150 -13.54 -36.82 -27.07
N GLY E 151 -13.86 -35.74 -27.75
CA GLY E 151 -13.49 -34.44 -27.24
C GLY E 151 -12.26 -34.08 -28.02
N TYR E 152 -11.16 -33.80 -27.27
CA TYR E 152 -9.75 -33.56 -27.69
C TYR E 152 -9.43 -33.67 -29.17
N TYR E 153 -9.49 -32.56 -29.85
CA TYR E 153 -9.45 -32.51 -31.28
C TYR E 153 -8.01 -32.25 -31.62
N TYR E 154 -7.52 -32.79 -32.73
CA TYR E 154 -6.13 -32.58 -33.03
C TYR E 154 -5.91 -31.15 -33.54
N ASN E 155 -5.01 -30.44 -32.87
CA ASN E 155 -4.52 -29.20 -33.41
C ASN E 155 -3.01 -29.26 -33.62
N LYS E 156 -2.59 -28.74 -34.78
CA LYS E 156 -1.21 -28.90 -35.21
C LYS E 156 -0.30 -27.91 -34.54
N THR E 157 -0.90 -26.90 -33.89
CA THR E 157 -0.18 -25.79 -33.24
C THR E 157 -0.16 -25.91 -31.73
N PHE E 158 -1.29 -26.27 -31.13
CA PHE E 158 -1.40 -26.43 -29.66
C PHE E 158 -0.45 -27.45 -29.01
N GLN E 159 0.77 -27.01 -28.73
CA GLN E 159 1.85 -27.84 -28.22
C GLN E 159 1.63 -28.48 -26.87
N ILE E 160 0.78 -27.88 -26.07
CA ILE E 160 0.86 -28.10 -24.64
C ILE E 160 -0.19 -29.05 -24.11
N GLY E 161 -1.06 -29.57 -24.95
CA GLY E 161 -2.08 -30.45 -24.40
C GLY E 161 -1.95 -31.97 -24.50
N GLY E 162 -3.05 -32.61 -24.84
CA GLY E 162 -3.08 -34.05 -24.87
C GLY E 162 -2.25 -34.62 -26.01
N VAL E 163 -1.27 -35.47 -25.65
CA VAL E 163 -0.65 -36.44 -26.56
C VAL E 163 -0.82 -37.83 -25.93
N PRO E 164 -1.50 -38.77 -26.65
CA PRO E 164 -1.66 -40.19 -26.22
C PRO E 164 -0.31 -40.90 -26.14
N ASP E 165 -0.09 -41.90 -25.28
CA ASP E 165 1.29 -42.39 -25.20
C ASP E 165 1.58 -43.41 -26.31
N THR E 166 0.49 -43.99 -26.84
CA THR E 166 0.44 -44.77 -28.09
C THR E 166 1.03 -43.96 -29.27
N CYS E 167 0.76 -42.65 -29.28
CA CYS E 167 1.45 -41.73 -30.20
C CYS E 167 2.17 -40.55 -29.51
N LYS E 168 2.59 -40.79 -28.27
CA LYS E 168 3.81 -40.19 -27.72
C LYS E 168 4.89 -41.17 -28.13
N ASP E 169 5.39 -41.93 -27.17
CA ASP E 169 6.60 -42.72 -27.38
C ASP E 169 6.74 -44.00 -26.59
N ALA E 170 7.86 -44.65 -26.88
CA ALA E 170 8.47 -45.60 -25.98
C ALA E 170 9.56 -44.86 -25.18
N ALA E 171 10.26 -43.91 -25.82
CA ALA E 171 11.38 -43.18 -25.21
C ALA E 171 10.94 -42.15 -24.18
N GLY E 172 10.09 -41.22 -24.61
CA GLY E 172 9.51 -40.26 -23.69
C GLY E 172 8.56 -39.29 -24.38
N VAL E 173 9.13 -38.46 -25.26
CA VAL E 173 8.46 -37.29 -25.81
C VAL E 173 7.33 -37.61 -26.79
N LYS E 174 6.64 -36.56 -27.20
CA LYS E 174 5.69 -36.65 -28.29
C LYS E 174 6.49 -36.62 -29.57
N ILE E 175 6.13 -37.51 -30.48
CA ILE E 175 6.88 -37.62 -31.72
C ILE E 175 5.95 -37.09 -32.81
N THR E 176 5.01 -36.24 -32.34
CA THR E 176 4.16 -35.36 -33.15
C THR E 176 4.40 -33.88 -32.81
N HIS E 177 4.04 -33.00 -33.75
CA HIS E 177 4.21 -31.56 -33.56
C HIS E 177 3.20 -30.99 -32.57
N GLY E 178 1.97 -30.71 -33.04
CA GLY E 178 0.93 -30.21 -32.16
C GLY E 178 0.37 -31.25 -31.23
N SER E 179 -0.73 -30.93 -30.57
CA SER E 179 -1.29 -31.90 -29.66
C SER E 179 -2.77 -31.70 -29.59
N TRP E 180 -3.41 -32.47 -28.73
CA TRP E 180 -4.85 -32.53 -28.82
C TRP E 180 -5.43 -31.53 -27.84
N ALA E 181 -6.20 -30.60 -28.43
CA ALA E 181 -6.95 -29.55 -27.77
C ALA E 181 -8.08 -30.03 -26.85
N ARG E 182 -9.15 -29.25 -26.77
CA ARG E 182 -10.32 -29.63 -26.01
C ARG E 182 -11.42 -28.83 -26.65
N MET E 183 -11.08 -28.22 -27.77
CA MET E 183 -11.91 -27.22 -28.41
C MET E 183 -12.28 -27.64 -29.82
N PRO E 184 -13.58 -27.70 -30.13
CA PRO E 184 -14.09 -28.07 -31.47
C PRO E 184 -13.67 -27.09 -32.53
N PRO E 185 -13.41 -27.55 -33.76
CA PRO E 185 -12.97 -26.73 -34.89
C PRO E 185 -14.00 -25.69 -35.23
N PRO E 186 -13.78 -24.44 -34.75
CA PRO E 186 -14.84 -23.46 -34.47
C PRO E 186 -15.33 -22.68 -35.68
N LEU E 187 -14.53 -22.66 -36.74
CA LEU E 187 -14.89 -22.03 -37.97
C LEU E 187 -14.97 -23.03 -39.11
N VAL E 188 -16.15 -23.60 -39.28
CA VAL E 188 -16.49 -24.19 -40.55
C VAL E 188 -16.86 -22.98 -41.43
N ASP E 189 -16.03 -22.74 -42.46
CA ASP E 189 -15.96 -21.56 -43.37
C ASP E 189 -17.27 -20.85 -43.75
N ASP E 190 -17.16 -19.54 -44.03
CA ASP E 190 -18.24 -18.62 -44.37
C ASP E 190 -19.33 -18.56 -43.29
N GLN E 191 -18.93 -18.66 -42.03
CA GLN E 191 -19.88 -18.84 -40.93
C GLN E 191 -20.64 -17.57 -40.56
N VAL E 192 -20.19 -16.40 -41.04
CA VAL E 192 -20.92 -15.12 -40.90
C VAL E 192 -20.69 -14.20 -42.11
N THR E 193 -21.35 -13.04 -42.10
CA THR E 193 -21.39 -12.16 -43.29
C THR E 193 -20.94 -10.70 -43.07
N TYR E 194 -20.09 -10.23 -43.97
CA TYR E 194 -19.32 -9.00 -43.77
C TYR E 194 -20.01 -7.76 -44.37
N GLU E 195 -19.51 -6.58 -44.06
CA GLU E 195 -20.19 -5.37 -44.50
C GLU E 195 -19.40 -4.64 -45.56
N ASP E 196 -18.07 -4.65 -45.44
CA ASP E 196 -17.25 -3.92 -46.40
C ASP E 196 -16.81 -4.84 -47.52
N GLY E 197 -17.78 -5.53 -48.12
CA GLY E 197 -17.50 -6.57 -49.09
C GLY E 197 -16.89 -7.73 -48.32
N THR E 198 -15.60 -7.97 -48.61
CA THR E 198 -14.68 -8.84 -47.86
C THR E 198 -15.09 -10.33 -47.77
N PRO E 199 -14.39 -11.19 -48.54
CA PRO E 199 -14.72 -12.63 -48.68
C PRO E 199 -14.60 -13.38 -47.37
N ALA E 200 -15.72 -13.87 -46.85
CA ALA E 200 -15.72 -14.37 -45.48
C ALA E 200 -15.02 -15.74 -45.27
N THR E 201 -13.75 -15.89 -45.69
CA THR E 201 -13.08 -17.21 -45.71
C THR E 201 -12.75 -17.65 -44.27
N VAL E 202 -12.38 -18.92 -44.09
CA VAL E 202 -12.01 -19.44 -42.76
C VAL E 202 -10.67 -18.78 -42.36
N ASP E 203 -9.85 -18.47 -43.35
CA ASP E 203 -8.60 -17.76 -43.16
C ASP E 203 -8.86 -16.29 -42.91
N GLN E 204 -9.76 -15.72 -43.69
CA GLN E 204 -10.08 -14.31 -43.57
C GLN E 204 -10.87 -14.01 -42.29
N MET E 205 -11.56 -15.00 -41.72
CA MET E 205 -12.24 -14.79 -40.44
C MET E 205 -11.26 -14.97 -39.31
N ALA E 206 -10.23 -15.79 -39.53
CA ALA E 206 -9.21 -16.05 -38.50
C ALA E 206 -8.05 -15.07 -38.59
N GLN E 207 -7.85 -14.47 -39.77
CA GLN E 207 -6.97 -13.32 -39.86
C GLN E 207 -7.62 -12.20 -39.07
N ASP E 208 -8.94 -12.05 -39.20
CA ASP E 208 -9.66 -10.91 -38.65
C ASP E 208 -9.96 -10.95 -37.16
N VAL E 209 -10.12 -12.13 -36.57
CA VAL E 209 -10.55 -12.15 -35.18
C VAL E 209 -9.32 -12.15 -34.32
N SER E 210 -8.18 -12.33 -34.98
CA SER E 210 -6.88 -12.18 -34.33
C SER E 210 -6.58 -10.71 -33.95
N ALA E 211 -6.86 -9.80 -34.87
CA ALA E 211 -6.52 -8.40 -34.67
C ALA E 211 -7.43 -7.77 -33.62
N PHE E 212 -8.68 -8.23 -33.59
CA PHE E 212 -9.63 -7.81 -32.57
C PHE E 212 -9.17 -8.25 -31.16
N LEU E 213 -8.67 -9.49 -31.02
CA LEU E 213 -8.32 -10.00 -29.68
C LEU E 213 -6.96 -9.44 -29.21
N MET E 214 -6.25 -8.79 -30.13
CA MET E 214 -5.07 -7.98 -29.83
C MET E 214 -5.51 -6.67 -29.20
N TRP E 215 -6.69 -6.24 -29.62
CA TRP E 215 -7.21 -4.98 -29.13
C TRP E 215 -7.81 -5.25 -27.73
N ALA E 216 -8.19 -6.47 -27.45
CA ALA E 216 -8.50 -6.84 -26.05
C ALA E 216 -7.25 -7.28 -25.27
N ALA E 217 -6.23 -6.41 -25.31
CA ALA E 217 -4.93 -6.64 -24.70
C ALA E 217 -4.18 -5.34 -24.70
N GLU E 218 -4.14 -4.71 -25.87
CA GLU E 218 -3.59 -3.36 -26.04
C GLU E 218 -4.59 -2.43 -26.69
N PRO E 219 -5.58 -1.95 -25.91
CA PRO E 219 -6.56 -1.07 -26.57
C PRO E 219 -5.99 0.31 -26.76
N LYS E 220 -4.99 0.60 -25.93
CA LYS E 220 -4.19 1.78 -25.95
C LYS E 220 -2.90 1.38 -26.62
N LEU E 221 -2.92 1.32 -27.94
CA LEU E 221 -1.77 0.81 -28.71
C LEU E 221 -1.33 1.84 -29.71
N VAL E 222 -2.32 2.39 -30.38
CA VAL E 222 -2.18 3.44 -31.36
C VAL E 222 -1.82 4.76 -30.68
N ALA E 223 -2.02 4.78 -29.36
CA ALA E 223 -1.56 5.80 -28.46
C ALA E 223 -0.07 5.72 -28.18
N ARG E 224 0.47 4.52 -28.00
CA ARG E 224 1.91 4.40 -27.76
C ARG E 224 2.71 4.61 -29.03
N LYS E 225 2.08 4.42 -30.17
CA LYS E 225 2.72 4.72 -31.44
C LYS E 225 2.81 6.23 -31.59
N GLN E 226 1.76 6.92 -31.16
CA GLN E 226 1.73 8.37 -31.14
C GLN E 226 2.70 8.94 -30.12
N MET E 227 2.76 8.33 -28.94
CA MET E 227 3.65 8.74 -27.85
C MET E 227 5.11 8.61 -28.24
N GLY E 228 5.42 7.58 -29.02
CA GLY E 228 6.78 7.27 -29.39
C GLY E 228 7.43 8.36 -30.24
N LEU E 229 6.69 8.82 -31.24
CA LEU E 229 7.12 9.92 -32.12
C LEU E 229 7.46 11.21 -31.36
N VAL E 230 6.74 11.45 -30.27
CA VAL E 230 6.90 12.67 -29.48
C VAL E 230 8.06 12.55 -28.47
N ALA E 231 8.41 11.33 -28.03
CA ALA E 231 9.55 11.13 -27.13
C ALA E 231 10.83 11.13 -27.97
N MET E 232 10.64 10.78 -29.25
CA MET E 232 11.68 10.83 -30.27
C MET E 232 12.13 12.24 -30.66
N VAL E 233 11.17 13.14 -30.80
CA VAL E 233 11.48 14.53 -30.97
C VAL E 233 12.09 15.01 -29.67
N MET E 234 11.33 14.93 -28.57
CA MET E 234 11.68 15.62 -27.30
C MET E 234 13.02 15.22 -26.66
N LEU E 235 13.20 13.92 -26.46
CA LEU E 235 14.48 13.44 -25.96
C LEU E 235 15.50 13.35 -27.08
N GLY E 236 15.05 13.37 -28.33
CA GLY E 236 16.00 13.49 -29.42
C GLY E 236 16.73 14.82 -29.48
N LEU E 237 15.99 15.94 -29.49
CA LEU E 237 16.64 17.23 -29.57
C LEU E 237 16.80 17.90 -28.21
N LEU E 238 16.64 17.12 -27.14
CA LEU E 238 17.31 17.44 -25.89
C LEU E 238 18.69 16.78 -25.92
N SER E 239 18.77 15.60 -26.55
CA SER E 239 20.04 14.89 -26.66
C SER E 239 20.99 15.67 -27.58
N VAL E 240 20.44 16.16 -28.70
CA VAL E 240 21.23 16.76 -29.79
C VAL E 240 21.74 18.07 -29.30
N MET E 241 20.88 18.70 -28.53
CA MET E 241 21.21 19.93 -27.90
C MET E 241 22.17 19.77 -26.74
N LEU E 242 22.19 18.60 -26.13
CA LEU E 242 23.12 18.42 -25.04
C LEU E 242 24.50 18.03 -25.58
N TYR E 243 24.53 17.58 -26.84
CA TYR E 243 25.79 17.24 -27.51
C TYR E 243 26.54 18.51 -27.90
N LEU E 244 25.77 19.49 -28.36
CA LEU E 244 26.27 20.78 -28.77
C LEU E 244 26.76 21.59 -27.58
N THR E 245 26.19 21.29 -26.41
CA THR E 245 26.62 21.90 -25.16
C THR E 245 27.81 21.22 -24.55
N ASN E 246 28.27 20.13 -25.15
CA ASN E 246 29.52 19.55 -24.69
C ASN E 246 30.64 19.81 -25.70
N LYS E 247 30.28 19.94 -26.98
CA LYS E 247 31.20 20.36 -28.06
C LYS E 247 31.76 21.74 -27.71
N ARG E 248 30.89 22.73 -27.60
CA ARG E 248 31.36 24.09 -27.43
C ARG E 248 31.35 24.54 -25.93
N LEU E 249 31.71 23.62 -25.02
CA LEU E 249 31.99 23.95 -23.61
C LEU E 249 33.23 23.24 -23.14
N TRP E 250 33.48 22.05 -23.71
CA TRP E 250 34.65 21.31 -23.29
C TRP E 250 35.87 21.65 -24.13
N ALA E 251 35.65 22.27 -25.29
CA ALA E 251 36.74 22.66 -26.20
C ALA E 251 37.87 23.61 -25.64
N PRO E 252 37.61 24.39 -24.54
CA PRO E 252 38.72 24.84 -23.70
C PRO E 252 39.73 23.81 -23.24
N TYR E 253 39.31 22.62 -22.88
CA TYR E 253 40.28 21.68 -22.36
C TYR E 253 40.63 20.54 -23.34
N LYS E 254 40.00 20.57 -24.51
CA LYS E 254 39.87 19.40 -25.39
C LYS E 254 41.16 18.86 -25.97
N GLY F 9 28.82 35.15 -24.90
CA GLY F 9 28.21 36.07 -25.85
C GLY F 9 26.92 35.55 -26.44
N THR F 10 27.02 34.91 -27.61
CA THR F 10 25.93 34.11 -28.19
C THR F 10 26.50 32.92 -29.02
N ARG F 11 27.82 32.72 -28.93
CA ARG F 11 28.53 31.59 -29.55
C ARG F 11 29.06 30.61 -28.46
N ARG F 12 28.91 31.05 -27.20
CA ARG F 12 29.38 30.36 -25.98
C ARG F 12 28.48 30.79 -24.80
N ASP F 13 27.28 31.34 -25.08
CA ASP F 13 26.28 31.69 -24.04
C ASP F 13 24.82 31.65 -24.56
N PHE F 14 24.61 31.43 -25.87
CA PHE F 14 23.24 31.20 -26.41
C PHE F 14 22.85 29.72 -26.28
N LEU F 15 23.72 28.82 -26.74
CA LEU F 15 23.48 27.37 -26.61
C LEU F 15 23.93 26.88 -25.22
N TYR F 16 23.47 27.58 -24.17
CA TYR F 16 23.58 27.23 -22.77
C TYR F 16 22.20 27.34 -22.14
N HIS F 17 21.62 28.55 -22.23
CA HIS F 17 20.29 28.82 -21.72
C HIS F 17 19.22 28.18 -22.64
N ALA F 18 19.56 27.88 -23.90
CA ALA F 18 18.64 27.20 -24.82
C ALA F 18 18.38 25.77 -24.38
N THR F 19 19.43 25.12 -23.87
CA THR F 19 19.37 23.71 -23.52
C THR F 19 18.57 23.53 -22.21
N ALA F 20 18.66 24.53 -21.31
CA ALA F 20 17.99 24.46 -20.04
C ALA F 20 16.54 24.88 -20.19
N ALA F 21 16.18 25.43 -21.36
CA ALA F 21 14.79 25.50 -21.79
C ALA F 21 14.25 24.11 -22.19
N THR F 22 15.04 23.36 -22.98
CA THR F 22 14.68 21.99 -23.34
C THR F 22 14.80 21.08 -22.13
N GLY F 23 15.71 21.42 -21.21
CA GLY F 23 15.80 20.74 -19.94
C GLY F 23 14.83 21.28 -18.89
N VAL F 24 13.60 21.59 -19.36
CA VAL F 24 12.53 22.20 -18.60
C VAL F 24 11.24 21.86 -19.35
N VAL F 25 11.30 21.88 -20.69
CA VAL F 25 10.11 21.53 -21.48
C VAL F 25 10.01 19.99 -21.52
N VAL F 26 11.15 19.31 -21.59
CA VAL F 26 11.14 17.85 -21.49
C VAL F 26 10.79 17.46 -20.05
N THR F 27 11.49 17.97 -19.04
CA THR F 27 11.04 17.66 -17.69
C THR F 27 9.93 18.61 -17.21
N GLY F 28 8.90 18.76 -18.03
CA GLY F 28 7.71 19.51 -17.71
C GLY F 28 6.56 18.66 -18.24
N ALA F 29 6.52 18.48 -19.56
CA ALA F 29 5.52 17.61 -20.19
C ALA F 29 5.74 16.09 -19.98
N ALA F 30 6.73 15.76 -19.15
CA ALA F 30 6.87 14.52 -18.43
C ALA F 30 6.32 14.59 -16.99
N VAL F 31 6.09 15.79 -16.46
CA VAL F 31 5.67 15.89 -15.06
C VAL F 31 4.20 16.24 -15.09
N TRP F 32 3.69 16.59 -16.27
CA TRP F 32 2.23 16.67 -16.44
C TRP F 32 1.50 15.31 -16.45
N PRO F 33 2.02 14.26 -17.16
CA PRO F 33 1.27 12.99 -17.03
C PRO F 33 1.26 12.35 -15.65
N LEU F 34 2.22 12.73 -14.83
CA LEU F 34 2.18 12.42 -13.41
C LEU F 34 0.98 13.08 -12.66
N ILE F 35 0.46 14.18 -13.19
CA ILE F 35 -0.69 14.83 -12.58
C ILE F 35 -2.00 14.18 -13.06
N ASN F 36 -2.05 13.92 -14.37
CA ASN F 36 -3.31 13.64 -15.04
C ASN F 36 -3.92 12.28 -14.66
N GLN F 37 -3.06 11.36 -14.17
CA GLN F 37 -3.42 9.99 -13.78
C GLN F 37 -4.46 9.96 -12.66
N MET F 38 -4.39 11.04 -11.84
CA MET F 38 -5.15 11.20 -10.62
C MET F 38 -6.54 11.71 -10.88
N ASN F 39 -6.82 12.04 -12.13
CA ASN F 39 -8.16 12.35 -12.55
C ASN F 39 -9.01 11.13 -12.74
N ALA F 40 -10.23 11.37 -13.20
CA ALA F 40 -11.23 10.32 -13.20
C ALA F 40 -10.89 9.48 -14.37
N SER F 41 -10.68 8.22 -14.01
CA SER F 41 -10.28 7.18 -14.93
C SER F 41 -11.56 6.67 -15.53
N ALA F 42 -11.47 5.84 -16.56
CA ALA F 42 -12.67 5.49 -17.34
C ALA F 42 -13.70 4.61 -16.64
N ASP F 43 -13.38 4.08 -15.46
CA ASP F 43 -14.35 3.30 -14.69
C ASP F 43 -15.40 4.15 -14.04
N VAL F 44 -15.14 5.46 -13.96
CA VAL F 44 -16.13 6.37 -13.44
C VAL F 44 -16.36 7.57 -14.34
N LYS F 45 -15.79 7.55 -15.55
CA LYS F 45 -15.76 8.69 -16.49
C LYS F 45 -17.12 9.21 -16.92
N ALA F 46 -18.03 8.28 -17.18
CA ALA F 46 -19.42 8.61 -17.37
C ALA F 46 -20.21 7.62 -16.54
N MET F 47 -21.46 7.98 -16.36
CA MET F 47 -22.50 7.20 -15.70
C MET F 47 -23.79 7.94 -16.09
N ALA F 48 -24.65 7.28 -16.88
CA ALA F 48 -25.89 7.90 -17.36
C ALA F 48 -27.08 7.42 -16.54
N SER F 49 -28.27 7.97 -16.87
CA SER F 49 -29.53 7.98 -16.07
C SER F 49 -30.00 6.68 -15.50
N ILE F 50 -30.82 6.75 -14.46
CA ILE F 50 -31.49 5.58 -13.88
C ILE F 50 -33.01 5.79 -13.71
N PHE F 51 -33.74 4.67 -13.56
CA PHE F 51 -35.19 4.73 -13.40
C PHE F 51 -35.59 4.38 -11.97
N VAL F 52 -36.47 5.20 -11.39
CA VAL F 52 -36.90 5.02 -9.99
C VAL F 52 -38.39 4.72 -9.91
N ASP F 53 -38.70 3.50 -9.48
CA ASP F 53 -40.08 3.09 -9.31
C ASP F 53 -40.62 3.64 -8.00
N VAL F 54 -41.15 4.89 -8.06
CA VAL F 54 -41.77 5.56 -6.91
C VAL F 54 -42.98 4.79 -6.47
N SER F 55 -44.00 4.75 -7.36
CA SER F 55 -45.27 3.98 -7.29
C SER F 55 -45.88 3.69 -5.87
N ALA F 56 -45.07 3.05 -5.00
CA ALA F 56 -45.36 2.61 -3.62
C ALA F 56 -44.55 3.30 -2.48
N VAL F 57 -44.16 4.57 -2.67
CA VAL F 57 -43.65 5.38 -1.54
C VAL F 57 -44.85 5.99 -0.76
N GLU F 58 -44.79 6.01 0.59
CA GLU F 58 -45.91 6.57 1.36
C GLU F 58 -45.78 8.09 1.41
N VAL F 59 -46.82 8.77 1.91
CA VAL F 59 -46.93 10.22 1.80
C VAL F 59 -46.27 10.92 2.99
N GLY F 60 -45.57 12.02 2.69
CA GLY F 60 -45.03 12.87 3.74
C GLY F 60 -43.75 12.34 4.35
N THR F 61 -43.08 11.45 3.63
CA THR F 61 -41.71 11.06 3.98
C THR F 61 -40.77 11.29 2.79
N GLN F 62 -39.48 11.07 3.04
CA GLN F 62 -38.48 11.11 1.98
C GLN F 62 -37.94 9.71 1.63
N LEU F 63 -37.63 9.54 0.36
CA LEU F 63 -36.92 8.34 -0.09
C LEU F 63 -35.50 8.69 -0.62
N THR F 64 -34.45 8.19 0.06
CA THR F 64 -33.06 8.45 -0.33
C THR F 64 -32.53 7.33 -1.24
N VAL F 65 -31.71 7.74 -2.20
CA VAL F 65 -31.41 6.93 -3.37
C VAL F 65 -29.98 7.31 -3.90
N LYS F 66 -29.12 6.32 -4.14
CA LYS F 66 -27.78 6.63 -4.64
C LYS F 66 -27.80 6.75 -6.18
N TRP F 67 -27.19 7.80 -6.71
CA TRP F 67 -26.98 7.96 -8.15
C TRP F 67 -25.76 8.85 -8.31
N ARG F 68 -24.81 8.41 -9.14
CA ARG F 68 -23.51 9.05 -9.39
C ARG F 68 -22.75 9.41 -8.08
N GLY F 69 -22.55 8.39 -7.26
CA GLY F 69 -21.70 8.44 -6.10
C GLY F 69 -22.38 8.78 -4.81
N LYS F 70 -23.28 9.77 -4.89
CA LYS F 70 -23.77 10.50 -3.72
C LYS F 70 -25.32 10.57 -3.76
N PRO F 71 -25.99 10.64 -2.58
CA PRO F 71 -27.43 10.38 -2.54
C PRO F 71 -28.28 11.39 -3.27
N VAL F 72 -29.46 10.94 -3.71
CA VAL F 72 -30.56 11.81 -4.17
C VAL F 72 -31.74 11.69 -3.22
N PHE F 73 -32.42 12.82 -3.07
CA PHE F 73 -33.53 12.96 -2.17
C PHE F 73 -34.81 12.94 -2.95
N ILE F 74 -35.78 12.13 -2.53
CA ILE F 74 -37.18 12.34 -2.95
C ILE F 74 -38.18 12.37 -1.79
N ARG F 75 -38.62 13.58 -1.45
CA ARG F 75 -39.70 13.80 -0.48
C ARG F 75 -40.96 14.17 -1.21
N ARG F 76 -42.04 13.45 -0.90
CA ARG F 76 -43.41 13.78 -1.33
C ARG F 76 -44.03 14.72 -0.32
N ARG F 77 -44.11 16.01 -0.67
CA ARG F 77 -44.30 17.11 0.28
C ARG F 77 -45.70 17.13 0.89
N ASP F 78 -45.77 16.96 2.21
CA ASP F 78 -47.06 16.93 2.91
C ASP F 78 -47.55 18.38 3.09
N GLU F 79 -48.76 18.53 3.66
CA GLU F 79 -49.52 19.77 3.64
C GLU F 79 -48.80 20.96 4.27
N LYS F 80 -48.27 20.73 5.48
CA LYS F 80 -47.46 21.71 6.24
C LYS F 80 -46.28 22.25 5.41
N ASP F 81 -45.62 21.31 4.73
CA ASP F 81 -44.41 21.54 3.97
C ASP F 81 -44.61 22.12 2.57
N ILE F 82 -45.85 22.45 2.18
CA ILE F 82 -46.09 23.21 0.94
C ILE F 82 -46.69 24.59 1.27
N GLU F 83 -47.41 24.65 2.39
CA GLU F 83 -47.89 25.92 2.90
C GLU F 83 -46.67 26.71 3.32
N LEU F 84 -45.83 26.11 4.16
CA LEU F 84 -44.71 26.82 4.76
C LEU F 84 -43.53 26.88 3.82
N ALA F 85 -43.65 26.22 2.68
CA ALA F 85 -42.72 26.43 1.62
C ALA F 85 -43.18 27.47 0.60
N ARG F 86 -44.49 27.67 0.48
CA ARG F 86 -44.96 28.77 -0.37
C ARG F 86 -44.96 30.14 0.36
N SER F 87 -44.88 30.08 1.70
CA SER F 87 -45.00 31.24 2.60
C SER F 87 -43.69 32.02 2.77
N VAL F 88 -42.86 31.85 1.74
CA VAL F 88 -41.48 32.24 1.72
C VAL F 88 -41.25 33.35 0.69
N PRO F 89 -40.96 34.58 1.21
CA PRO F 89 -40.50 35.72 0.39
C PRO F 89 -39.24 35.40 -0.42
N LEU F 90 -39.32 35.55 -1.74
CA LEU F 90 -38.19 35.25 -2.65
C LEU F 90 -36.95 36.06 -2.31
N GLY F 91 -37.13 37.33 -1.93
CA GLY F 91 -36.03 38.17 -1.50
C GLY F 91 -35.44 37.82 -0.13
N ALA F 92 -36.07 36.95 0.65
CA ALA F 92 -35.46 36.48 1.91
C ALA F 92 -34.74 35.09 1.76
N LEU F 93 -34.17 34.87 0.57
CA LEU F 93 -33.33 33.71 0.25
C LEU F 93 -31.90 34.14 -0.10
N ARG F 94 -30.90 33.35 0.31
CA ARG F 94 -29.51 33.59 -0.10
C ARG F 94 -29.36 33.42 -1.60
N ASP F 95 -29.23 32.17 -1.97
CA ASP F 95 -29.31 31.77 -3.35
C ASP F 95 -30.78 31.99 -3.73
N THR F 96 -30.98 32.83 -4.74
CA THR F 96 -32.32 33.11 -5.28
C THR F 96 -32.45 32.55 -6.70
N SER F 97 -31.55 31.64 -7.07
CA SER F 97 -31.68 30.86 -8.31
C SER F 97 -32.48 29.62 -7.92
N ALA F 98 -33.16 29.02 -8.90
CA ALA F 98 -34.07 27.90 -8.64
C ALA F 98 -33.34 26.66 -8.19
N GLU F 99 -32.04 26.63 -8.53
CA GLU F 99 -31.15 25.47 -8.52
C GLU F 99 -31.88 24.35 -9.22
N ASN F 100 -32.20 24.59 -10.48
CA ASN F 100 -32.85 23.58 -11.26
C ASN F 100 -32.23 23.56 -12.63
N ALA F 101 -32.09 22.34 -13.15
CA ALA F 101 -31.61 22.10 -14.49
C ALA F 101 -32.78 22.01 -15.45
N ASN F 102 -33.91 21.50 -14.94
CA ASN F 102 -35.18 21.41 -15.67
C ASN F 102 -35.70 22.78 -16.06
N LYS F 103 -35.69 23.65 -15.07
CA LYS F 103 -36.06 25.04 -15.24
C LYS F 103 -34.82 25.88 -14.94
N PRO F 104 -33.88 25.99 -15.92
CA PRO F 104 -32.56 26.60 -15.76
C PRO F 104 -32.57 28.01 -15.15
N GLY F 105 -32.87 29.04 -15.94
CA GLY F 105 -32.77 30.41 -15.46
C GLY F 105 -33.71 30.88 -14.35
N ALA F 106 -34.63 30.01 -13.94
CA ALA F 106 -35.69 30.35 -12.99
C ALA F 106 -35.17 30.72 -11.61
N GLU F 107 -36.03 31.37 -10.85
CA GLU F 107 -35.67 31.81 -9.51
C GLU F 107 -36.38 30.91 -8.52
N ALA F 108 -35.97 31.02 -7.26
CA ALA F 108 -36.23 29.96 -6.29
C ALA F 108 -37.60 29.99 -5.68
N THR F 109 -38.62 30.11 -6.51
CA THR F 109 -39.99 30.04 -6.03
C THR F 109 -40.29 28.58 -5.83
N ASP F 110 -41.25 28.32 -4.95
CA ASP F 110 -41.78 26.98 -4.63
C ASP F 110 -42.44 26.17 -5.79
N GLU F 111 -42.57 26.83 -6.94
CA GLU F 111 -43.06 26.26 -8.16
C GLU F 111 -41.89 25.94 -9.09
N ASN F 112 -40.69 26.33 -8.67
CA ASN F 112 -39.49 26.02 -9.45
C ASN F 112 -38.64 24.96 -8.78
N ARG F 113 -39.12 24.51 -7.62
CA ARG F 113 -38.50 23.41 -6.89
C ARG F 113 -39.36 22.16 -7.05
N THR F 114 -39.80 21.89 -8.28
CA THR F 114 -40.82 20.84 -8.48
C THR F 114 -40.85 20.14 -9.84
N LEU F 115 -41.41 18.91 -9.82
CA LEU F 115 -41.60 18.05 -11.00
C LEU F 115 -43.12 17.98 -11.30
N PRO F 116 -43.49 18.00 -12.60
CA PRO F 116 -44.88 17.70 -12.99
C PRO F 116 -45.17 16.19 -12.93
N ALA F 117 -46.39 15.77 -12.58
CA ALA F 117 -46.63 14.35 -12.27
C ALA F 117 -47.04 13.44 -13.47
N PHE F 118 -48.09 13.76 -14.25
CA PHE F 118 -48.39 12.85 -15.37
C PHE F 118 -47.35 13.01 -16.49
N ASP F 119 -47.22 14.27 -16.87
CA ASP F 119 -46.08 14.96 -17.48
C ASP F 119 -46.33 16.49 -17.52
N GLY F 120 -47.39 16.97 -16.87
CA GLY F 120 -47.78 18.38 -16.93
C GLY F 120 -48.57 19.07 -15.81
N THR F 121 -49.04 18.34 -14.80
CA THR F 121 -49.87 18.93 -13.73
C THR F 121 -49.15 19.93 -12.79
N ASN F 122 -48.12 19.46 -12.06
CA ASN F 122 -47.27 20.23 -11.13
C ASN F 122 -48.08 20.89 -9.99
N THR F 123 -48.06 20.26 -8.82
CA THR F 123 -48.88 20.75 -7.71
C THR F 123 -48.11 21.21 -6.48
N GLY F 124 -46.78 21.11 -6.50
CA GLY F 124 -46.01 21.34 -5.28
C GLY F 124 -45.70 20.08 -4.50
N GLU F 125 -46.06 18.94 -5.09
CA GLU F 125 -46.09 17.62 -4.45
C GLU F 125 -44.82 16.78 -4.73
N TRP F 126 -44.09 17.17 -5.77
CA TRP F 126 -42.86 16.47 -6.09
C TRP F 126 -41.60 17.28 -5.83
N LEU F 127 -40.92 16.93 -4.74
CA LEU F 127 -39.67 17.55 -4.37
C LEU F 127 -38.55 16.55 -4.60
N VAL F 128 -37.78 16.79 -5.67
CA VAL F 128 -36.58 16.01 -5.98
C VAL F 128 -35.31 16.91 -6.10
N MET F 129 -34.50 16.94 -5.06
CA MET F 129 -33.18 17.55 -5.10
C MET F 129 -32.18 16.43 -4.71
N LEU F 130 -30.88 16.73 -4.68
CA LEU F 130 -29.91 15.70 -4.31
C LEU F 130 -29.15 16.00 -3.02
N GLY F 131 -28.96 14.94 -2.23
CA GLY F 131 -28.42 14.94 -0.87
C GLY F 131 -27.07 15.55 -0.51
N VAL F 132 -26.39 16.06 -1.52
CA VAL F 132 -25.20 16.89 -1.31
C VAL F 132 -25.60 18.36 -0.92
N CYS F 133 -25.40 18.66 0.39
CA CYS F 133 -25.47 19.99 0.99
C CYS F 133 -24.42 20.92 0.35
N THR F 134 -24.70 22.21 0.29
CA THR F 134 -23.83 23.07 -0.53
C THR F 134 -22.62 23.65 0.19
N HIS F 135 -22.54 23.40 1.50
CA HIS F 135 -21.40 23.87 2.25
C HIS F 135 -20.16 23.03 1.91
N LEU F 136 -20.11 21.80 2.44
CA LEU F 136 -18.99 20.89 2.19
C LEU F 136 -19.44 19.44 1.89
N GLY F 137 -20.72 19.29 1.55
CA GLY F 137 -21.19 18.11 0.86
C GLY F 137 -21.80 16.94 1.64
N CYS F 138 -21.93 17.11 2.94
CA CYS F 138 -22.58 16.10 3.78
C CYS F 138 -24.05 15.80 3.49
N VAL F 139 -24.65 14.93 4.30
CA VAL F 139 -26.08 14.73 4.16
C VAL F 139 -26.86 15.42 5.31
N PRO F 140 -27.98 16.10 4.92
CA PRO F 140 -29.02 16.60 5.84
C PRO F 140 -29.96 15.52 6.47
N MET F 141 -30.01 15.46 7.82
CA MET F 141 -31.20 14.94 8.53
C MET F 141 -32.49 15.48 7.94
N GLY F 142 -33.43 14.60 7.68
CA GLY F 142 -34.72 15.02 7.17
C GLY F 142 -35.83 15.09 8.19
N ASP F 143 -37.05 14.84 7.68
CA ASP F 143 -38.37 14.87 8.35
C ASP F 143 -38.50 15.96 9.41
N LYS F 144 -38.43 17.21 8.90
CA LYS F 144 -38.58 18.43 9.68
C LYS F 144 -37.58 18.43 10.83
N SER F 145 -36.34 18.70 10.52
CA SER F 145 -35.38 18.75 11.59
C SER F 145 -34.64 20.08 11.54
N GLY F 146 -33.99 20.37 12.66
CA GLY F 146 -33.51 21.69 12.87
C GLY F 146 -34.65 22.71 12.96
N ASP F 147 -34.48 23.82 12.25
CA ASP F 147 -35.17 25.05 12.62
C ASP F 147 -36.01 25.66 11.51
N PHE F 148 -36.16 25.04 10.36
CA PHE F 148 -36.99 25.65 9.33
C PHE F 148 -37.95 24.68 8.71
N GLY F 149 -38.32 23.68 9.53
CA GLY F 149 -39.31 22.66 9.20
C GLY F 149 -38.88 21.87 7.99
N GLY F 150 -37.56 21.64 7.97
CA GLY F 150 -36.89 21.12 6.80
C GLY F 150 -35.78 20.14 7.12
N TRP F 151 -34.54 20.63 6.98
CA TRP F 151 -33.34 19.79 6.87
C TRP F 151 -32.06 20.30 7.56
N PHE F 152 -31.50 19.51 8.46
CA PHE F 152 -30.35 19.97 9.24
C PHE F 152 -29.08 19.17 8.97
N CYS F 153 -28.15 19.68 8.16
CA CYS F 153 -26.85 19.00 7.94
C CYS F 153 -25.97 19.21 9.18
N PRO F 154 -25.66 18.16 9.92
CA PRO F 154 -25.01 18.42 11.22
C PRO F 154 -23.48 18.67 11.13
N CYS F 155 -23.00 18.88 9.91
CA CYS F 155 -21.57 18.90 9.62
C CYS F 155 -21.05 20.25 9.98
N HIS F 156 -21.34 21.30 9.21
CA HIS F 156 -21.20 22.59 9.92
C HIS F 156 -22.51 23.45 10.11
N GLY F 157 -23.59 22.74 10.43
CA GLY F 157 -24.85 23.31 10.87
C GLY F 157 -25.65 24.13 9.88
N SER F 158 -25.67 23.78 8.61
CA SER F 158 -26.58 24.49 7.69
C SER F 158 -28.09 24.10 7.89
N HIS F 159 -28.99 25.04 7.57
CA HIS F 159 -30.45 24.83 7.71
C HIS F 159 -31.22 25.11 6.41
N TYR F 160 -32.17 24.22 6.09
CA TYR F 160 -32.89 24.27 4.80
C TYR F 160 -34.41 24.41 5.01
N ASP F 161 -35.14 25.09 4.13
CA ASP F 161 -36.60 25.12 4.31
C ASP F 161 -37.28 23.80 3.82
N SER F 162 -38.53 23.91 3.39
CA SER F 162 -39.21 22.75 2.90
C SER F 162 -39.38 22.88 1.40
N ALA F 163 -38.34 23.37 0.74
CA ALA F 163 -38.19 23.30 -0.72
C ALA F 163 -36.71 23.11 -1.02
N GLY F 164 -35.98 22.68 0.01
CA GLY F 164 -34.53 22.67 0.01
C GLY F 164 -33.78 23.98 -0.22
N ARG F 165 -34.43 25.11 0.01
CA ARG F 165 -33.72 26.35 -0.18
C ARG F 165 -32.89 26.62 1.08
N ILE F 166 -31.84 27.43 0.95
CA ILE F 166 -30.95 27.66 2.08
C ILE F 166 -31.34 28.87 3.01
N ARG F 167 -31.34 28.60 4.32
CA ARG F 167 -31.60 29.58 5.37
C ARG F 167 -30.40 29.99 6.24
N LYS F 168 -30.18 29.22 7.31
CA LYS F 168 -29.08 29.42 8.27
C LYS F 168 -27.82 28.56 7.92
N GLY F 169 -26.65 28.97 8.44
CA GLY F 169 -25.42 28.20 8.29
C GLY F 169 -24.39 28.79 7.32
N PRO F 170 -23.46 27.94 6.80
CA PRO F 170 -22.51 28.51 5.84
C PRO F 170 -22.75 28.12 4.36
N ALA F 171 -23.72 27.25 4.12
CA ALA F 171 -23.97 26.69 2.78
C ALA F 171 -24.40 27.72 1.76
N PRO F 172 -23.55 28.10 0.79
CA PRO F 172 -23.92 29.29 0.02
C PRO F 172 -25.05 29.11 -1.03
N ARG F 173 -25.38 27.89 -1.42
CA ARG F 173 -26.48 27.76 -2.39
C ARG F 173 -27.61 26.83 -1.91
N ASN F 174 -28.78 26.86 -2.55
CA ASN F 174 -29.83 25.85 -2.26
C ASN F 174 -29.38 24.49 -2.81
N LEU F 175 -30.09 23.43 -2.41
CA LEU F 175 -29.98 22.10 -2.99
C LEU F 175 -30.35 22.06 -4.47
N ASP F 176 -29.48 21.47 -5.32
CA ASP F 176 -29.67 21.50 -6.78
C ASP F 176 -30.79 20.56 -7.14
N ILE F 177 -31.66 20.95 -8.06
CA ILE F 177 -32.64 20.00 -8.56
C ILE F 177 -32.02 19.48 -9.85
N PRO F 178 -31.93 18.12 -9.97
CA PRO F 178 -31.19 17.51 -11.10
C PRO F 178 -31.91 17.56 -12.43
N VAL F 179 -31.66 16.59 -13.30
CA VAL F 179 -32.39 16.60 -14.55
C VAL F 179 -33.46 15.52 -14.52
N ALA F 180 -34.25 15.54 -13.45
CA ALA F 180 -35.39 14.64 -13.26
C ALA F 180 -36.54 14.81 -14.30
N ALA F 181 -37.17 13.70 -14.66
CA ALA F 181 -38.29 13.65 -15.62
C ALA F 181 -39.14 12.36 -15.44
N PHE F 182 -40.47 12.45 -15.57
CA PHE F 182 -41.36 11.28 -15.40
C PHE F 182 -41.45 10.41 -16.66
N VAL F 183 -41.90 9.17 -16.56
CA VAL F 183 -42.23 8.38 -17.77
C VAL F 183 -43.66 7.81 -17.72
N ASP F 184 -44.04 7.26 -16.58
CA ASP F 184 -45.44 7.05 -16.25
C ASP F 184 -45.53 7.19 -14.74
N GLU F 185 -46.68 6.89 -14.16
CA GLU F 185 -46.96 7.33 -12.79
C GLU F 185 -46.31 6.47 -11.73
N THR F 186 -45.76 5.37 -12.20
CA THR F 186 -45.03 4.48 -11.36
C THR F 186 -43.56 4.89 -11.38
N THR F 187 -43.12 5.64 -12.39
CA THR F 187 -41.66 5.77 -12.64
C THR F 187 -41.07 7.19 -12.95
N ILE F 188 -39.89 7.49 -12.36
CA ILE F 188 -39.12 8.72 -12.66
C ILE F 188 -37.73 8.44 -13.26
N LYS F 189 -37.43 9.05 -14.41
CA LYS F 189 -36.08 8.98 -15.00
C LYS F 189 -35.18 10.16 -14.60
N LEU F 190 -34.04 9.87 -13.96
CA LEU F 190 -33.06 10.90 -13.61
C LEU F 190 -32.17 11.27 -14.80
N GLY F 191 -32.79 11.86 -15.82
CA GLY F 191 -32.14 12.19 -17.08
C GLY F 191 -33.15 12.64 -18.13
#